data_1HHZ
# 
_entry.id   1HHZ 
# 
_audit_conform.dict_name       mmcif_pdbx.dic 
_audit_conform.dict_version    5.403 
_audit_conform.dict_location   http://mmcif.pdb.org/dictionaries/ascii/mmcif_pdbx.dic 
# 
loop_
_database_2.database_id 
_database_2.database_code 
_database_2.pdbx_database_accession 
_database_2.pdbx_DOI 
PDB   1HHZ         pdb_00001hhz 10.2210/pdb1hhz/pdb 
PDBE  EBI-5734     ?            ?                   
WWPDB D_1290005734 ?            ?                   
# 
loop_
_pdbx_audit_revision_history.ordinal 
_pdbx_audit_revision_history.data_content_type 
_pdbx_audit_revision_history.major_revision 
_pdbx_audit_revision_history.minor_revision 
_pdbx_audit_revision_history.revision_date 
_pdbx_audit_revision_history.part_number 
1  'Structure model' 1 0 2003-09-05 ? 
2  'Structure model' 1 1 2011-07-13 ? 
3  'Structure model' 1 2 2012-07-25 ? 
4  'Structure model' 1 3 2012-11-30 ? 
5  'Structure model' 2 0 2019-04-24 ? 
6  'Structure model' 2 1 2019-07-10 ? 
7  'Structure model' 2 2 2019-07-24 ? 
8  'Structure model' 2 3 2019-10-09 ? 
9  'Structure model' 2 4 2020-07-29 ? 
10 'Structure model' 2 5 2025-04-09 ? 
# 
loop_
_pdbx_audit_revision_details.ordinal 
_pdbx_audit_revision_details.revision_ordinal 
_pdbx_audit_revision_details.data_content_type 
_pdbx_audit_revision_details.provider 
_pdbx_audit_revision_details.type 
_pdbx_audit_revision_details.description 
_pdbx_audit_revision_details.details 
1 1 'Structure model' repository 'Initial release' ?                          ? 
2 9 'Structure model' repository Remediation       'Carbohydrate remediation' ? 
# 
loop_
_pdbx_audit_revision_group.ordinal 
_pdbx_audit_revision_group.revision_ordinal 
_pdbx_audit_revision_group.data_content_type 
_pdbx_audit_revision_group.group 
1  2  'Structure model' 'Atomic model'              
2  2  'Structure model' 'Database references'       
3  2  'Structure model' 'Derived calculations'      
4  2  'Structure model' 'Structure summary'         
5  2  'Structure model' 'Version format compliance' 
6  3  'Structure model' 'Atomic model'              
7  3  'Structure model' 'Derived calculations'      
8  3  'Structure model' 'Non-polymer description'   
9  3  'Structure model' Other                       
10 4  'Structure model' Other                       
11 5  'Structure model' Advisory                    
12 5  'Structure model' 'Data collection'           
13 5  'Structure model' 'Derived calculations'      
14 5  'Structure model' Other                       
15 5  'Structure model' 'Polymer sequence'          
16 6  'Structure model' 'Data collection'           
17 7  'Structure model' 'Data collection'           
18 8  'Structure model' 'Data collection'           
19 8  'Structure model' Other                       
20 8  'Structure model' 'Source and taxonomy'       
21 9  'Structure model' Advisory                    
22 9  'Structure model' 'Data collection'           
23 9  'Structure model' 'Derived calculations'      
24 10 'Structure model' 'Data collection'           
25 10 'Structure model' 'Database references'       
26 10 'Structure model' 'Derived calculations'      
27 10 'Structure model' 'Structure summary'         
# 
loop_
_pdbx_audit_revision_category.ordinal 
_pdbx_audit_revision_category.revision_ordinal 
_pdbx_audit_revision_category.data_content_type 
_pdbx_audit_revision_category.category 
1  5  'Structure model' chem_comp                     
2  5  'Structure model' diffrn_source                 
3  5  'Structure model' entity_poly                   
4  5  'Structure model' pdbx_database_proc            
5  5  'Structure model' pdbx_database_status          
6  5  'Structure model' pdbx_seq_map_depositor_info   
7  5  'Structure model' pdbx_validate_polymer_linkage 
8  5  'Structure model' struct_conn                   
9  6  'Structure model' diffrn_source                 
10 7  'Structure model' chem_comp                     
11 7  'Structure model' diffrn_source                 
12 8  'Structure model' pdbx_database_status          
13 8  'Structure model' pdbx_entity_src_syn           
14 9  'Structure model' chem_comp                     
15 9  'Structure model' database_PDB_caveat           
16 9  'Structure model' struct_conn                   
17 9  'Structure model' struct_site                   
18 9  'Structure model' struct_site_gen               
19 10 'Structure model' chem_comp_atom                
20 10 'Structure model' chem_comp_bond                
21 10 'Structure model' database_2                    
22 10 'Structure model' pdbx_entry_details            
23 10 'Structure model' pdbx_modification_feature     
24 10 'Structure model' struct_conn                   
# 
loop_
_pdbx_audit_revision_item.ordinal 
_pdbx_audit_revision_item.revision_ordinal 
_pdbx_audit_revision_item.data_content_type 
_pdbx_audit_revision_item.item 
1  5  'Structure model' '_chem_comp.type'                              
2  5  'Structure model' '_diffrn_source.pdbx_synchrotron_site'         
3  5  'Structure model' '_entity_poly.pdbx_seq_one_letter_code_can'    
4  5  'Structure model' '_pdbx_database_status.recvd_author_approval'  
5  5  'Structure model' '_pdbx_seq_map_depositor_info.one_letter_code' 
6  5  'Structure model' '_struct_conn.pdbx_leaving_atom_flag'          
7  6  'Structure model' '_diffrn_source.pdbx_synchrotron_site'         
8  7  'Structure model' '_chem_comp.type'                              
9  7  'Structure model' '_diffrn_source.pdbx_synchrotron_site'         
10 8  'Structure model' '_pdbx_database_status.status_code_sf'         
11 9  'Structure model' '_chem_comp.type'                              
12 9  'Structure model' '_struct_conn.pdbx_dist_value'                 
13 9  'Structure model' '_struct_conn.pdbx_leaving_atom_flag'          
14 9  'Structure model' '_struct_conn.ptnr1_label_atom_id'             
15 9  'Structure model' '_struct_conn.ptnr2_auth_comp_id'              
16 9  'Structure model' '_struct_conn.ptnr2_auth_seq_id'               
17 9  'Structure model' '_struct_conn.ptnr2_label_asym_id'             
18 9  'Structure model' '_struct_conn.ptnr2_label_atom_id'             
19 9  'Structure model' '_struct_conn.ptnr2_label_comp_id'             
20 9  'Structure model' '_struct_conn.ptnr2_label_seq_id'              
21 10 'Structure model' '_database_2.pdbx_DOI'                         
22 10 'Structure model' '_database_2.pdbx_database_accession'          
23 10 'Structure model' '_pdbx_entry_details.has_protein_modification' 
24 10 'Structure model' '_struct_conn.pdbx_leaving_atom_flag'          
# 
loop_
_database_PDB_caveat.id 
_database_PDB_caveat.text 
1 'DAL E 1 HAS WRONG CHIRALITY AT ATOM CA'                        
2 'DAL E    1  C-ALPHA WRONG HAND DAL E    1  C-ALPHA WRONG HAND' 
# 
_pdbx_database_status.status_code                     REL 
_pdbx_database_status.entry_id                        1HHZ 
_pdbx_database_status.deposit_site                    PDBE 
_pdbx_database_status.process_site                    PDBE 
_pdbx_database_status.SG_entry                        . 
_pdbx_database_status.recvd_initial_deposition_date   2000-12-29 
_pdbx_database_status.pdb_format_compatible           Y 
_pdbx_database_status.status_code_sf                  REL 
_pdbx_database_status.status_code_mr                  ? 
_pdbx_database_status.status_code_cs                  ? 
_pdbx_database_status.methods_development_category    ? 
_pdbx_database_status.status_code_nmr_data            ? 
# 
loop_
_pdbx_database_related.db_name 
_pdbx_database_related.db_id 
_pdbx_database_related.content_type 
_pdbx_database_related.details 
PDB 1GO6 unspecified 'CRYSTAL STRUCTURE OF BALHIMYCIN COMPLEXED WITH THE PEPTIDE LYS-DAL-DAL' 
PDB 1HHY unspecified 'CRYSTAL STRUCURE OF DEGLUCOBALHIMYCIN COMPLEXED WITH DAL-DAL'           
PDB 1HHU unspecified 'CRYSTAL STRUCTURE OF BALHIMYCIN COMPLEXED WITH DAL-DAL'                 
# 
loop_
_audit_author.name 
_audit_author.pdbx_ordinal 
'Lehmann, C.'     1 
'Bunkoczi, G.'    2 
'Sheldrick, G.M.' 3 
'Vertesy, L.'     4 
# 
_citation.id                        primary 
_citation.title                     
'Structures of Glycopeptide Antibiotics with Peptides that Model Bacterial Cell-Wall Precursors' 
_citation.journal_abbrev            J.Mol.Biol. 
_citation.journal_volume            318 
_citation.page_first                723 
_citation.page_last                 ? 
_citation.year                      2002 
_citation.journal_id_ASTM           JMOBAK 
_citation.country                   UK 
_citation.journal_id_ISSN           0022-2836 
_citation.journal_id_CSD            0070 
_citation.book_publisher            ? 
_citation.pdbx_database_id_PubMed   12054818 
_citation.pdbx_database_id_DOI      '10.1016/S0022-2836(02)00146-8' 
# 
loop_
_citation_author.citation_id 
_citation_author.name 
_citation_author.ordinal 
_citation_author.identifier_ORCID 
primary 'Lehmann, C.'     1 ? 
primary 'Bunkoczi, G.'    2 ? 
primary 'Vertesy, L.'     3 ? 
primary 'Sheldrick, G.M.' 4 ? 
# 
loop_
_entity.id 
_entity.type 
_entity.src_method 
_entity.pdbx_description 
_entity.formula_weight 
_entity.pdbx_number_of_molecules 
_entity.pdbx_ec 
_entity.pdbx_mutation 
_entity.pdbx_fragment 
_entity.details 
1 polymer     syn DEGLUCOBALHIMYCIN                                    1149.977 3  ? ? ? ? 
2 polymer     syn 'CELL WALL PEPTIDE'                                  489.542  3  ? ? ? ? 
3 non-polymer man '(2R,4S,6S)-4-azanyl-4,6-dimethyl-oxane-2,5,5-triol' 177.198  3  ? ? ? ? 
4 non-polymer syn R-1,2-PROPANEDIOL                                    76.094   4  ? ? ? ? 
5 water       nat water                                                18.015   95 ? ? ? ? 
# 
loop_
_entity_poly.entity_id 
_entity_poly.type 
_entity_poly.nstd_linkage 
_entity_poly.nstd_monomer 
_entity_poly.pdbx_seq_one_letter_code 
_entity_poly.pdbx_seq_one_letter_code_can 
_entity_poly.pdbx_strand_id 
_entity_poly.pdbx_target_identifier 
1 'polypeptide(L)' no yes '(MLU)(OMZ)N(GHP)(GHP)(OMY)(3FG)' XXNGGYX A,B,C ? 
2 'polypeptide(L)' no yes '(DAL)(FGA)K(DAL)(DAL)'           AEKAA   D,E,F ? 
# 
loop_
_pdbx_entity_nonpoly.entity_id 
_pdbx_entity_nonpoly.name 
_pdbx_entity_nonpoly.comp_id 
3 '(2R,4S,6S)-4-azanyl-4,6-dimethyl-oxane-2,5,5-triol' DVC 
4 R-1,2-PROPANEDIOL                                    PGR 
5 water                                                HOH 
# 
loop_
_entity_poly_seq.entity_id 
_entity_poly_seq.num 
_entity_poly_seq.mon_id 
_entity_poly_seq.hetero 
1 1 MLU n 
1 2 OMZ n 
1 3 ASN n 
1 4 GHP n 
1 5 GHP n 
1 6 OMY n 
1 7 3FG n 
2 1 DAL n 
2 2 FGA n 
2 3 LYS n 
2 4 DAL n 
2 5 DAL n 
# 
loop_
_pdbx_entity_src_syn.entity_id 
_pdbx_entity_src_syn.pdbx_src_id 
_pdbx_entity_src_syn.pdbx_alt_source_flag 
_pdbx_entity_src_syn.pdbx_beg_seq_num 
_pdbx_entity_src_syn.pdbx_end_seq_num 
_pdbx_entity_src_syn.organism_scientific 
_pdbx_entity_src_syn.organism_common_name 
_pdbx_entity_src_syn.ncbi_taxonomy_id 
_pdbx_entity_src_syn.details 
1 1 sample ? ? 'AMYCOLATOPSIS SP.'   ? 37632 ? 
2 1 sample ? ? 'synthetic construct' ? 32630 ? 
# 
loop_
_chem_comp.id 
_chem_comp.type 
_chem_comp.mon_nstd_flag 
_chem_comp.name 
_chem_comp.pdbx_synonyms 
_chem_comp.formula 
_chem_comp.formula_weight 
3FG 'L-peptide linking'                . '(2S)-amino(3,5-dihydroxyphenyl)ethanoic acid'       ?                 'C8 H9 N O4'     
183.161 
ASN 'L-peptide linking'                y ASPARAGINE                                           ?                 'C4 H8 N2 O3'    
132.118 
DAL 'D-peptide linking'                . D-ALANINE                                            ?                 'C3 H7 N O2'     
89.093  
DVC 'L-saccharide, alpha linking'      . '(2R,4S,6S)-4-azanyl-4,6-dimethyl-oxane-2,5,5-triol' ?                 'C7 H15 N O4'    
177.198 
FGA 'D-gamma-peptide, C-delta linking' . 'GAMMA-D-GLUTAMIC ACID'                              'D-GLUTAMIC ACID' 'C5 H9 N O4'     
147.129 
GHP 'D-peptide linking'                . '(2R)-amino(4-hydroxyphenyl)ethanoic acid'           ?                 'C8 H9 N O3'     
167.162 
HOH non-polymer                        . WATER                                                ?                 'H2 O'           
18.015  
LYS 'L-peptide linking'                y LYSINE                                               ?                 'C6 H15 N2 O2 1' 
147.195 
MLU 'D-peptide linking'                . N-methyl-D-leucine                                   ?                 'C7 H15 N O2'    
145.199 
OMY 'L-peptide linking'                n '(betaR)-3-chloro-beta-hydroxy-L-tyrosine'           ?                 'C9 H10 Cl N O4' 
231.633 
OMZ 'D-peptide linking'                . '(betaR)-3-CHLORO-BETA-HYDROXY-D-TYROSINE'           ?                 'C9 H10 Cl N O4' 
231.633 
PGR non-polymer                        . R-1,2-PROPANEDIOL                                    ?                 'C3 H8 O2'       
76.094  
# 
loop_
_pdbx_poly_seq_scheme.asym_id 
_pdbx_poly_seq_scheme.entity_id 
_pdbx_poly_seq_scheme.seq_id 
_pdbx_poly_seq_scheme.mon_id 
_pdbx_poly_seq_scheme.ndb_seq_num 
_pdbx_poly_seq_scheme.pdb_seq_num 
_pdbx_poly_seq_scheme.auth_seq_num 
_pdbx_poly_seq_scheme.pdb_mon_id 
_pdbx_poly_seq_scheme.auth_mon_id 
_pdbx_poly_seq_scheme.pdb_strand_id 
_pdbx_poly_seq_scheme.pdb_ins_code 
_pdbx_poly_seq_scheme.hetero 
A 1 1 MLU 1 1 1 MLU MLU A . n 
A 1 2 OMZ 2 2 2 OMZ OMZ A . n 
A 1 3 ASN 3 3 3 ASN ASN A . n 
A 1 4 GHP 4 4 4 GHP GHP A . n 
A 1 5 GHP 5 5 5 GHP GHP A . n 
A 1 6 OMY 6 6 6 OMY OMY A . n 
A 1 7 3FG 7 7 7 3FG 3FG A . n 
B 1 1 MLU 1 1 1 MLU MLU B . n 
B 1 2 OMZ 2 2 2 OMZ OMZ B . n 
B 1 3 ASN 3 3 3 ASN ASN B . n 
B 1 4 GHP 4 4 4 GHP GHP B . n 
B 1 5 GHP 5 5 5 GHP GHP B . n 
B 1 6 OMY 6 6 6 OMY OMY B . n 
B 1 7 3FG 7 7 7 3FG 3FG B . n 
C 1 1 MLU 1 1 1 MLU MLU C . n 
C 1 2 OMZ 2 2 2 OMZ OMZ C . n 
C 1 3 ASN 3 3 3 ASN ASN C . n 
C 1 4 GHP 4 4 4 GHP GHP C . n 
C 1 5 GHP 5 5 5 GHP GHP C . n 
C 1 6 OMY 6 6 6 OMY OMY C . n 
C 1 7 3FG 7 7 7 3FG 3FG C . n 
D 2 1 DAL 1 1 ? ?   ?   D . n 
D 2 2 FGA 2 2 2 FGA FGA D . n 
D 2 3 LYS 3 3 3 LYS LYS D . n 
D 2 4 DAL 4 4 4 DAL DAL D . n 
D 2 5 DAL 5 5 5 DAL DAL D . n 
E 2 1 DAL 1 1 1 DAL DAL E . n 
E 2 2 FGA 2 2 2 FGA FGA E . n 
E 2 3 LYS 3 3 3 LYS LYS E . n 
E 2 4 DAL 4 4 4 DAL DAL E . n 
E 2 5 DAL 5 5 5 DAL DAL E . n 
F 2 1 DAL 1 1 ? ?   ?   F . n 
F 2 2 FGA 2 2 2 FGA FGA F . n 
F 2 3 LYS 3 3 3 LYS LYS F . n 
F 2 4 DAL 4 4 4 DAL DAL F . n 
F 2 5 DAL 5 5 5 DAL DAL F . n 
# 
loop_
_pdbx_nonpoly_scheme.asym_id 
_pdbx_nonpoly_scheme.entity_id 
_pdbx_nonpoly_scheme.mon_id 
_pdbx_nonpoly_scheme.ndb_seq_num 
_pdbx_nonpoly_scheme.pdb_seq_num 
_pdbx_nonpoly_scheme.auth_seq_num 
_pdbx_nonpoly_scheme.pdb_mon_id 
_pdbx_nonpoly_scheme.auth_mon_id 
_pdbx_nonpoly_scheme.pdb_strand_id 
_pdbx_nonpoly_scheme.pdb_ins_code 
G 3 DVC 1  9    9    DVC DVC A . 
H 4 PGR 1  1001 1001 PGR PGR A . 
I 4 PGR 1  1002 1002 PGR PGR A . 
J 3 DVC 1  9    9    DVC DVC B . 
K 4 PGR 1  1001 1001 PGR PGR B . 
L 3 DVC 1  9    9    DVC DVC C . 
M 4 PGR 1  1001 1001 PGR PGR C . 
N 5 HOH 1  2001 2001 HOH HOH A . 
N 5 HOH 2  2002 2002 HOH HOH A . 
N 5 HOH 3  2003 2003 HOH HOH A . 
N 5 HOH 4  2004 2004 HOH HOH A . 
N 5 HOH 5  2005 2005 HOH HOH A . 
N 5 HOH 6  2006 2006 HOH HOH A . 
N 5 HOH 7  2007 2007 HOH HOH A . 
N 5 HOH 8  2008 2008 HOH HOH A . 
N 5 HOH 9  2009 2009 HOH HOH A . 
N 5 HOH 10 2010 2010 HOH HOH A . 
N 5 HOH 11 2011 2011 HOH HOH A . 
N 5 HOH 12 2012 2012 HOH HOH A . 
N 5 HOH 13 2013 2013 HOH HOH A . 
N 5 HOH 14 2014 2014 HOH HOH A . 
N 5 HOH 15 2015 2015 HOH HOH A . 
N 5 HOH 16 2016 2016 HOH HOH A . 
N 5 HOH 17 2017 2017 HOH HOH A . 
N 5 HOH 18 2018 2018 HOH HOH A . 
N 5 HOH 19 2019 2019 HOH HOH A . 
N 5 HOH 20 2020 2020 HOH HOH A . 
N 5 HOH 21 2021 2021 HOH HOH A . 
N 5 HOH 22 2022 2022 HOH HOH A . 
N 5 HOH 23 2023 2023 HOH HOH A . 
N 5 HOH 24 2024 2024 HOH HOH A . 
N 5 HOH 25 2025 2025 HOH HOH A . 
O 5 HOH 1  2001 2001 HOH HOH B . 
O 5 HOH 2  2002 2002 HOH HOH B . 
O 5 HOH 3  2003 2003 HOH HOH B . 
O 5 HOH 4  2004 2004 HOH HOH B . 
O 5 HOH 5  2005 2005 HOH HOH B . 
O 5 HOH 6  2006 2006 HOH HOH B . 
O 5 HOH 7  2007 2007 HOH HOH B . 
O 5 HOH 8  2008 2008 HOH HOH B . 
O 5 HOH 9  2009 2009 HOH HOH B . 
O 5 HOH 10 2010 2010 HOH HOH B . 
O 5 HOH 11 2011 2011 HOH HOH B . 
O 5 HOH 12 2012 2012 HOH HOH B . 
O 5 HOH 13 2013 2013 HOH HOH B . 
O 5 HOH 14 2014 2014 HOH HOH B . 
O 5 HOH 15 2015 2015 HOH HOH B . 
O 5 HOH 16 2016 2016 HOH HOH B . 
O 5 HOH 17 2017 2017 HOH HOH B . 
O 5 HOH 18 2018 2018 HOH HOH B . 
O 5 HOH 19 2019 2019 HOH HOH B . 
O 5 HOH 20 2020 2020 HOH HOH B . 
O 5 HOH 21 2021 2021 HOH HOH B . 
O 5 HOH 22 2022 2022 HOH HOH B . 
O 5 HOH 23 2023 2023 HOH HOH B . 
O 5 HOH 24 2024 2024 HOH HOH B . 
O 5 HOH 25 2025 2025 HOH HOH B . 
O 5 HOH 26 2026 2026 HOH HOH B . 
O 5 HOH 27 2027 2027 HOH HOH B . 
O 5 HOH 28 2028 2028 HOH HOH B . 
O 5 HOH 29 2029 2029 HOH HOH B . 
P 5 HOH 1  2001 2001 HOH HOH C . 
P 5 HOH 2  2002 2002 HOH HOH C . 
P 5 HOH 3  2003 2003 HOH HOH C . 
P 5 HOH 4  2004 2004 HOH HOH C . 
P 5 HOH 5  2005 2005 HOH HOH C . 
P 5 HOH 6  2006 2006 HOH HOH C . 
P 5 HOH 7  2007 2007 HOH HOH C . 
P 5 HOH 8  2008 2008 HOH HOH C . 
P 5 HOH 9  2009 2009 HOH HOH C . 
P 5 HOH 10 2010 2010 HOH HOH C . 
P 5 HOH 11 2011 2011 HOH HOH C . 
P 5 HOH 12 2012 2012 HOH HOH C . 
P 5 HOH 13 2013 2013 HOH HOH C . 
P 5 HOH 14 2014 2014 HOH HOH C . 
P 5 HOH 15 2015 2015 HOH HOH C . 
P 5 HOH 16 2016 2016 HOH HOH C . 
P 5 HOH 17 2017 2017 HOH HOH C . 
P 5 HOH 18 2018 2018 HOH HOH C . 
Q 5 HOH 1  2001 2001 HOH HOH D . 
Q 5 HOH 2  2002 2002 HOH HOH D . 
Q 5 HOH 3  2003 2003 HOH HOH D . 
Q 5 HOH 4  2004 2004 HOH HOH D . 
Q 5 HOH 5  2005 2005 HOH HOH D . 
Q 5 HOH 6  2006 2006 HOH HOH D . 
Q 5 HOH 7  2007 2007 HOH HOH D . 
Q 5 HOH 8  2008 2008 HOH HOH D . 
R 5 HOH 1  2001 2001 HOH HOH E . 
R 5 HOH 2  2002 2002 HOH HOH E . 
R 5 HOH 3  2003 2003 HOH HOH E . 
R 5 HOH 4  2004 2004 HOH HOH E . 
R 5 HOH 5  2005 2005 HOH HOH E . 
R 5 HOH 6  2006 2006 HOH HOH E . 
R 5 HOH 7  2007 2007 HOH HOH E . 
R 5 HOH 8  2008 2008 HOH HOH E . 
R 5 HOH 9  2009 2009 HOH HOH E . 
R 5 HOH 10 2010 2010 HOH HOH E . 
R 5 HOH 11 2011 2011 HOH HOH E . 
S 5 HOH 1  2001 2001 HOH HOH F . 
S 5 HOH 2  2002 2002 HOH HOH F . 
S 5 HOH 3  2003 2003 HOH HOH F . 
S 5 HOH 4  2004 2004 HOH HOH F . 
# 
loop_
_pdbx_unobs_or_zero_occ_atoms.id 
_pdbx_unobs_or_zero_occ_atoms.PDB_model_num 
_pdbx_unobs_or_zero_occ_atoms.polymer_flag 
_pdbx_unobs_or_zero_occ_atoms.occupancy_flag 
_pdbx_unobs_or_zero_occ_atoms.auth_asym_id 
_pdbx_unobs_or_zero_occ_atoms.auth_comp_id 
_pdbx_unobs_or_zero_occ_atoms.auth_seq_id 
_pdbx_unobs_or_zero_occ_atoms.PDB_ins_code 
_pdbx_unobs_or_zero_occ_atoms.auth_atom_id 
_pdbx_unobs_or_zero_occ_atoms.label_alt_id 
_pdbx_unobs_or_zero_occ_atoms.label_asym_id 
_pdbx_unobs_or_zero_occ_atoms.label_comp_id 
_pdbx_unobs_or_zero_occ_atoms.label_seq_id 
_pdbx_unobs_or_zero_occ_atoms.label_atom_id 
1  1 Y 1 D FGA 2 ? N  ? D FGA 2 N  
2  1 Y 1 D FGA 2 ? CA ? D FGA 2 CA 
3  1 Y 1 D FGA 2 ? C  ? D FGA 2 C  
4  1 Y 1 D FGA 2 ? O  ? D FGA 2 O  
5  1 Y 1 D FGA 2 ? CB ? D FGA 2 CB 
6  1 Y 1 D LYS 3 ? CD ? D LYS 3 CD 
7  1 Y 1 D LYS 3 ? CE ? D LYS 3 CE 
8  1 Y 1 D LYS 3 ? NZ ? D LYS 3 NZ 
9  1 Y 1 F FGA 2 ? C  ? F FGA 2 C  
10 1 Y 1 F FGA 2 ? O  ? F FGA 2 O  
# 
loop_
_software.name 
_software.classification 
_software.version 
_software.citation_id 
_software.pdbx_ordinal 
SHELXL-97 refinement       . ? 1 
DENZO     'data reduction' . ? 2 
SCALEPACK 'data scaling'   . ? 3 
SHELX     phasing          . ? 4 
# 
_cell.entry_id           1HHZ 
_cell.length_a           48.290 
_cell.length_b           48.290 
_cell.length_c           39.300 
_cell.angle_alpha        90.00 
_cell.angle_beta         90.00 
_cell.angle_gamma        120.00 
_cell.Z_PDB              18 
_cell.pdbx_unique_axis   ? 
# 
_symmetry.entry_id                         1HHZ 
_symmetry.space_group_name_H-M             'P 32 2 1' 
_symmetry.pdbx_full_space_group_name_H-M   ? 
_symmetry.cell_setting                     ? 
_symmetry.Int_Tables_number                154 
# 
_exptl.entry_id          1HHZ 
_exptl.method            'X-RAY DIFFRACTION' 
_exptl.crystals_number   1 
# 
_exptl_crystal.id                    1 
_exptl_crystal.density_meas          ? 
_exptl_crystal.density_Matthews      2.7 
_exptl_crystal.density_percent_sol   38.1 
_exptl_crystal.description           ? 
# 
_exptl_crystal_grow.crystal_id      1 
_exptl_crystal_grow.method          ? 
_exptl_crystal_grow.temp            ? 
_exptl_crystal_grow.temp_details    ? 
_exptl_crystal_grow.pH              7.00 
_exptl_crystal_grow.pdbx_pH_range   ? 
_exptl_crystal_grow.pdbx_details    '0.3M CIT, PH=7, 30% 1,2-PROPANEDIOL, pH 7.00' 
# 
_diffrn.id                     1 
_diffrn.ambient_temp           100.0 
_diffrn.ambient_temp_details   ? 
_diffrn.crystal_id             1 
# 
_diffrn_detector.diffrn_id              1 
_diffrn_detector.detector               'IMAGE PLATE' 
_diffrn_detector.type                   MARRESEARCH 
_diffrn_detector.pdbx_collection_date   1999-03-15 
_diffrn_detector.details                ? 
# 
_diffrn_radiation.diffrn_id                        1 
_diffrn_radiation.wavelength_id                    1 
_diffrn_radiation.pdbx_monochromatic_or_laue_m_l   M 
_diffrn_radiation.monochromator                    ? 
_diffrn_radiation.pdbx_diffrn_protocol             'SINGLE WAVELENGTH' 
_diffrn_radiation.pdbx_scattering_type             x-ray 
# 
_diffrn_radiation_wavelength.id           1 
_diffrn_radiation_wavelength.wavelength   0.9114 
_diffrn_radiation_wavelength.wt           1.0 
# 
_diffrn_source.diffrn_id                   1 
_diffrn_source.source                      SYNCHROTRON 
_diffrn_source.type                        'EMBL/DESY, HAMBURG BEAMLINE X11' 
_diffrn_source.pdbx_synchrotron_site       'EMBL/DESY, HAMBURG' 
_diffrn_source.pdbx_synchrotron_beamline   X11 
_diffrn_source.pdbx_wavelength             0.9114 
_diffrn_source.pdbx_wavelength_list        ? 
# 
_reflns.pdbx_diffrn_id               1 
_reflns.pdbx_ordinal                 1 
_reflns.entry_id                     1HHZ 
_reflns.observed_criterion_sigma_I   ? 
_reflns.observed_criterion_sigma_F   ? 
_reflns.d_resolution_low             41.850 
_reflns.d_resolution_high            0.990 
_reflns.number_obs                   29932 
_reflns.number_all                   ? 
_reflns.percent_possible_obs         99.9 
_reflns.pdbx_Rmerge_I_obs            0.05300 
_reflns.pdbx_Rsym_value              ? 
_reflns.pdbx_netI_over_sigmaI        ? 
_reflns.B_iso_Wilson_estimate        ? 
_reflns.pdbx_redundancy              7.500 
# 
_reflns_shell.pdbx_diffrn_id         1 
_reflns_shell.pdbx_ordinal           1 
_reflns_shell.d_res_high             0.99 
_reflns_shell.d_res_low              1.10 
_reflns_shell.percent_possible_all   100.0 
_reflns_shell.Rmerge_I_obs           0.19000 
_reflns_shell.pdbx_Rsym_value        ? 
_reflns_shell.meanI_over_sigI_obs    ? 
_reflns_shell.pdbx_redundancy        7.50 
# 
_refine.pdbx_refine_id                           'X-RAY DIFFRACTION' 
_refine.entry_id                                 1HHZ 
_refine.pdbx_diffrn_id                           1 
_refine.pdbx_TLS_residual_ADP_flag               ? 
_refine.ls_number_reflns_obs                     ? 
_refine.ls_number_reflns_all                     29932 
_refine.pdbx_ls_sigma_I                          ? 
_refine.pdbx_ls_sigma_F                          ? 
_refine.pdbx_data_cutoff_high_absF               ? 
_refine.pdbx_data_cutoff_low_absF                ? 
_refine.pdbx_data_cutoff_high_rms_absF           ? 
_refine.ls_d_res_low                             41.85 
_refine.ls_d_res_high                            0.99 
_refine.ls_percent_reflns_obs                    99.9 
_refine.ls_R_factor_obs                          0.1075 
_refine.ls_R_factor_all                          0.1083 
_refine.ls_R_factor_R_work                       ? 
_refine.ls_R_factor_R_free                       0.1403 
_refine.ls_R_factor_R_free_error                 ? 
_refine.ls_R_factor_R_free_error_details         ? 
_refine.ls_percent_reflns_R_free                 5.1 
_refine.ls_number_reflns_R_free                  1529 
_refine.ls_number_parameters                     4237 
_refine.ls_number_restraints                     4905 
_refine.occupancy_min                            ? 
_refine.occupancy_max                            ? 
_refine.correlation_coeff_Fo_to_Fc               ? 
_refine.correlation_coeff_Fo_to_Fc_free          ? 
_refine.B_iso_mean                               ? 
_refine.aniso_B[1][1]                            ? 
_refine.aniso_B[2][2]                            ? 
_refine.aniso_B[3][3]                            ? 
_refine.aniso_B[1][2]                            ? 
_refine.aniso_B[1][3]                            ? 
_refine.aniso_B[2][3]                            ? 
_refine.solvent_model_details                    'METHOD USED: MOEWS & KRETSINGER, J.MOL.BIOL.91(1973)201-228' 
_refine.solvent_model_param_ksol                 ? 
_refine.solvent_model_param_bsol                 ? 
_refine.pdbx_solvent_vdw_probe_radii             ? 
_refine.pdbx_solvent_ion_probe_radii             ? 
_refine.pdbx_solvent_shrinkage_radii             ? 
_refine.pdbx_ls_cross_valid_method               THROUGHOUT 
_refine.details                                  ? 
_refine.pdbx_starting_model                      ? 
_refine.pdbx_method_to_determine_struct          'DIRECT METHODS' 
_refine.pdbx_isotropic_thermal_model             ? 
_refine.pdbx_stereochemistry_target_values       'ENGH AND HUBER' 
_refine.pdbx_stereochem_target_val_spec_case     ? 
_refine.pdbx_R_Free_selection_details            SHELLS 
_refine.pdbx_overall_ESU_R                       ? 
_refine.pdbx_overall_ESU_R_Free                  ? 
_refine.overall_SU_ML                            ? 
_refine.pdbx_overall_phase_error                 ? 
_refine.overall_SU_B                             ? 
_refine.overall_SU_R_Cruickshank_DPI             ? 
_refine.pdbx_overall_SU_R_free_Cruickshank_DPI   ? 
_refine.pdbx_overall_SU_R_Blow_DPI               ? 
_refine.pdbx_overall_SU_R_free_Blow_DPI          ? 
# 
_refine_analyze.pdbx_refine_id                  'X-RAY DIFFRACTION' 
_refine_analyze.entry_id                        1HHZ 
_refine_analyze.Luzzati_coordinate_error_obs    ? 
_refine_analyze.Luzzati_sigma_a_obs             ? 
_refine_analyze.Luzzati_d_res_low_obs           ? 
_refine_analyze.Luzzati_coordinate_error_free   ? 
_refine_analyze.Luzzati_sigma_a_free            ? 
_refine_analyze.Luzzati_d_res_low_free          ? 
_refine_analyze.number_disordered_residues      6 
_refine_analyze.occupancy_sum_hydrogen          280.80 
_refine_analyze.occupancy_sum_non_hydrogen      448.50 
# 
_refine_hist.pdbx_refine_id                   'X-RAY DIFFRACTION' 
_refine_hist.cycle_id                         LAST 
_refine_hist.pdbx_number_atoms_protein        320 
_refine_hist.pdbx_number_atoms_nucleic_acid   0 
_refine_hist.pdbx_number_atoms_ligand         53 
_refine_hist.number_atoms_solvent             95 
_refine_hist.number_atoms_total               468 
_refine_hist.d_res_high                       0.99 
_refine_hist.d_res_low                        41.85 
# 
loop_
_refine_ls_restr.type 
_refine_ls_restr.dev_ideal 
_refine_ls_restr.dev_ideal_target 
_refine_ls_restr.weight 
_refine_ls_restr.number 
_refine_ls_restr.pdbx_refine_id 
_refine_ls_restr.pdbx_restraint_function 
s_bond_d               0.021 ? ? ? 'X-RAY DIFFRACTION' ? 
s_angle_d              0.032 ? ? ? 'X-RAY DIFFRACTION' ? 
s_similar_dist         0.027 ? ? ? 'X-RAY DIFFRACTION' ? 
s_from_restr_planes    0.086 ? ? ? 'X-RAY DIFFRACTION' ? 
s_zero_chiral_vol      0.084 ? ? ? 'X-RAY DIFFRACTION' ? 
s_non_zero_chiral_vol  0.190 ? ? ? 'X-RAY DIFFRACTION' ? 
s_anti_bump_dis_restr  0.085 ? ? ? 'X-RAY DIFFRACTION' ? 
s_rigid_bond_adp_cmpnt 0.005 ? ? ? 'X-RAY DIFFRACTION' ? 
s_similar_adp_cmpnt    0.027 ? ? ? 'X-RAY DIFFRACTION' ? 
s_approx_iso_adps      0.126 ? ? ? 'X-RAY DIFFRACTION' ? 
# 
_pdbx_refine.pdbx_refine_id                              'X-RAY DIFFRACTION' 
_pdbx_refine.entry_id                                    1HHZ 
_pdbx_refine.R_factor_all_no_cutoff                      0.1083 
_pdbx_refine.R_factor_obs_no_cutoff                      0.1075 
_pdbx_refine.free_R_factor_no_cutoff                     0.1403 
_pdbx_refine.free_R_error_no_cutoff                      ? 
_pdbx_refine.free_R_val_test_set_size_perc_no_cutoff     5.1 
_pdbx_refine.free_R_val_test_set_ct_no_cutoff            1529 
_pdbx_refine.R_factor_all_4sig_cutoff                    0.1031 
_pdbx_refine.R_factor_obs_4sig_cutoff                    0.1022 
_pdbx_refine.free_R_factor_4sig_cutoff                   0.1354 
_pdbx_refine.free_R_val_test_set_size_perc_4sig_cutoff   5.2 
_pdbx_refine.free_R_val_test_set_ct_4sig_cutoff          1413 
_pdbx_refine.number_reflns_obs_4sig_cutoff               27252 
# 
loop_
_struct_ncs_oper.id 
_struct_ncs_oper.code 
_struct_ncs_oper.details 
_struct_ncs_oper.matrix[1][1] 
_struct_ncs_oper.matrix[1][2] 
_struct_ncs_oper.matrix[1][3] 
_struct_ncs_oper.matrix[2][1] 
_struct_ncs_oper.matrix[2][2] 
_struct_ncs_oper.matrix[2][3] 
_struct_ncs_oper.matrix[3][1] 
_struct_ncs_oper.matrix[3][2] 
_struct_ncs_oper.matrix[3][3] 
_struct_ncs_oper.vector[1] 
_struct_ncs_oper.vector[2] 
_struct_ncs_oper.vector[3] 
1 given ? -0.81673482 0.53387909 0.21888063 -0.48879927 -0.43857365 -0.75414348 -0.30662909 -0.72292301 0.61915847  -6.81802 -7.15189 6.97271  
2 given ? -0.91497614 0.32753442 0.23566336 0.37902049  0.49727789  0.78042874  0.13842727  0.80339658  -0.57914174 -6.04195 1.62376  -8.97749 
# 
_struct.entry_id                  1HHZ 
_struct.title                     'Deglucobalhimycin in complex with cell wall pentapeptide' 
_struct.pdbx_model_details        ? 
_struct.pdbx_CASP_flag            ? 
_struct.pdbx_model_type_details   ? 
# 
_struct_keywords.entry_id        1HHZ 
_struct_keywords.pdbx_keywords   ANTIBIOTIC/PEPTIDE 
_struct_keywords.text            'ANTIBIOTIC-PEPTIDE COMPLEX, GLYCOPEPTIDE, ANTIBIOTIC, CELL WALL PEPTIDE, BALHIMYCIN' 
# 
loop_
_struct_asym.id 
_struct_asym.pdbx_blank_PDB_chainid_flag 
_struct_asym.pdbx_modified 
_struct_asym.entity_id 
_struct_asym.details 
A N N 1 ? 
B N N 1 ? 
C N N 1 ? 
D N N 2 ? 
E N N 2 ? 
F N N 2 ? 
G N N 3 ? 
H N N 4 ? 
I N N 4 ? 
J N N 3 ? 
K N N 4 ? 
L N N 3 ? 
M N N 4 ? 
N N N 5 ? 
O N N 5 ? 
P N N 5 ? 
Q N N 5 ? 
R N N 5 ? 
S N N 5 ? 
# 
loop_
_struct_ref.id 
_struct_ref.db_name 
_struct_ref.db_code 
_struct_ref.entity_id 
_struct_ref.pdbx_seq_one_letter_code 
_struct_ref.pdbx_align_begin 
_struct_ref.pdbx_db_accession 
_struct_ref.pdbx_db_isoform 
1 NOR NOR00707 1 ? ? NOR00707 ? 
2 PDB 1HHZ     2 ? ? 1HHZ     ? 
# 
loop_
_struct_ref_seq.align_id 
_struct_ref_seq.ref_id 
_struct_ref_seq.pdbx_PDB_id_code 
_struct_ref_seq.pdbx_strand_id 
_struct_ref_seq.seq_align_beg 
_struct_ref_seq.pdbx_seq_align_beg_ins_code 
_struct_ref_seq.seq_align_end 
_struct_ref_seq.pdbx_seq_align_end_ins_code 
_struct_ref_seq.pdbx_db_accession 
_struct_ref_seq.db_align_beg 
_struct_ref_seq.pdbx_db_align_beg_ins_code 
_struct_ref_seq.db_align_end 
_struct_ref_seq.pdbx_db_align_end_ins_code 
_struct_ref_seq.pdbx_auth_seq_align_beg 
_struct_ref_seq.pdbx_auth_seq_align_end 
1 1 1HHZ A 1 ? 7 ? NOR00707 1 ? 7 ? 1 7 
2 1 1HHZ B 1 ? 7 ? NOR00707 1 ? 7 ? 1 7 
3 1 1HHZ C 1 ? 7 ? NOR00707 1 ? 7 ? 1 7 
4 2 1HHZ D 1 ? 5 ? 1HHZ     1 ? 5 ? 1 5 
5 2 1HHZ E 1 ? 5 ? 1HHZ     1 ? 5 ? 1 5 
6 2 1HHZ F 1 ? 5 ? 1HHZ     1 ? 5 ? 1 5 
# 
loop_
_pdbx_struct_assembly.id 
_pdbx_struct_assembly.details 
_pdbx_struct_assembly.method_details 
_pdbx_struct_assembly.oligomeric_details 
_pdbx_struct_assembly.oligomeric_count 
1 software_defined_assembly PISA tetrameric 4 
2 software_defined_assembly PISA tetrameric 4 
# 
loop_
_pdbx_struct_assembly_prop.biol_id 
_pdbx_struct_assembly_prop.type 
_pdbx_struct_assembly_prop.value 
_pdbx_struct_assembly_prop.details 
1 'ABSA (A^2)' 1390  ? 
1 MORE         -6.4  ? 
1 'SSA (A^2)'  3270  ? 
2 'ABSA (A^2)' 2240  ? 
2 MORE         -15.8 ? 
2 'SSA (A^2)'  2280  ? 
# 
loop_
_pdbx_struct_assembly_gen.assembly_id 
_pdbx_struct_assembly_gen.oper_expression 
_pdbx_struct_assembly_gen.asym_id_list 
1 1   B,C,E,F,J,K,L,M,O,P,R,S 
2 1,2 A,D,G,H,I,N,Q           
# 
loop_
_pdbx_struct_oper_list.id 
_pdbx_struct_oper_list.type 
_pdbx_struct_oper_list.name 
_pdbx_struct_oper_list.symmetry_operation 
_pdbx_struct_oper_list.matrix[1][1] 
_pdbx_struct_oper_list.matrix[1][2] 
_pdbx_struct_oper_list.matrix[1][3] 
_pdbx_struct_oper_list.vector[1] 
_pdbx_struct_oper_list.matrix[2][1] 
_pdbx_struct_oper_list.matrix[2][2] 
_pdbx_struct_oper_list.matrix[2][3] 
_pdbx_struct_oper_list.vector[2] 
_pdbx_struct_oper_list.matrix[3][1] 
_pdbx_struct_oper_list.matrix[3][2] 
_pdbx_struct_oper_list.matrix[3][3] 
_pdbx_struct_oper_list.vector[3] 
1 'identity operation'         1_555 x,y,z         1.0000000000 0.0000000000  0.0000000000  0.0000000000 0.0000000000  1.0000000000  0.0000000000 0.0000000000 0.0000000000  0.0000000000 1.0000000000  0.0000000000   
2 'crystal symmetry operation' 5_556 x-y,-y,-z+4/3 0.4713137771 -0.8035888403 -0.3634670539 0.0028983632 -0.8035888403 -0.5611031214 0.1985151454 7.2994192513 -0.3634670539 0.1985151454 -0.9102106557 -16.1265440316 
# 
loop_
_struct_conn.id 
_struct_conn.conn_type_id 
_struct_conn.pdbx_leaving_atom_flag 
_struct_conn.pdbx_PDB_id 
_struct_conn.ptnr1_label_asym_id 
_struct_conn.ptnr1_label_comp_id 
_struct_conn.ptnr1_label_seq_id 
_struct_conn.ptnr1_label_atom_id 
_struct_conn.pdbx_ptnr1_label_alt_id 
_struct_conn.pdbx_ptnr1_PDB_ins_code 
_struct_conn.pdbx_ptnr1_standard_comp_id 
_struct_conn.ptnr1_symmetry 
_struct_conn.ptnr2_label_asym_id 
_struct_conn.ptnr2_label_comp_id 
_struct_conn.ptnr2_label_seq_id 
_struct_conn.ptnr2_label_atom_id 
_struct_conn.pdbx_ptnr2_label_alt_id 
_struct_conn.pdbx_ptnr2_PDB_ins_code 
_struct_conn.ptnr1_auth_asym_id 
_struct_conn.ptnr1_auth_comp_id 
_struct_conn.ptnr1_auth_seq_id 
_struct_conn.ptnr2_auth_asym_id 
_struct_conn.ptnr2_auth_comp_id 
_struct_conn.ptnr2_auth_seq_id 
_struct_conn.ptnr2_symmetry 
_struct_conn.pdbx_ptnr3_label_atom_id 
_struct_conn.pdbx_ptnr3_label_seq_id 
_struct_conn.pdbx_ptnr3_label_comp_id 
_struct_conn.pdbx_ptnr3_label_asym_id 
_struct_conn.pdbx_ptnr3_label_alt_id 
_struct_conn.pdbx_ptnr3_PDB_ins_code 
_struct_conn.details 
_struct_conn.pdbx_dist_value 
_struct_conn.pdbx_value_order 
_struct_conn.pdbx_role 
covale1  covale both ? A MLU 1 C   ? ? ? 1_555 A OMZ 2 N   ? ? A MLU 1 A OMZ 2 1_555 ? ? ? ? ? ? ? 1.354 ? ? 
covale2  covale both ? A OMZ 2 C   ? ? ? 1_555 A ASN 3 N   ? ? A OMZ 2 A ASN 3 1_555 ? ? ? ? ? ? ? 1.322 ? ? 
covale3  covale none ? A OMZ 2 OH  ? ? ? 1_555 A GHP 4 C3  ? ? A OMZ 2 A GHP 4 1_555 ? ? ? ? ? ? ? 1.387 ? ? 
covale4  covale both ? A ASN 3 C   ? ? ? 1_555 A GHP 4 N   ? ? A ASN 3 A GHP 4 1_555 ? ? ? ? ? ? ? 1.338 ? ? 
covale5  covale both ? A GHP 4 C   ? ? ? 1_555 A GHP 5 N   ? ? A GHP 4 A GHP 5 1_555 ? ? ? ? ? ? ? 1.340 ? ? 
covale6  covale none ? A GHP 4 C5  ? ? ? 1_555 A OMY 6 OCZ ? ? A GHP 4 A OMY 6 1_555 ? ? ? ? ? ? ? 1.387 ? ? 
covale7  covale both ? A GHP 5 C   ? ? ? 1_555 A OMY 6 N   ? ? A GHP 5 A OMY 6 1_555 ? ? ? ? ? ? ? 1.346 ? ? 
covale8  covale one  ? A GHP 5 C5  ? ? ? 1_555 A 3FG 7 CG1 ? ? A GHP 5 A 3FG 7 1_555 ? ? ? ? ? ? ? 1.489 ? ? 
covale9  covale both ? A OMY 6 C   ? ? ? 1_555 A 3FG 7 N   ? ? A OMY 6 A 3FG 7 1_555 ? ? ? ? ? ? ? 1.351 ? ? 
covale10 covale one  ? A OMY 6 ODE ? ? ? 1_555 G DVC . C1  ? ? A OMY 6 A DVC 9 1_555 ? ? ? ? ? ? ? 1.424 ? ? 
covale11 covale both ? B MLU 1 C   ? ? ? 1_555 B OMZ 2 N   ? ? B MLU 1 B OMZ 2 1_555 ? ? ? ? ? ? ? 1.375 ? ? 
covale12 covale both ? B OMZ 2 C   ? ? ? 1_555 B ASN 3 N   ? ? B OMZ 2 B ASN 3 1_555 ? ? ? ? ? ? ? 1.304 ? ? 
covale13 covale none ? B OMZ 2 OH  ? ? ? 1_555 B GHP 4 C3  ? ? B OMZ 2 B GHP 4 1_555 ? ? ? ? ? ? ? 1.391 ? ? 
covale14 covale both ? B ASN 3 C   ? ? ? 1_555 B GHP 4 N   ? ? B ASN 3 B GHP 4 1_555 ? ? ? ? ? ? ? 1.347 ? ? 
covale15 covale both ? B GHP 4 C   ? ? ? 1_555 B GHP 5 N   ? ? B GHP 4 B GHP 5 1_555 ? ? ? ? ? ? ? 1.344 ? ? 
covale16 covale none ? B GHP 4 C5  ? ? ? 1_555 B OMY 6 OCZ ? ? B GHP 4 B OMY 6 1_555 ? ? ? ? ? ? ? 1.399 ? ? 
covale17 covale both ? B GHP 5 C   ? ? ? 1_555 B OMY 6 N   ? ? B GHP 5 B OMY 6 1_555 ? ? ? ? ? ? ? 1.317 ? ? 
covale18 covale one  ? B GHP 5 C5  ? ? ? 1_555 B 3FG 7 CG1 ? ? B GHP 5 B 3FG 7 1_555 ? ? ? ? ? ? ? 1.486 ? ? 
covale19 covale both ? B OMY 6 C   ? ? ? 1_555 B 3FG 7 N   ? ? B OMY 6 B 3FG 7 1_555 ? ? ? ? ? ? ? 1.314 ? ? 
covale20 covale one  ? B OMY 6 ODE ? ? ? 1_555 J DVC . C1  ? ? B OMY 6 B DVC 9 1_555 ? ? ? ? ? ? ? 1.419 ? ? 
covale21 covale both ? C MLU 1 C   ? ? ? 1_555 C OMZ 2 N   ? ? C MLU 1 C OMZ 2 1_555 ? ? ? ? ? ? ? 1.382 ? ? 
covale22 covale both ? C OMZ 2 C   ? ? ? 1_555 C ASN 3 N   ? ? C OMZ 2 C ASN 3 1_555 ? ? ? ? ? ? ? 1.311 ? ? 
covale23 covale none ? C OMZ 2 OH  ? ? ? 1_555 C GHP 4 C3  ? ? C OMZ 2 C GHP 4 1_555 ? ? ? ? ? ? ? 1.408 ? ? 
covale24 covale both ? C ASN 3 C   ? ? ? 1_555 C GHP 4 N   ? ? C ASN 3 C GHP 4 1_555 ? ? ? ? ? ? ? 1.337 ? ? 
covale25 covale both ? C GHP 4 C   ? ? ? 1_555 C GHP 5 N   ? ? C GHP 4 C GHP 5 1_555 ? ? ? ? ? ? ? 1.332 ? ? 
covale26 covale none ? C GHP 4 C5  ? ? ? 1_555 C OMY 6 OCZ ? ? C GHP 4 C OMY 6 1_555 ? ? ? ? ? ? ? 1.393 ? ? 
covale27 covale both ? C GHP 5 C   ? ? ? 1_555 C OMY 6 N   ? ? C GHP 5 C OMY 6 1_555 ? ? ? ? ? ? ? 1.325 ? ? 
covale28 covale one  ? C GHP 5 C5  ? ? ? 1_555 C 3FG 7 CG1 ? ? C GHP 5 C 3FG 7 1_555 ? ? ? ? ? ? ? 1.498 ? ? 
covale29 covale both ? C OMY 6 C   ? ? ? 1_555 C 3FG 7 N   ? ? C OMY 6 C 3FG 7 1_555 ? ? ? ? ? ? ? 1.332 ? ? 
covale30 covale one  ? C OMY 6 ODE ? ? ? 1_555 L DVC . C1  ? ? C OMY 6 C DVC 9 1_555 ? ? ? ? ? ? ? 1.392 ? ? 
covale31 covale both ? D FGA 2 CD  ? ? ? 1_555 D LYS 3 N   ? ? D FGA 2 D LYS 3 1_555 ? ? ? ? ? ? ? 1.448 ? ? 
covale32 covale both ? D LYS 3 C   ? ? ? 1_555 D DAL 4 N   ? ? D LYS 3 D DAL 4 1_555 ? ? ? ? ? ? ? 1.311 ? ? 
covale33 covale both ? D DAL 4 C   ? ? ? 1_555 D DAL 5 N   ? ? D DAL 4 D DAL 5 1_555 ? ? ? ? ? ? ? 1.302 ? ? 
covale34 covale both ? E DAL 1 C   B ? ? 1_555 E FGA 2 N   ? ? E DAL 1 E FGA 2 1_555 ? ? ? ? ? ? ? 1.451 ? ? 
covale35 covale both ? E DAL 1 C   A ? ? 1_555 E FGA 2 N   ? ? E DAL 1 E FGA 2 1_555 ? ? ? ? ? ? ? 1.362 ? ? 
covale36 covale both ? E FGA 2 CD  ? ? ? 1_555 E LYS 3 N   ? ? E FGA 2 E LYS 3 1_555 ? ? ? ? ? ? ? 1.326 ? ? 
covale37 covale both ? E LYS 3 C   ? ? ? 1_555 E DAL 4 N   ? ? E LYS 3 E DAL 4 1_555 ? ? ? ? ? ? ? 1.322 ? ? 
covale38 covale both ? E DAL 4 C   ? ? ? 1_555 E DAL 5 N   ? ? E DAL 4 E DAL 5 1_555 ? ? ? ? ? ? ? 1.326 ? ? 
covale39 covale both ? F FGA 2 CD  ? ? ? 1_555 F LYS 3 N   ? ? F FGA 2 F LYS 3 1_555 ? ? ? ? ? ? ? 1.415 ? ? 
covale40 covale both ? F LYS 3 C   ? ? ? 1_555 F DAL 4 N   ? ? F LYS 3 F DAL 4 1_555 ? ? ? ? ? ? ? 1.331 ? ? 
covale41 covale both ? F DAL 4 C   ? ? ? 1_555 F DAL 5 N   ? ? F DAL 4 F DAL 5 1_555 ? ? ? ? ? ? ? 1.338 ? ? 
# 
_struct_conn_type.id          covale 
_struct_conn_type.criteria    ? 
_struct_conn_type.reference   ? 
# 
loop_
_pdbx_modification_feature.ordinal 
_pdbx_modification_feature.label_comp_id 
_pdbx_modification_feature.label_asym_id 
_pdbx_modification_feature.label_seq_id 
_pdbx_modification_feature.label_alt_id 
_pdbx_modification_feature.modified_residue_label_comp_id 
_pdbx_modification_feature.modified_residue_label_asym_id 
_pdbx_modification_feature.modified_residue_label_seq_id 
_pdbx_modification_feature.modified_residue_label_alt_id 
_pdbx_modification_feature.auth_comp_id 
_pdbx_modification_feature.auth_asym_id 
_pdbx_modification_feature.auth_seq_id 
_pdbx_modification_feature.PDB_ins_code 
_pdbx_modification_feature.symmetry 
_pdbx_modification_feature.modified_residue_auth_comp_id 
_pdbx_modification_feature.modified_residue_auth_asym_id 
_pdbx_modification_feature.modified_residue_auth_seq_id 
_pdbx_modification_feature.modified_residue_PDB_ins_code 
_pdbx_modification_feature.modified_residue_symmetry 
_pdbx_modification_feature.comp_id_linking_atom 
_pdbx_modification_feature.modified_residue_id_linking_atom 
_pdbx_modification_feature.modified_residue_id 
_pdbx_modification_feature.ref_pcm_id 
_pdbx_modification_feature.ref_comp_id 
_pdbx_modification_feature.type 
_pdbx_modification_feature.category 
1  MLU A 1 ? .   . . . MLU A 1 ? 1_555 .   . . . .     .  .   DLE 1 MLU Methylation   'Named protein modification' 
2  OMZ A 2 ? .   . . . OMZ A 2 ? 1_555 .   . . . .     .  .   DTY 1 OMZ Chlorination  'Named protein modification' 
3  OMZ A 2 ? .   . . . OMZ A 2 ? 1_555 .   . . . .     .  .   DTY 2 OMZ Hydroxylation 'Named protein modification' 
4  OMY A 6 ? .   . . . OMY A 6 ? 1_555 .   . . . .     .  .   TYR 1 OMY Hydroxylation 'Named protein modification' 
5  OMY A 6 ? .   . . . OMY A 6 ? 1_555 .   . . . .     .  .   TYR 2 OMY Chlorination  'Named protein modification' 
6  MLU B 1 ? .   . . . MLU B 1 ? 1_555 .   . . . .     .  .   DLE 1 MLU Methylation   'Named protein modification' 
7  OMZ B 2 ? .   . . . OMZ B 2 ? 1_555 .   . . . .     .  .   DTY 1 OMZ Chlorination  'Named protein modification' 
8  OMZ B 2 ? .   . . . OMZ B 2 ? 1_555 .   . . . .     .  .   DTY 2 OMZ Hydroxylation 'Named protein modification' 
9  OMY B 6 ? .   . . . OMY B 6 ? 1_555 .   . . . .     .  .   TYR 1 OMY Hydroxylation 'Named protein modification' 
10 OMY B 6 ? .   . . . OMY B 6 ? 1_555 .   . . . .     .  .   TYR 2 OMY Chlorination  'Named protein modification' 
11 MLU C 1 ? .   . . . MLU C 1 ? 1_555 .   . . . .     .  .   DLE 1 MLU Methylation   'Named protein modification' 
12 OMZ C 2 ? .   . . . OMZ C 2 ? 1_555 .   . . . .     .  .   DTY 1 OMZ Chlorination  'Named protein modification' 
13 OMZ C 2 ? .   . . . OMZ C 2 ? 1_555 .   . . . .     .  .   DTY 2 OMZ Hydroxylation 'Named protein modification' 
14 OMY C 6 ? .   . . . OMY C 6 ? 1_555 .   . . . .     .  .   TYR 1 OMY Hydroxylation 'Named protein modification' 
15 OMY C 6 ? .   . . . OMY C 6 ? 1_555 .   . . . .     .  .   TYR 2 OMY Chlorination  'Named protein modification' 
16 GHP A 4 ? .   . . . GHP A 4 ? 1_555 .   . . . .     .  .   ?   1 GHP None          'Non-standard residue'       
17 GHP A 5 ? .   . . . GHP A 5 ? 1_555 .   . . . .     .  .   ?   1 GHP None          'Non-standard residue'       
18 3FG A 7 ? .   . . . 3FG A 7 ? 1_555 .   . . . .     .  .   ?   1 3FG None          'Non-standard residue'       
19 GHP B 4 ? .   . . . GHP B 4 ? 1_555 .   . . . .     .  .   ?   1 GHP None          'Non-standard residue'       
20 GHP B 5 ? .   . . . GHP B 5 ? 1_555 .   . . . .     .  .   ?   1 GHP None          'Non-standard residue'       
21 3FG B 7 ? .   . . . 3FG B 7 ? 1_555 .   . . . .     .  .   ?   1 3FG None          'Non-standard residue'       
22 GHP C 4 ? .   . . . GHP C 4 ? 1_555 .   . . . .     .  .   ?   1 GHP None          'Non-standard residue'       
23 GHP C 5 ? .   . . . GHP C 5 ? 1_555 .   . . . .     .  .   ?   1 GHP None          'Non-standard residue'       
24 3FG C 7 ? .   . . . 3FG C 7 ? 1_555 .   . . . .     .  .   ?   1 3FG None          'Non-standard residue'       
25 FGA D 2 ? .   . . . FGA D 2 ? 1_555 .   . . . .     .  .   ?   1 FGA None          'Non-standard residue'       
26 FGA E 2 ? .   . . . FGA E 2 ? 1_555 .   . . . .     .  .   ?   1 FGA None          'Non-standard residue'       
27 FGA F 2 ? .   . . . FGA F 2 ? 1_555 .   . . . .     .  .   ?   1 FGA None          'Non-standard residue'       
28 DVC G . ? OMY A 6 ? DVC A 9 ? 1_555 OMY A 6 ? 1_555 C1 ODE OMY 1 DVC None          Carbohydrate                 
29 DVC J . ? OMY B 6 ? DVC B 9 ? 1_555 OMY B 6 ? 1_555 C1 ODE OMY 1 DVC None          Carbohydrate                 
30 DVC L . ? OMY C 6 ? DVC C 9 ? 1_555 OMY C 6 ? 1_555 C1 ODE OMY 1 DVC None          Carbohydrate                 
31 OMZ A 2 ? GHP A 4 ? OMZ A 2 ? 1_555 GHP A 4 ? 1_555 OH C3  .   . .   None          'Non-standard linkage'       
32 GHP A 4 ? OMY A 6 ? GHP A 4 ? 1_555 OMY A 6 ? 1_555 C5 OCZ .   . .   None          'Non-standard linkage'       
33 GHP A 5 ? 3FG A 7 ? GHP A 5 ? 1_555 3FG A 7 ? 1_555 C5 CG1 .   . .   None          'Non-standard linkage'       
34 OMZ B 2 ? GHP B 4 ? OMZ B 2 ? 1_555 GHP B 4 ? 1_555 OH C3  .   . .   None          'Non-standard linkage'       
35 GHP B 4 ? OMY B 6 ? GHP B 4 ? 1_555 OMY B 6 ? 1_555 C5 OCZ .   . .   None          'Non-standard linkage'       
36 GHP B 5 ? 3FG B 7 ? GHP B 5 ? 1_555 3FG B 7 ? 1_555 C5 CG1 .   . .   None          'Non-standard linkage'       
37 OMZ C 2 ? GHP C 4 ? OMZ C 2 ? 1_555 GHP C 4 ? 1_555 OH C3  .   . .   None          'Non-standard linkage'       
38 GHP C 4 ? OMY C 6 ? GHP C 4 ? 1_555 OMY C 6 ? 1_555 C5 OCZ .   . .   None          'Non-standard linkage'       
39 GHP C 5 ? 3FG C 7 ? GHP C 5 ? 1_555 3FG C 7 ? 1_555 C5 CG1 .   . .   None          'Non-standard linkage'       
40 FGA D 2 ? LYS D 3 ? FGA D 2 ? 1_555 LYS D 3 ? 1_555 CD N   .   . .   None          'Non-standard linkage'       
41 FGA E 2 ? LYS E 3 ? FGA E 2 ? 1_555 LYS E 3 ? 1_555 CD N   .   . .   None          'Non-standard linkage'       
42 FGA F 2 ? LYS F 3 ? FGA F 2 ? 1_555 LYS F 3 ? 1_555 CD N   .   . .   None          'Non-standard linkage'       
# 
loop_
_struct_mon_prot_cis.pdbx_id 
_struct_mon_prot_cis.label_comp_id 
_struct_mon_prot_cis.label_seq_id 
_struct_mon_prot_cis.label_asym_id 
_struct_mon_prot_cis.label_alt_id 
_struct_mon_prot_cis.pdbx_PDB_ins_code 
_struct_mon_prot_cis.auth_comp_id 
_struct_mon_prot_cis.auth_seq_id 
_struct_mon_prot_cis.auth_asym_id 
_struct_mon_prot_cis.pdbx_label_comp_id_2 
_struct_mon_prot_cis.pdbx_label_seq_id_2 
_struct_mon_prot_cis.pdbx_label_asym_id_2 
_struct_mon_prot_cis.pdbx_PDB_ins_code_2 
_struct_mon_prot_cis.pdbx_auth_comp_id_2 
_struct_mon_prot_cis.pdbx_auth_seq_id_2 
_struct_mon_prot_cis.pdbx_auth_asym_id_2 
_struct_mon_prot_cis.pdbx_PDB_model_num 
_struct_mon_prot_cis.pdbx_omega_angle 
1 GHP 5 A . ? GHP 5 A OMY 6 A ? OMY 6 A 1 10.12 
2 GHP 5 B . ? GHP 5 B OMY 6 B ? OMY 6 B 1 -0.30 
3 GHP 5 C . ? GHP 5 C OMY 6 C ? OMY 6 C 1 5.84  
# 
loop_
_struct_sheet.id 
_struct_sheet.type 
_struct_sheet.number_strands 
_struct_sheet.details 
AA ? 2 ? 
BA ? 2 ? 
# 
loop_
_struct_sheet_order.sheet_id 
_struct_sheet_order.range_id_1 
_struct_sheet_order.range_id_2 
_struct_sheet_order.offset 
_struct_sheet_order.sense 
AA 1 2 ? anti-parallel 
BA 1 2 ? anti-parallel 
# 
loop_
_struct_sheet_range.sheet_id 
_struct_sheet_range.id 
_struct_sheet_range.beg_label_comp_id 
_struct_sheet_range.beg_label_asym_id 
_struct_sheet_range.beg_label_seq_id 
_struct_sheet_range.pdbx_beg_PDB_ins_code 
_struct_sheet_range.end_label_comp_id 
_struct_sheet_range.end_label_asym_id 
_struct_sheet_range.end_label_seq_id 
_struct_sheet_range.pdbx_end_PDB_ins_code 
_struct_sheet_range.beg_auth_comp_id 
_struct_sheet_range.beg_auth_asym_id 
_struct_sheet_range.beg_auth_seq_id 
_struct_sheet_range.end_auth_comp_id 
_struct_sheet_range.end_auth_asym_id 
_struct_sheet_range.end_auth_seq_id 
AA 1 GHP A 4 ? GHP A 5 ? GHP A 4 GHP A 5 
AA 2 DAL D 4 ? DAL D 5 ? DAL D 4 DAL D 5 
BA 1 GHP B 4 ? GHP B 5 ? GHP B 4 GHP B 5 
BA 2 DAL E 4 ? DAL E 5 ? DAL E 4 DAL E 5 
# 
loop_
_pdbx_struct_sheet_hbond.sheet_id 
_pdbx_struct_sheet_hbond.range_id_1 
_pdbx_struct_sheet_hbond.range_id_2 
_pdbx_struct_sheet_hbond.range_1_label_atom_id 
_pdbx_struct_sheet_hbond.range_1_label_comp_id 
_pdbx_struct_sheet_hbond.range_1_label_asym_id 
_pdbx_struct_sheet_hbond.range_1_label_seq_id 
_pdbx_struct_sheet_hbond.range_1_PDB_ins_code 
_pdbx_struct_sheet_hbond.range_1_auth_atom_id 
_pdbx_struct_sheet_hbond.range_1_auth_comp_id 
_pdbx_struct_sheet_hbond.range_1_auth_asym_id 
_pdbx_struct_sheet_hbond.range_1_auth_seq_id 
_pdbx_struct_sheet_hbond.range_2_label_atom_id 
_pdbx_struct_sheet_hbond.range_2_label_comp_id 
_pdbx_struct_sheet_hbond.range_2_label_asym_id 
_pdbx_struct_sheet_hbond.range_2_label_seq_id 
_pdbx_struct_sheet_hbond.range_2_PDB_ins_code 
_pdbx_struct_sheet_hbond.range_2_auth_atom_id 
_pdbx_struct_sheet_hbond.range_2_auth_comp_id 
_pdbx_struct_sheet_hbond.range_2_auth_asym_id 
_pdbx_struct_sheet_hbond.range_2_auth_seq_id 
AA 1 2 N GHP A 4 ? N GHP A 4 O DAL D 5 ? O DAL D 5 
BA 1 2 N GHP B 4 ? N GHP B 4 O DAL E 5 ? O DAL E 5 
# 
_pdbx_entry_details.entry_id                   1HHZ 
_pdbx_entry_details.compound_details           
;BALHIMYCIN IS A TRICYCLIC GLYCOPEPTIDE. THE SCAFFOLD IS
A HEPTAPEPTIDE WITH THE CONFIGURATION D-D-L-D-D-L-L. IT IS
FURTHER GLYCOSYLATED BY TWO MONOSACCHARIDES: A D-GLUCOSE
AND A 4-OXO-VANCOSAMINE.
HERE, DEGLUCOBALHIMYCIN IS REPRESENTED GROUPING TOGETHER THE
SEQUENCE (SEQRES) AND ONE LIGAND (HET) DVC.

 GROUP: 1
  NAME: DEGLUCOBALHIMYCIN
  CHAIN: A, B, C
  COMPONENT_1: PEPTIDE LIKE SEQUENCE RESIDUES 1 TO 7
  COMPONENT_2: SUGAR RESIDUES 9
  DESCRIPTION: DEGLUCOBALHIMYCIN LACKS THE D-GLUCOSE
               COMPONENT OF BALHIMYCIN CONSISTING OF THE
               TRICYCLIC HEPTAPEPTIDE AND 4-OXO-VANCOSAMINE
               ONLY, LINKED TO RESIDUE 6.
;
_pdbx_entry_details.source_details             ? 
_pdbx_entry_details.nonpolymer_details         ? 
_pdbx_entry_details.sequence_details           ? 
_pdbx_entry_details.has_ligand_of_interest     ? 
_pdbx_entry_details.has_protein_modification   Y 
# 
_pdbx_validate_torsion.id              1 
_pdbx_validate_torsion.PDB_model_num   1 
_pdbx_validate_torsion.auth_comp_id    ASN 
_pdbx_validate_torsion.auth_asym_id    A 
_pdbx_validate_torsion.auth_seq_id     3 
_pdbx_validate_torsion.PDB_ins_code    ? 
_pdbx_validate_torsion.label_alt_id    ? 
_pdbx_validate_torsion.phi             -120.78 
_pdbx_validate_torsion.psi             -56.01 
# 
loop_
_pdbx_validate_chiral.id 
_pdbx_validate_chiral.PDB_model_num 
_pdbx_validate_chiral.auth_atom_id 
_pdbx_validate_chiral.label_alt_id 
_pdbx_validate_chiral.auth_asym_id 
_pdbx_validate_chiral.auth_comp_id 
_pdbx_validate_chiral.auth_seq_id 
_pdbx_validate_chiral.PDB_ins_code 
_pdbx_validate_chiral.details 
_pdbx_validate_chiral.omega 
1 1 CA A E DAL 1 ? 'WRONG HAND' . 
2 1 CA B E DAL 1 ? 'WRONG HAND' . 
# 
_pdbx_molecule_features.prd_id    PRD_000485 
_pdbx_molecule_features.name      Deglucobalhimycin 
_pdbx_molecule_features.type      Glycopeptide 
_pdbx_molecule_features.class     'Antibiotic, Antimicrobial' 
_pdbx_molecule_features.details   
;DEGLUCOBALHIMYCIN LACKS THE D-GLUCOSE                 
 COMPONENT OF BALHIMYCIN CONSISTING OF THE             
 TRICYCLIC HEPTAPEPTIDE AND (2R,4S,6S)-4-AZANYL-4,6-DIMETHYL-OXANE-2,5,5-TRIOL
 ONLY LINKED TO RESIDUE 6.
;
# 
loop_
_pdbx_molecule.instance_id 
_pdbx_molecule.prd_id 
_pdbx_molecule.asym_id 
1 PRD_000485 A 
1 PRD_000485 G 
2 PRD_000485 B 
2 PRD_000485 J 
3 PRD_000485 C 
3 PRD_000485 L 
# 
loop_
_pdbx_struct_mod_residue.id 
_pdbx_struct_mod_residue.label_asym_id 
_pdbx_struct_mod_residue.label_comp_id 
_pdbx_struct_mod_residue.label_seq_id 
_pdbx_struct_mod_residue.auth_asym_id 
_pdbx_struct_mod_residue.auth_comp_id 
_pdbx_struct_mod_residue.auth_seq_id 
_pdbx_struct_mod_residue.PDB_ins_code 
_pdbx_struct_mod_residue.parent_comp_id 
_pdbx_struct_mod_residue.details 
1 A OMY 6 A OMY 6 ? TYR ? 
2 B OMY 6 B OMY 6 ? TYR ? 
3 C OMY 6 C OMY 6 ? TYR ? 
# 
loop_
_pdbx_struct_special_symmetry.id 
_pdbx_struct_special_symmetry.PDB_model_num 
_pdbx_struct_special_symmetry.auth_asym_id 
_pdbx_struct_special_symmetry.auth_comp_id 
_pdbx_struct_special_symmetry.auth_seq_id 
_pdbx_struct_special_symmetry.PDB_ins_code 
_pdbx_struct_special_symmetry.label_asym_id 
_pdbx_struct_special_symmetry.label_comp_id 
_pdbx_struct_special_symmetry.label_seq_id 
1 1 A HOH 2006 ? N HOH . 
2 1 F HOH 2001 ? S HOH . 
# 
_pdbx_distant_solvent_atoms.id                                1 
_pdbx_distant_solvent_atoms.PDB_model_num                     1 
_pdbx_distant_solvent_atoms.auth_atom_id                      O 
_pdbx_distant_solvent_atoms.label_alt_id                      ? 
_pdbx_distant_solvent_atoms.auth_asym_id                      B 
_pdbx_distant_solvent_atoms.auth_comp_id                      HOH 
_pdbx_distant_solvent_atoms.auth_seq_id                       2004 
_pdbx_distant_solvent_atoms.PDB_ins_code                      ? 
_pdbx_distant_solvent_atoms.neighbor_macromolecule_distance   6.01 
_pdbx_distant_solvent_atoms.neighbor_ligand_distance          . 
# 
loop_
_pdbx_unobs_or_zero_occ_residues.id 
_pdbx_unobs_or_zero_occ_residues.PDB_model_num 
_pdbx_unobs_or_zero_occ_residues.polymer_flag 
_pdbx_unobs_or_zero_occ_residues.occupancy_flag 
_pdbx_unobs_or_zero_occ_residues.auth_asym_id 
_pdbx_unobs_or_zero_occ_residues.auth_comp_id 
_pdbx_unobs_or_zero_occ_residues.auth_seq_id 
_pdbx_unobs_or_zero_occ_residues.PDB_ins_code 
_pdbx_unobs_or_zero_occ_residues.label_asym_id 
_pdbx_unobs_or_zero_occ_residues.label_comp_id 
_pdbx_unobs_or_zero_occ_residues.label_seq_id 
1 1 Y 1 D DAL 1 ? D DAL 1 
2 1 Y 1 F DAL 1 ? F DAL 1 
# 
loop_
_chem_comp_atom.comp_id 
_chem_comp_atom.atom_id 
_chem_comp_atom.type_symbol 
_chem_comp_atom.pdbx_aromatic_flag 
_chem_comp_atom.pdbx_stereo_config 
_chem_comp_atom.pdbx_ordinal 
3FG N    N  N N 1   
3FG OD1  O  N N 2   
3FG CD1  C  Y N 3   
3FG CG1  C  Y N 4   
3FG CZ   C  Y N 5   
3FG CD2  C  Y N 6   
3FG OD2  O  N N 7   
3FG CG2  C  Y N 8   
3FG CB   C  Y N 9   
3FG CA   C  N S 10  
3FG C    C  N N 11  
3FG O    O  N N 12  
3FG OXT  O  N N 13  
3FG H    H  N N 14  
3FG H2   H  N N 15  
3FG HA   H  N N 16  
3FG HD1  H  N N 17  
3FG HG1  H  N N 18  
3FG HZ   H  N N 19  
3FG HD2  H  N N 20  
3FG HG2  H  N N 21  
3FG HXT  H  N N 22  
ASN N    N  N N 23  
ASN CA   C  N S 24  
ASN C    C  N N 25  
ASN O    O  N N 26  
ASN CB   C  N N 27  
ASN CG   C  N N 28  
ASN OD1  O  N N 29  
ASN ND2  N  N N 30  
ASN OXT  O  N N 31  
ASN H    H  N N 32  
ASN H2   H  N N 33  
ASN HA   H  N N 34  
ASN HB2  H  N N 35  
ASN HB3  H  N N 36  
ASN HD21 H  N N 37  
ASN HD22 H  N N 38  
ASN HXT  H  N N 39  
DAL N    N  N N 40  
DAL CA   C  N R 41  
DAL CB   C  N N 42  
DAL C    C  N N 43  
DAL O    O  N N 44  
DAL OXT  O  N N 45  
DAL H    H  N N 46  
DAL H2   H  N N 47  
DAL HA   H  N N 48  
DAL HB1  H  N N 49  
DAL HB2  H  N N 50  
DAL HB3  H  N N 51  
DAL HXT  H  N N 52  
DVC C1   C  N R 53  
DVC O1   O  N N 54  
DVC C2   C  N N 55  
DVC C3   C  N S 56  
DVC N3   N  N N 57  
DVC C4   C  N N 58  
DVC O4   O  N N 59  
DVC C5   C  N S 60  
DVC O5   O  N N 61  
DVC C6   C  N N 62  
DVC C3M  C  N N 63  
DVC O41  O  N N 64  
DVC H1   H  N N 65  
DVC HO1  H  N N 66  
DVC H2   H  N N 67  
DVC H2A  H  N N 68  
DVC HN3  H  N N 69  
DVC HN3A H  N N 70  
DVC HO4  H  N N 71  
DVC H5   H  N N 72  
DVC H6   H  N N 73  
DVC H6A  H  N N 74  
DVC H6B  H  N N 75  
DVC H3M  H  N N 76  
DVC H3MA H  N N 77  
DVC H3MB H  N N 78  
DVC HO41 H  N N 79  
FGA N    N  N N 80  
FGA CA   C  N R 81  
FGA C    C  N N 82  
FGA O    O  N N 83  
FGA CB   C  N N 84  
FGA CG   C  N N 85  
FGA CD   C  N N 86  
FGA OE1  O  N N 87  
FGA OE2  O  N N 88  
FGA OXT  O  N N 89  
FGA H    H  N N 90  
FGA H2   H  N N 91  
FGA HA   H  N N 92  
FGA HB2  H  N N 93  
FGA HB3  H  N N 94  
FGA HG2  H  N N 95  
FGA HG3  H  N N 96  
FGA HE2  H  N N 97  
FGA HXT  H  N N 98  
GHP N    N  N N 99  
GHP CA   C  N R 100 
GHP C    C  N N 101 
GHP O    O  N N 102 
GHP OXT  O  N N 103 
GHP C1   C  Y N 104 
GHP C2   C  Y N 105 
GHP C3   C  Y N 106 
GHP C4   C  Y N 107 
GHP O4   O  N N 108 
GHP C5   C  Y N 109 
GHP C6   C  Y N 110 
GHP H    H  N N 111 
GHP H2   H  N N 112 
GHP HA   H  N N 113 
GHP HXT  H  N N 114 
GHP HC2  H  N N 115 
GHP H3   H  N N 116 
GHP HO4  H  N N 117 
GHP H5   H  N N 118 
GHP H6   H  N N 119 
HOH O    O  N N 120 
HOH H1   H  N N 121 
HOH H2   H  N N 122 
LYS N    N  N N 123 
LYS CA   C  N S 124 
LYS C    C  N N 125 
LYS O    O  N N 126 
LYS CB   C  N N 127 
LYS CG   C  N N 128 
LYS CD   C  N N 129 
LYS CE   C  N N 130 
LYS NZ   N  N N 131 
LYS OXT  O  N N 132 
LYS H    H  N N 133 
LYS H2   H  N N 134 
LYS HA   H  N N 135 
LYS HB2  H  N N 136 
LYS HB3  H  N N 137 
LYS HG2  H  N N 138 
LYS HG3  H  N N 139 
LYS HD2  H  N N 140 
LYS HD3  H  N N 141 
LYS HE2  H  N N 142 
LYS HE3  H  N N 143 
LYS HZ1  H  N N 144 
LYS HZ2  H  N N 145 
LYS HZ3  H  N N 146 
LYS HXT  H  N N 147 
MLU N    N  N N 148 
MLU CN   C  N N 149 
MLU CA   C  N R 150 
MLU C    C  N N 151 
MLU O    O  N N 152 
MLU CB   C  N N 153 
MLU CG   C  N N 154 
MLU CD1  C  N N 155 
MLU CD2  C  N N 156 
MLU OXT  O  N N 157 
MLU H    H  N N 158 
MLU HCN1 H  N N 159 
MLU HCN2 H  N N 160 
MLU HCN3 H  N N 161 
MLU HA   H  N N 162 
MLU HB2  H  N N 163 
MLU HB3  H  N N 164 
MLU HXT  H  N N 165 
MLU HG   H  N N 166 
MLU HD11 H  N N 167 
MLU HD12 H  N N 168 
MLU HD13 H  N N 169 
MLU HD21 H  N N 170 
MLU HD22 H  N N 171 
MLU HD23 H  N N 172 
OMY N    N  N N 173 
OMY CA   C  N S 174 
OMY OCZ  O  N N 175 
OMY CE2  C  Y N 176 
OMY CE1  C  Y N 177 
OMY CZ   C  Y N 178 
OMY CG   C  Y N 179 
OMY CD2  C  Y N 180 
OMY CD1  C  Y N 181 
OMY CB   C  N R 182 
OMY CL   CL N N 183 
OMY O    O  N N 184 
OMY C    C  N N 185 
OMY ODE  O  N N 186 
OMY OXT  O  N N 187 
OMY H    H  N N 188 
OMY H2   H  N N 189 
OMY HA   H  N N 190 
OMY HCZ  H  N N 191 
OMY HE2  H  N N 192 
OMY HD2  H  N N 193 
OMY HD1  H  N N 194 
OMY HB   H  N N 195 
OMY HXT  H  N N 196 
OMY HDE  H  N N 197 
OMZ N    N  N N 198 
OMZ CA   C  N R 199 
OMZ C    C  N N 200 
OMZ O    O  N N 201 
OMZ OXT  O  N N 202 
OMZ CB   C  N R 203 
OMZ OC   O  N N 204 
OMZ CG   C  Y N 205 
OMZ CD1  C  Y N 206 
OMZ CD2  C  Y N 207 
OMZ CE1  C  Y N 208 
OMZ CL   CL N N 209 
OMZ CE2  C  Y N 210 
OMZ CZ   C  Y N 211 
OMZ OH   O  N N 212 
OMZ H    H  N N 213 
OMZ H2   H  N N 214 
OMZ HA   H  N N 215 
OMZ HB   H  N N 216 
OMZ HXT  H  N N 217 
OMZ HC   H  N N 218 
OMZ HD1  H  N N 219 
OMZ HD2  H  N N 220 
OMZ HE2  H  N N 221 
OMZ HH   H  N N 222 
PGR C1   C  N N 223 
PGR C2   C  N R 224 
PGR C3   C  N N 225 
PGR O1   O  N N 226 
PGR O2   O  N N 227 
PGR H11  H  N N 228 
PGR H12  H  N N 229 
PGR H2   H  N N 230 
PGR H31  H  N N 231 
PGR H32  H  N N 232 
PGR H33  H  N N 233 
PGR HO1  H  N N 234 
PGR HO2  H  N N 235 
# 
loop_
_chem_comp_bond.comp_id 
_chem_comp_bond.atom_id_1 
_chem_comp_bond.atom_id_2 
_chem_comp_bond.value_order 
_chem_comp_bond.pdbx_aromatic_flag 
_chem_comp_bond.pdbx_stereo_config 
_chem_comp_bond.pdbx_ordinal 
3FG N   CA   sing N N 1   
3FG OD1 CD1  sing N N 2   
3FG CD1 CG1  sing Y N 3   
3FG CD1 CZ   doub Y N 4   
3FG CG1 CB   doub Y N 5   
3FG CZ  CD2  sing Y N 6   
3FG CD2 OD2  sing N N 7   
3FG CD2 CG2  doub Y N 8   
3FG CG2 CB   sing Y N 9   
3FG CB  CA   sing N N 10  
3FG CA  C    sing N N 11  
3FG C   O    doub N N 12  
3FG C   OXT  sing N N 13  
3FG N   H    sing N N 14  
3FG N   H2   sing N N 15  
3FG CA  HA   sing N N 16  
3FG OD1 HD1  sing N N 17  
3FG CG1 HG1  sing N N 18  
3FG CZ  HZ   sing N N 19  
3FG OD2 HD2  sing N N 20  
3FG CG2 HG2  sing N N 21  
3FG OXT HXT  sing N N 22  
ASN N   CA   sing N N 23  
ASN N   H    sing N N 24  
ASN N   H2   sing N N 25  
ASN CA  C    sing N N 26  
ASN CA  CB   sing N N 27  
ASN CA  HA   sing N N 28  
ASN C   O    doub N N 29  
ASN C   OXT  sing N N 30  
ASN CB  CG   sing N N 31  
ASN CB  HB2  sing N N 32  
ASN CB  HB3  sing N N 33  
ASN CG  OD1  doub N N 34  
ASN CG  ND2  sing N N 35  
ASN ND2 HD21 sing N N 36  
ASN ND2 HD22 sing N N 37  
ASN OXT HXT  sing N N 38  
DAL N   CA   sing N N 39  
DAL N   H    sing N N 40  
DAL N   H2   sing N N 41  
DAL CA  CB   sing N N 42  
DAL CA  C    sing N N 43  
DAL CA  HA   sing N N 44  
DAL CB  HB1  sing N N 45  
DAL CB  HB2  sing N N 46  
DAL CB  HB3  sing N N 47  
DAL C   O    doub N N 48  
DAL C   OXT  sing N N 49  
DAL OXT HXT  sing N N 50  
DVC O5  C1   sing N N 51  
DVC C2  C1   sing N N 52  
DVC C1  O1   sing N N 53  
DVC C1  H1   sing N N 54  
DVC O1  HO1  sing N N 55  
DVC C3  C2   sing N N 56  
DVC C2  H2   sing N N 57  
DVC C2  H2A  sing N N 58  
DVC C4  C3   sing N N 59  
DVC N3  C3   sing N N 60  
DVC C3  C3M  sing N N 61  
DVC N3  HN3  sing N N 62  
DVC N3  HN3A sing N N 63  
DVC O41 C4   sing N N 64  
DVC O4  C4   sing N N 65  
DVC C4  C5   sing N N 66  
DVC O4  HO4  sing N N 67  
DVC C6  C5   sing N N 68  
DVC C5  O5   sing N N 69  
DVC C5  H5   sing N N 70  
DVC C6  H6   sing N N 71  
DVC C6  H6A  sing N N 72  
DVC C6  H6B  sing N N 73  
DVC C3M H3M  sing N N 74  
DVC C3M H3MA sing N N 75  
DVC C3M H3MB sing N N 76  
DVC O41 HO41 sing N N 77  
FGA N   CA   sing N N 78  
FGA N   H    sing N N 79  
FGA N   H2   sing N N 80  
FGA CA  C    sing N N 81  
FGA CA  CB   sing N N 82  
FGA CA  HA   sing N N 83  
FGA C   O    doub N N 84  
FGA C   OXT  sing N N 85  
FGA CB  CG   sing N N 86  
FGA CB  HB2  sing N N 87  
FGA CB  HB3  sing N N 88  
FGA CG  CD   sing N N 89  
FGA CG  HG2  sing N N 90  
FGA CG  HG3  sing N N 91  
FGA CD  OE1  doub N N 92  
FGA CD  OE2  sing N N 93  
FGA OE2 HE2  sing N N 94  
FGA OXT HXT  sing N N 95  
GHP N   CA   sing N N 96  
GHP N   H    sing N N 97  
GHP N   H2   sing N N 98  
GHP CA  C    sing N N 99  
GHP CA  C1   sing N N 100 
GHP CA  HA   sing N N 101 
GHP C   O    doub N N 102 
GHP C   OXT  sing N N 103 
GHP OXT HXT  sing N N 104 
GHP C1  C2   doub Y N 105 
GHP C1  C6   sing Y N 106 
GHP C2  C3   sing Y N 107 
GHP C2  HC2  sing N N 108 
GHP C3  C4   doub Y N 109 
GHP C3  H3   sing N N 110 
GHP C4  O4   sing N N 111 
GHP C4  C5   sing Y N 112 
GHP O4  HO4  sing N N 113 
GHP C5  C6   doub Y N 114 
GHP C5  H5   sing N N 115 
GHP C6  H6   sing N N 116 
HOH O   H1   sing N N 117 
HOH O   H2   sing N N 118 
LYS N   CA   sing N N 119 
LYS N   H    sing N N 120 
LYS N   H2   sing N N 121 
LYS CA  C    sing N N 122 
LYS CA  CB   sing N N 123 
LYS CA  HA   sing N N 124 
LYS C   O    doub N N 125 
LYS C   OXT  sing N N 126 
LYS CB  CG   sing N N 127 
LYS CB  HB2  sing N N 128 
LYS CB  HB3  sing N N 129 
LYS CG  CD   sing N N 130 
LYS CG  HG2  sing N N 131 
LYS CG  HG3  sing N N 132 
LYS CD  CE   sing N N 133 
LYS CD  HD2  sing N N 134 
LYS CD  HD3  sing N N 135 
LYS CE  NZ   sing N N 136 
LYS CE  HE2  sing N N 137 
LYS CE  HE3  sing N N 138 
LYS NZ  HZ1  sing N N 139 
LYS NZ  HZ2  sing N N 140 
LYS NZ  HZ3  sing N N 141 
LYS OXT HXT  sing N N 142 
MLU N   CN   sing N N 143 
MLU N   CA   sing N N 144 
MLU CA  C    sing N N 145 
MLU CA  CB   sing N N 146 
MLU C   O    doub N N 147 
MLU C   OXT  sing N N 148 
MLU CB  CG   sing N N 149 
MLU CG  CD1  sing N N 150 
MLU CG  CD2  sing N N 151 
MLU N   H    sing N N 152 
MLU CN  HCN1 sing N N 153 
MLU CN  HCN2 sing N N 154 
MLU CN  HCN3 sing N N 155 
MLU CA  HA   sing N N 156 
MLU CB  HB2  sing N N 157 
MLU CB  HB3  sing N N 158 
MLU OXT HXT  sing N N 159 
MLU CG  HG   sing N N 160 
MLU CD1 HD11 sing N N 161 
MLU CD1 HD12 sing N N 162 
MLU CD1 HD13 sing N N 163 
MLU CD2 HD21 sing N N 164 
MLU CD2 HD22 sing N N 165 
MLU CD2 HD23 sing N N 166 
OMY N   CA   sing N N 167 
OMY OCZ CZ   sing N N 168 
OMY CZ  CE2  sing Y N 169 
OMY CZ  CE1  doub Y N 170 
OMY CE2 CD2  doub Y N 171 
OMY CD2 CG   sing Y N 172 
OMY CG  CD1  doub Y N 173 
OMY CG  CB   sing N N 174 
OMY CD1 CE1  sing Y N 175 
OMY CE1 CL   sing N N 176 
OMY C   O    doub N N 177 
OMY C   CA   sing N N 178 
OMY C   OXT  sing N N 179 
OMY CA  CB   sing N N 180 
OMY CB  ODE  sing N N 181 
OMY N   H    sing N N 182 
OMY N   H2   sing N N 183 
OMY CA  HA   sing N N 184 
OMY OCZ HCZ  sing N N 185 
OMY CE2 HE2  sing N N 186 
OMY CD2 HD2  sing N N 187 
OMY CD1 HD1  sing N N 188 
OMY CB  HB   sing N N 189 
OMY OXT HXT  sing N N 190 
OMY ODE HDE  sing N N 191 
OMZ N   CA   sing N N 192 
OMZ CA  C    sing N N 193 
OMZ CA  CB   sing N N 194 
OMZ C   O    doub N N 195 
OMZ C   OXT  sing N N 196 
OMZ CL  CE1  sing N N 197 
OMZ CB  OC   sing N N 198 
OMZ CB  CG   sing N N 199 
OMZ CG  CD1  doub Y N 200 
OMZ CG  CD2  sing Y N 201 
OMZ CD1 CE1  sing Y N 202 
OMZ CD2 CE2  doub Y N 203 
OMZ CE1 CZ   doub Y N 204 
OMZ CE2 CZ   sing Y N 205 
OMZ CZ  OH   sing N N 206 
OMZ N   H    sing N N 207 
OMZ N   H2   sing N N 208 
OMZ CA  HA   sing N N 209 
OMZ CB  HB   sing N N 210 
OMZ OXT HXT  sing N N 211 
OMZ OC  HC   sing N N 212 
OMZ CD1 HD1  sing N N 213 
OMZ CD2 HD2  sing N N 214 
OMZ CE2 HE2  sing N N 215 
OMZ OH  HH   sing N N 216 
PGR C1  C2   sing N N 217 
PGR C1  O1   sing N N 218 
PGR C1  H11  sing N N 219 
PGR C1  H12  sing N N 220 
PGR C2  C3   sing N N 221 
PGR C2  O2   sing N N 222 
PGR C2  H2   sing N N 223 
PGR C3  H31  sing N N 224 
PGR C3  H32  sing N N 225 
PGR C3  H33  sing N N 226 
PGR O1  HO1  sing N N 227 
PGR O2  HO2  sing N N 228 
# 
_atom_sites.entry_id                    1HHZ 
_atom_sites.fract_transf_matrix[1][1]   -0.01509191 
_atom_sites.fract_transf_matrix[1][2]   0.00931985 
_atom_sites.fract_transf_matrix[1][3]   0.01603565 
_atom_sites.fract_transf_matrix[2][1]   0.00533887 
_atom_sites.fract_transf_matrix[2][2]   -0.00076176 
_atom_sites.fract_transf_matrix[2][3]   0.02329592 
_atom_sites.fract_transf_matrix[3][1]   0.01178444 
_atom_sites.fract_transf_matrix[3][2]   0.02246574 
_atom_sites.fract_transf_matrix[3][3]   -0.00196610 
_atom_sites.fract_transf_vector[1]      0.687751 
_atom_sites.fract_transf_vector[2]      0.190614 
_atom_sites.fract_transf_vector[3]      0.568795 
# 
loop_
_atom_type.symbol 
C  
CL 
N  
O  
# 
loop_
_atom_site.group_PDB 
_atom_site.id 
_atom_site.type_symbol 
_atom_site.label_atom_id 
_atom_site.label_alt_id 
_atom_site.label_comp_id 
_atom_site.label_asym_id 
_atom_site.label_entity_id 
_atom_site.label_seq_id 
_atom_site.pdbx_PDB_ins_code 
_atom_site.Cartn_x 
_atom_site.Cartn_y 
_atom_site.Cartn_z 
_atom_site.occupancy 
_atom_site.B_iso_or_equiv 
_atom_site.pdbx_formal_charge 
_atom_site.auth_seq_id 
_atom_site.auth_comp_id 
_atom_site.auth_asym_id 
_atom_site.auth_atom_id 
_atom_site.pdbx_PDB_model_num 
HETATM 1   N  N   . MLU A 1 1 ? -3.498  9.148   5.220   1.00 14.60 ? 1    MLU A N   1 
HETATM 2   C  CN  . MLU A 1 1 ? -3.858  10.144  6.178   1.00 19.84 ? 1    MLU A CN  1 
HETATM 3   C  CA  . MLU A 1 1 ? -4.134  9.240   3.909   1.00 12.08 ? 1    MLU A CA  1 
HETATM 4   C  C   . MLU A 1 1 ? -3.773  10.622  3.325   1.00 11.67 ? 1    MLU A C   1 
HETATM 5   O  O   . MLU A 1 1 ? -2.690  11.055  3.584   1.00 15.39 ? 1    MLU A O   1 
HETATM 6   C  CB  . MLU A 1 1 ? -3.616  8.189   2.932   1.00 11.84 ? 1    MLU A CB  1 
HETATM 7   C  CG  . MLU A 1 1 ? -3.816  6.720   3.313   1.00 12.07 ? 1    MLU A CG  1 
HETATM 8   C  CD1 . MLU A 1 1 ? -5.248  6.406   3.566   1.00 17.04 ? 1    MLU A CD1 1 
HETATM 9   C  CD2 . MLU A 1 1 ? -3.211  5.876   2.234   1.00 13.32 ? 1    MLU A CD2 1 
HETATM 10  N  N   . OMZ A 1 2 ? -4.657  11.194  2.474   1.00 11.00 ? 2    OMZ A N   1 
HETATM 11  C  CA  . OMZ A 1 2 ? -4.265  12.386  1.715   1.00 10.70 ? 2    OMZ A CA  1 
HETATM 12  C  C   . OMZ A 1 2 ? -3.898  12.080  0.283   1.00 9.53  ? 2    OMZ A C   1 
HETATM 13  O  O   . OMZ A 1 2 ? -3.387  13.003  -0.376  1.00 10.72 ? 2    OMZ A O   1 
HETATM 14  C  CB  . OMZ A 1 2 ? -5.349  13.548  1.748   1.00 11.86 ? 2    OMZ A CB  1 
HETATM 15  O  OC  . OMZ A 1 2 ? -5.662  13.772  3.141   1.00 15.62 ? 2    OMZ A OC  1 
HETATM 16  C  CG  . OMZ A 1 2 ? -6.542  13.224  0.958   1.00 11.89 ? 2    OMZ A CG  1 
HETATM 17  C  CD1 . OMZ A 1 2 ? -6.573  13.620  -0.377  1.00 11.82 ? 2    OMZ A CD1 1 
HETATM 18  C  CD2 . OMZ A 1 2 ? -7.570  12.440  1.463   1.00 12.52 ? 2    OMZ A CD2 1 
HETATM 19  C  CE1 . OMZ A 1 2 ? -7.637  13.183  -1.198  1.00 11.38 ? 2    OMZ A CE1 1 
HETATM 20  CL CL  . OMZ A 1 2 ? -7.724  13.648  -2.792  1.00 15.14 ? 2    OMZ A CL  1 
HETATM 21  C  CE2 . OMZ A 1 2 ? -8.588  12.026  0.682   1.00 12.61 ? 2    OMZ A CE2 1 
HETATM 22  C  CZ  . OMZ A 1 2 ? -8.563  12.345  -0.685  1.00 11.97 ? 2    OMZ A CZ  1 
HETATM 23  O  OH  . OMZ A 1 2 ? -9.568  11.812  -1.496  1.00 12.82 ? 2    OMZ A OH  1 
ATOM   24  N  N   . ASN A 1 3 ? -4.111  10.871  -0.208  1.00 8.38  ? 3    ASN A N   1 
ATOM   25  C  CA  . ASN A 1 3 ? -3.478  10.445  -1.448  1.00 8.09  ? 3    ASN A CA  1 
ATOM   26  C  C   . ASN A 1 3 ? -4.471  10.034  -2.572  1.00 7.88  ? 3    ASN A C   1 
ATOM   27  O  O   . ASN A 1 3 ? -4.369  10.528  -3.669  1.00 8.59  ? 3    ASN A O   1 
ATOM   28  C  CB  . ASN A 1 3 ? -2.513  9.298   -1.215  1.00 8.10  ? 3    ASN A CB  1 
ATOM   29  C  CG  . ASN A 1 3 ? -1.494  9.613   -0.142  1.00 8.37  ? 3    ASN A CG  1 
ATOM   30  O  OD1 . ASN A 1 3 ? -1.138  10.774  0.082   1.00 10.07 ? 3    ASN A OD1 1 
ATOM   31  N  ND2 . ASN A 1 3 ? -1.058  8.585   0.549   1.00 8.22  ? 3    ASN A ND2 1 
HETATM 32  N  N   . GHP A 1 4 ? -5.349  9.073   -2.260  1.00 7.80  ? 4    GHP A N   1 
HETATM 33  C  CA  . GHP A 1 4 ? -6.264  8.541   -3.234  1.00 7.50  ? 4    GHP A CA  1 
HETATM 34  C  C   . GHP A 1 4 ? -6.226  7.016   -3.200  1.00 7.24  ? 4    GHP A C   1 
HETATM 35  O  O   . GHP A 1 4 ? -6.181  6.399   -2.151  1.00 7.90  ? 4    GHP A O   1 
HETATM 36  C  C1  . GHP A 1 4 ? -7.721  9.003   -3.031  1.00 8.21  ? 4    GHP A C1  1 
HETATM 37  C  C2  . GHP A 1 4 ? -7.973  10.186  -2.330  1.00 9.42  ? 4    GHP A C2  1 
HETATM 38  C  C3  . GHP A 1 4 ? -9.246  10.669  -2.212  1.00 10.63 ? 4    GHP A C3  1 
HETATM 39  C  C4  . GHP A 1 4 ? -10.331 9.970   -2.749  1.00 10.83 ? 4    GHP A C4  1 
HETATM 40  O  O4  . GHP A 1 4 ? -11.601 10.378  -2.568  1.00 13.52 ? 4    GHP A O4  1 
HETATM 41  C  C5  . GHP A 1 4 ? -10.063 8.824   -3.425  1.00 10.29 ? 4    GHP A C5  1 
HETATM 42  C  C6  . GHP A 1 4 ? -8.757  8.323   -3.570  1.00 9.33  ? 4    GHP A C6  1 
HETATM 43  N  N   . GHP A 1 5 ? -6.266  6.418   -4.398  1.00 6.82  ? 5    GHP A N   1 
HETATM 44  C  CA  . GHP A 1 5 ? -6.618  5.043   -4.545  1.00 6.68  ? 5    GHP A CA  1 
HETATM 45  C  C   . GHP A 1 5 ? -7.250  4.872   -5.952  1.00 6.98  ? 5    GHP A C   1 
HETATM 46  O  O   . GHP A 1 5 ? -6.996  5.713   -6.801  1.00 7.34  ? 5    GHP A O   1 
HETATM 47  C  C1  . GHP A 1 5 ? -5.475  4.009   -4.493  1.00 6.46  ? 5    GHP A C1  1 
HETATM 48  C  C2  . GHP A 1 5 ? -4.401  4.084   -5.358  1.00 6.12  ? 5    GHP A C2  1 
HETATM 49  C  C3  . GHP A 1 5 ? -3.475  3.058   -5.395  1.00 6.04  ? 5    GHP A C3  1 
HETATM 50  C  C4  . GHP A 1 5 ? -3.639  1.946   -4.585  1.00 5.92  ? 5    GHP A C4  1 
HETATM 51  O  O4  . GHP A 1 5 ? -2.709  0.939   -4.690  1.00 6.05  ? 5    GHP A O4  1 
HETATM 52  C  C5  . GHP A 1 5 ? -4.705  1.850   -3.699  1.00 6.34  ? 5    GHP A C5  1 
HETATM 53  C  C6  . GHP A 1 5 ? -5.591  2.911   -3.643  1.00 6.37  ? 5    GHP A C6  1 
HETATM 54  N  N   . OMY A 1 6 ? -8.011  3.793   -6.208  1.00 7.48  ? 6    OMY A N   1 
HETATM 55  C  CA  . OMY A 1 6 ? -8.508  2.816   -5.266  1.00 7.45  ? 6    OMY A CA  1 
HETATM 56  O  OCZ . OMY A 1 6 ? -11.171 8.142   -3.903  1.00 11.21 ? 6    OMY A OCZ 1 
HETATM 57  C  CE2 . OMY A 1 6 ? -10.961 6.448   -5.586  1.00 9.85  ? 6    OMY A CE2 1 
HETATM 58  C  CE1 . OMY A 1 6 ? -10.875 5.825   -3.230  1.00 10.26 ? 6    OMY A CE1 1 
HETATM 59  C  CZ  . OMY A 1 6 ? -11.006 6.816   -4.226  1.00 9.98  ? 6    OMY A CZ  1 
HETATM 60  C  CG  . OMY A 1 6 ? -10.557 4.146   -4.948  1.00 8.86  ? 6    OMY A CG  1 
HETATM 61  C  CD2 . OMY A 1 6 ? -10.720 5.133   -5.924  1.00 9.36  ? 6    OMY A CD2 1 
HETATM 62  C  CD1 . OMY A 1 6 ? -10.622 4.522   -3.602  1.00 9.60  ? 6    OMY A CD1 1 
HETATM 63  C  CB  . OMY A 1 6 ? -10.043 2.793   -5.301  1.00 8.39  ? 6    OMY A CB  1 
HETATM 64  CL CL  . OMY A 1 6 ? -10.926 6.249   -1.594  1.00 15.07 ? 6    OMY A CL  1 
HETATM 65  O  O   . OMY A 1 6 ? -7.459  1.138   -6.617  1.00 7.95  ? 6    OMY A O   1 
HETATM 66  C  C   . OMY A 1 6 ? -7.826  1.494   -5.504  1.00 7.28  ? 6    OMY A C   1 
HETATM 67  O  ODE . OMY A 1 6 ? -10.404 2.370   -6.611  1.00 9.05  ? 6    OMY A ODE 1 
HETATM 68  N  N   . 3FG A 1 7 ? -7.592  0.763   -4.392  1.00 7.50  ? 7    3FG A N   1 
HETATM 69  O  OD1 . 3FG A 1 7 ? -3.356  1.627   -1.332  1.00 7.53  ? 7    3FG A OD1 1 
HETATM 70  C  CD1 . 3FG A 1 7 ? -4.243  0.632   -1.564  1.00 6.96  ? 7    3FG A CD1 1 
HETATM 71  C  CG1 . 3FG A 1 7 ? -4.923  0.690   -2.791  1.00 6.42  ? 7    3FG A CG1 1 
HETATM 72  C  CZ  . 3FG A 1 7 ? -4.485  -0.360  -0.633  1.00 7.87  ? 7    3FG A CZ  1 
HETATM 73  C  CD2 . 3FG A 1 7 ? -5.440  -1.323  -0.937  1.00 8.45  ? 7    3FG A CD2 1 
HETATM 74  O  OD2 . 3FG A 1 7 ? -5.694  -2.269  0.009   1.00 11.03 ? 7    3FG A OD2 1 
HETATM 75  C  CG2 . 3FG A 1 7 ? -6.113  -1.304  -2.128  1.00 8.03  ? 7    3FG A CG2 1 
HETATM 76  C  CB  . 3FG A 1 7 ? -5.866  -0.318  -3.064  1.00 7.06  ? 7    3FG A CB  1 
HETATM 77  C  CA  . 3FG A 1 7 ? -6.635  -0.337  -4.391  1.00 6.87  ? 7    3FG A CA  1 
HETATM 78  C  C   . 3FG A 1 7 ? -7.237  -1.688  -4.696  1.00 8.28  ? 7    3FG A C   1 
HETATM 79  O  O   . 3FG A 1 7 ? -8.493  -1.830  -4.657  1.00 9.99  ? 7    3FG A O   1 
HETATM 80  O  OXT . 3FG A 1 7 ? -6.440  -2.624  -4.970  1.00 8.29  ? 7    3FG A OXT 1 
HETATM 81  N  N   . MLU B 1 1 ? 3.303   -13.652 4.777   1.00 9.51  ? 1    MLU B N   1 
HETATM 82  C  CN  . MLU B 1 1 ? 3.668   -13.431 6.195   1.00 10.20 ? 1    MLU B CN  1 
HETATM 83  C  CA  . MLU B 1 1 ? 2.692   -12.451 4.099   1.00 8.71  ? 1    MLU B CA  1 
HETATM 84  C  C   . MLU B 1 1 ? 2.780   -12.664 2.606   1.00 8.85  ? 1    MLU B C   1 
HETATM 85  O  O   . MLU B 1 1 ? 2.340   -13.663 2.103   1.00 12.19 ? 1    MLU B O   1 
HETATM 86  C  CB  . MLU B 1 1 ? 1.211   -12.285 4.444   1.00 9.74  ? 1    MLU B CB  1 
HETATM 87  C  CG  . MLU B 1 1 ? 0.739   -10.857 4.282   1.00 11.28 ? 1    MLU B CG  1 
HETATM 88  C  CD1 . MLU B 1 1 ? 1.142   -10.043 5.437   1.00 13.85 ? 1    MLU B CD1 1 
HETATM 89  C  CD2 . MLU B 1 1 ? -0.719  -10.872 4.000   1.00 16.52 ? 1    MLU B CD2 1 
HETATM 90  N  N   . OMZ B 1 2 ? 3.414   -11.665 1.905   1.00 8.58  ? 2    OMZ B N   1 
HETATM 91  C  CA  . OMZ B 1 2 ? 3.552   -11.786 0.450   1.00 9.38  ? 2    OMZ B CA  1 
HETATM 92  C  C   . OMZ B 1 2 ? 2.729   -10.747 -0.300  1.00 9.14  ? 2    OMZ B C   1 
HETATM 93  O  O   . OMZ B 1 2 ? 2.646   -10.913 -1.554  1.00 10.64 ? 2    OMZ B O   1 
HETATM 94  C  CB  . OMZ B 1 2 ? 4.996   -11.818 -0.035  1.00 10.70 ? 2    OMZ B CB  1 
HETATM 95  O  OC  . OMZ B 1 2 ? 5.706   -12.838 0.712   1.00 11.79 ? 2    OMZ B OC  1 
HETATM 96  C  CG  . OMZ B 1 2 ? 5.717   -10.513 0.102   1.00 9.22  ? 2    OMZ B CG  1 
HETATM 97  C  CD1 . OMZ B 1 2 ? 5.731   -9.659  -0.980  1.00 9.06  ? 2    OMZ B CD1 1 
HETATM 98  C  CD2 . OMZ B 1 2 ? 6.272   -10.078 1.309   1.00 9.45  ? 2    OMZ B CD2 1 
HETATM 99  C  CE1 . OMZ B 1 2 ? 6.254   -8.347  -0.857  1.00 8.84  ? 2    OMZ B CE1 1 
HETATM 100 CL CL  . OMZ B 1 2 ? 6.282   -7.295  -2.162  1.00 11.48 ? 2    OMZ B CL  1 
HETATM 101 C  CE2 . OMZ B 1 2 ? 6.761   -8.796  1.445   1.00 9.14  ? 2    OMZ B CE2 1 
HETATM 102 C  CZ  . OMZ B 1 2 ? 6.703   -7.915  0.374   1.00 8.93  ? 2    OMZ B CZ  1 
HETATM 103 O  OH  . OMZ B 1 2 ? 7.094   -6.599  0.579   1.00 8.93  ? 2    OMZ B OH  1 
ATOM   104 N  N   . ASN B 1 3 ? 2.169   -9.741  0.313   1.00 8.72  ? 3    ASN B N   1 
ATOM   105 C  CA  . ASN B 1 3 ? 1.202   -8.854  -0.297  1.00 8.44  ? 3    ASN B CA  1 
ATOM   106 C  C   . ASN B 1 3 ? 1.652   -7.397  -0.449  1.00 7.52  ? 3    ASN B C   1 
ATOM   107 O  O   . ASN B 1 3 ? 1.635   -6.867  -1.535  1.00 9.27  ? 3    ASN B O   1 
ATOM   108 C  CB  . ASN B 1 3 ? -0.138  -8.889  0.410   1.00 11.77 ? 3    ASN B CB  1 
ATOM   109 C  CG  . ASN B 1 3 ? -0.990  -10.016 -0.058  1.00 19.27 ? 3    ASN B CG  1 
ATOM   110 O  OD1 . ASN B 1 3 ? -0.639  -10.753 -0.970  1.00 24.95 ? 3    ASN B OD1 1 
ATOM   111 N  ND2 . ASN B 1 3 ? -2.142  -10.095 0.595   1.00 21.72 ? 3    ASN B ND2 1 
HETATM 112 N  N   . GHP B 1 4 ? 2.007   -6.776  0.694   1.00 6.51  ? 4    GHP B N   1 
HETATM 113 C  CA  . GHP B 1 4 ? 2.294   -5.380  0.718   1.00 6.02  ? 4    GHP B CA  1 
HETATM 114 C  C   . GHP B 1 4 ? 1.468   -4.736  1.837   1.00 5.73  ? 4    GHP B C   1 
HETATM 115 O  O   . GHP B 1 4 ? 1.494   -5.166  2.970   1.00 6.37  ? 4    GHP B O   1 
HETATM 116 C  C1  . GHP B 1 4 ? 3.767   -5.060  0.974   1.00 6.16  ? 4    GHP B C1  1 
HETATM 117 C  C2  . GHP B 1 4 ? 4.724   -5.996  0.670   1.00 7.03  ? 4    GHP B C2  1 
HETATM 118 C  C3  . GHP B 1 4 ? 6.057   -5.712  0.849   1.00 7.43  ? 4    GHP B C3  1 
HETATM 119 C  C4  . GHP B 1 4 ? 6.480   -4.478  1.356   1.00 7.34  ? 4    GHP B C4  1 
HETATM 120 O  O4  . GHP B 1 4 ? 7.773   -4.159  1.558   1.00 9.89  ? 4    GHP B O4  1 
HETATM 121 C  C5  . GHP B 1 4 ? 5.487   -3.572  1.680   1.00 6.93  ? 4    GHP B C5  1 
HETATM 122 C  C6  . GHP B 1 4 ? 4.140   -3.846  1.471   1.00 6.25  ? 4    GHP B C6  1 
HETATM 123 N  N   . GHP B 1 5 ? 0.796   -3.628  1.485   1.00 5.88  ? 5    GHP B N   1 
HETATM 124 C  CA  . GHP B 1 5 ? 0.297   -2.728  2.488   1.00 5.72  ? 5    GHP B CA  1 
HETATM 125 C  C   . GHP B 1 5 ? 0.415   -1.301  1.922   1.00 5.76  ? 5    GHP B C   1 
HETATM 126 O  O   . GHP B 1 5 ? 0.367   -1.156  0.687   1.00 6.35  ? 5    GHP B O   1 
HETATM 127 C  C1  . GHP B 1 5 ? -1.119  -2.895  2.948   1.00 5.81  ? 5    GHP B C1  1 
HETATM 128 C  C2  . GHP B 1 5 ? -2.205  -2.759  2.102   1.00 7.71  ? 5    GHP B C2  1 
HETATM 129 C  C3  . GHP B 1 5 ? -3.475  -2.770  2.591   1.00 8.64  ? 5    GHP B C3  1 
HETATM 130 C  C4  . GHP B 1 5 ? -3.712  -2.835  3.954   1.00 8.26  ? 5    GHP B C4  1 
HETATM 131 O  O4  . GHP B 1 5 ? -4.986  -2.763  4.462   1.00 10.37 ? 5    GHP B O4  1 
HETATM 132 C  C5  . GHP B 1 5 ? -2.653  -2.950  4.853   1.00 6.34  ? 5    GHP B C5  1 
HETATM 133 C  C6  . GHP B 1 5 ? -1.381  -3.015  4.326   1.00 5.69  ? 5    GHP B C6  1 
HETATM 134 N  N   . OMY B 1 6 ? 0.522   -0.261  2.723   1.00 5.60  ? 6    OMY B N   1 
HETATM 135 C  CA  . OMY B 1 6 ? 0.538   -0.300  4.180   1.00 5.80  ? 6    OMY B CA  1 
HETATM 136 O  OCZ . OMY B 1 6 ? 5.944   -2.368  2.226   1.00 7.32  ? 6    OMY B OCZ 1 
HETATM 137 C  CE2 . OMY B 1 6 ? 4.543   -0.451  2.316   1.00 6.41  ? 6    OMY B CE2 1 
HETATM 138 C  CE1 . OMY B 1 6 ? 4.490   -2.009  4.138   1.00 6.41  ? 6    OMY B CE1 1 
HETATM 139 C  CZ  . OMY B 1 6 ? 4.984   -1.609  2.902   1.00 6.26  ? 6    OMY B CZ  1 
HETATM 140 C  CG  . OMY B 1 6 ? 3.006   -0.103  4.140   1.00 5.88  ? 6    OMY B CG  1 
HETATM 141 C  CD2 . OMY B 1 6 ? 3.520   0.310   2.928   1.00 6.17  ? 6    OMY B CD2 1 
HETATM 142 C  CD1 . OMY B 1 6 ? 3.506   -1.261  4.752   1.00 6.08  ? 6    OMY B CD1 1 
HETATM 143 C  CB  . OMY B 1 6 ? 1.756   0.514   4.692   1.00 5.98  ? 6    OMY B CB  1 
HETATM 144 CL CL  . OMY B 1 6 ? 5.096   -3.417  4.921   1.00 8.49  ? 6    OMY B CL  1 
HETATM 145 O  O   . OMY B 1 6 ? -1.564  0.805   4.073   1.00 7.00  ? 6    OMY B O   1 
HETATM 146 C  C   . OMY B 1 6 ? -0.790  0.116   4.733   1.00 5.98  ? 6    OMY B C   1 
HETATM 147 O  ODE . OMY B 1 6 ? 1.533   1.836   4.241   1.00 6.09  ? 6    OMY B ODE 1 
HETATM 148 N  N   . 3FG B 1 7 ? -1.093  -0.384  5.909   1.00 6.25  ? 7    3FG B N   1 
HETATM 149 O  OD1 . 3FG B 1 7 ? -3.129  -5.290  6.292   1.00 7.54  ? 7    3FG B OD1 1 
HETATM 150 C  CD1 . 3FG B 1 7 ? -2.965  -4.151  7.018   1.00 6.86  ? 7    3FG B CD1 1 
HETATM 151 C  CG1 . 3FG B 1 7 ? -2.807  -2.962  6.331   1.00 6.56  ? 7    3FG B CG1 1 
HETATM 152 C  CZ  . 3FG B 1 7 ? -2.916  -4.184  8.419   1.00 7.35  ? 7    3FG B CZ  1 
HETATM 153 C  CD2 . 3FG B 1 7 ? -2.709  -3.049  9.107   1.00 7.25  ? 7    3FG B CD2 1 
HETATM 154 O  OD2 . 3FG B 1 7 ? -2.616  -3.116  10.471  1.00 9.19  ? 7    3FG B OD2 1 
HETATM 155 C  CG2 . 3FG B 1 7 ? -2.627  -1.832  8.441   1.00 7.14  ? 7    3FG B CG2 1 
HETATM 156 C  CB  . 3FG B 1 7 ? -2.676  -1.783  7.081   1.00 6.58  ? 7    3FG B CB  1 
HETATM 157 C  CA  . 3FG B 1 7 ? -2.473  -0.449  6.372   1.00 7.03  ? 7    3FG B CA  1 
HETATM 158 C  C   . 3FG B 1 7 ? -2.886  0.723   7.262   1.00 8.36  ? 7    3FG B C   1 
HETATM 159 O  O   . 3FG B 1 7 ? -2.009  1.461   7.727   1.00 9.71  ? 7    3FG B O   1 
HETATM 160 O  OXT . 3FG B 1 7 ? -4.139  0.827   7.435   1.00 10.95 ? 7    3FG B OXT 1 
HETATM 161 N  N   . MLU C 1 1 ? 2.522   9.695   -4.435  1.00 7.19  ? 1    MLU C N   1 
HETATM 162 C  CN  . MLU C 1 1 ? 3.913   9.632   -3.920  1.00 7.49  ? 1    MLU C CN  1 
HETATM 163 C  CA  . MLU C 1 1 ? 1.659   8.514   -4.073  1.00 6.12  ? 1    MLU C CA  1 
HETATM 164 C  C   . MLU C 1 1 ? 1.534   8.529   -2.573  1.00 5.96  ? 1    MLU C C   1 
HETATM 165 O  O   . MLU C 1 1 ? 0.955   9.426   -2.005  1.00 7.28  ? 1    MLU C O   1 
HETATM 166 C  CB  . MLU C 1 1 ? 0.300   8.678   -4.742  1.00 7.21  ? 1    MLU C CB  1 
HETATM 167 C  CG  . MLU C 1 1 ? -0.719  7.583   -4.455  1.00 7.27  ? 1    MLU C CG  1 
HETATM 168 C  CD1 . MLU C 1 1 ? -0.276  6.241   -5.029  1.00 7.53  ? 1    MLU C CD1 1 
HETATM 169 C  CD2 . MLU C 1 1 ? -2.058  7.962   -4.995  1.00 8.87  ? 1    MLU C CD2 1 
HETATM 170 N  N   . OMZ C 1 2 ? 2.130   7.471   -1.913  1.00 5.45  ? 2    OMZ C N   1 
HETATM 171 C  CA  . OMZ C 1 2 ? 2.070   7.439   -0.471  1.00 5.57  ? 2    OMZ C CA  1 
HETATM 172 C  C   . OMZ C 1 2 ? 1.348   6.211   0.081   1.00 5.57  ? 2    OMZ C C   1 
HETATM 173 O  O   . OMZ C 1 2 ? 1.072   6.203   1.289   1.00 6.91  ? 2    OMZ C O   1 
HETATM 174 C  CB  . OMZ C 1 2 ? 3.465   7.635   0.214   1.00 5.60  ? 2    OMZ C CB  1 
HETATM 175 O  OC  . OMZ C 1 2 ? 4.183   8.699   -0.420  1.00 6.40  ? 2    OMZ C OC  1 
HETATM 176 C  CG  . OMZ C 1 2 ? 4.365   6.424   0.123   1.00 5.83  ? 2    OMZ C CG  1 
HETATM 177 C  CD1 . OMZ C 1 2 ? 4.506   5.604   1.253   1.00 5.89  ? 2    OMZ C CD1 1 
HETATM 178 C  CD2 . OMZ C 1 2 ? 4.998   6.074   -1.055  1.00 5.72  ? 2    OMZ C CD2 1 
HETATM 179 C  CE1 . OMZ C 1 2 ? 5.242   4.429   1.192   1.00 6.29  ? 2    OMZ C CE1 1 
HETATM 180 CL CL  . OMZ C 1 2 ? 5.394   3.410   2.510   1.00 10.64 ? 2    OMZ C CL  1 
HETATM 181 C  CE2 . OMZ C 1 2 ? 5.724   4.868   -1.145  1.00 6.20  ? 2    OMZ C CE2 1 
HETATM 182 C  CZ  . OMZ C 1 2 ? 5.787   4.057   -0.035  1.00 6.17  ? 2    OMZ C CZ  1 
HETATM 183 O  OH  . OMZ C 1 2 ? 6.436   2.827   -0.173  1.00 7.05  ? 2    OMZ C OH  1 
ATOM   184 N  N   . ASN C 1 3 ? 1.001   5.252   -0.744  1.00 5.37  ? 3    ASN C N   1 
ATOM   185 C  CA  . ASN C 1 3 ? 0.058   4.189   -0.375  1.00 5.80  ? 3    ASN C CA  1 
ATOM   186 C  C   . ASN C 1 3 ? 0.696   2.847   -0.114  1.00 5.61  ? 3    ASN C C   1 
ATOM   187 O  O   . ASN C 1 3 ? 0.427   2.236   0.942   1.00 6.49  ? 3    ASN C O   1 
ATOM   188 C  CB  . ASN C 1 3 ? -1.014  4.038   -1.461  1.00 5.90  ? 3    ASN C CB  1 
ATOM   189 C  CG  . ASN C 1 3 ? -2.085  5.105   -1.397  1.00 6.56  ? 3    ASN C CG  1 
ATOM   190 O  OD1 . ASN C 1 3 ? -1.879  6.191   -0.919  1.00 9.22  ? 3    ASN C OD1 1 
ATOM   191 N  ND2 . ASN C 1 3 ? -3.228  4.780   -1.953  1.00 7.49  ? 3    ASN C ND2 1 
HETATM 192 N  N   . GHP C 1 4 ? 1.462   2.341   -1.086  1.00 5.26  ? 4    GHP C N   1 
HETATM 193 C  CA  . GHP C 1 4 ? 1.913   0.964   -1.062  1.00 5.11  ? 4    GHP C CA  1 
HETATM 194 C  C   . GHP C 1 4 ? 1.403   0.239   -2.303  1.00 5.24  ? 4    GHP C C   1 
HETATM 195 O  O   . GHP C 1 4 ? 1.526   0.704   -3.432  1.00 5.76  ? 4    GHP C O   1 
HETATM 196 C  C1  . GHP C 1 4 ? 3.447   0.845   -1.041  1.00 5.19  ? 4    GHP C C1  1 
HETATM 197 C  C2  . GHP C 1 4 ? 4.237   1.902   -0.627  1.00 5.88  ? 4    GHP C C2  1 
HETATM 198 C  C3  . GHP C 1 4 ? 5.583   1.787   -0.590  1.00 6.19  ? 4    GHP C C3  1 
HETATM 199 C  C4  . GHP C 1 4 ? 6.238   0.632   -0.993  1.00 6.27  ? 4    GHP C C4  1 
HETATM 200 O  O4  . GHP C 1 4 ? 7.603   0.559   -1.019  1.00 8.19  ? 4    GHP C O4  1 
HETATM 201 C  C5  . GHP C 1 4 ? 5.435   -0.412  -1.435  1.00 6.08  ? 4    GHP C C5  1 
HETATM 202 C  C6  . GHP C 1 4 ? 4.065   -0.326  -1.435  1.00 5.98  ? 4    GHP C C6  1 
HETATM 203 N  N   . GHP C 1 5 ? 0.883   -0.965  -2.071  1.00 5.50  ? 5    GHP C N   1 
HETATM 204 C  CA  . GHP C 1 5 ? 0.719   -1.927  -3.140  1.00 5.35  ? 5    GHP C CA  1 
HETATM 205 C  C   . GHP C 1 5 ? 0.893   -3.327  -2.557  1.00 5.68  ? 5    GHP C C   1 
HETATM 206 O  O   . GHP C 1 5 ? 0.691   -3.485  -1.350  1.00 6.48  ? 5    GHP C O   1 
HETATM 207 C  C1  . GHP C 1 5 ? -0.623  -1.897  -3.862  1.00 5.61  ? 5    GHP C C1  1 
HETATM 208 C  C2  . GHP C 1 5 ? -1.827  -2.073  -3.190  1.00 5.99  ? 5    GHP C C2  1 
HETATM 209 C  C3  . GHP C 1 5 ? -3.015  -2.188  -3.887  1.00 6.49  ? 5    GHP C C3  1 
HETATM 210 C  C4  . GHP C 1 5 ? -2.994  -2.146  -5.277  1.00 6.19  ? 5    GHP C C4  1 
HETATM 211 O  O4  . GHP C 1 5 ? -4.149  -2.285  -6.018  1.00 7.38  ? 5    GHP C O4  1 
HETATM 212 C  C5  . GHP C 1 5 ? -1.812  -1.967  -5.977  1.00 5.59  ? 5    GHP C C5  1 
HETATM 213 C  C6  . GHP C 1 5 ? -0.648  -1.804  -5.235  1.00 5.39  ? 5    GHP C C6  1 
HETATM 214 N  N   . OMY C 1 6 ? 1.206   -4.334  -3.358  1.00 5.96  ? 6    OMY C N   1 
HETATM 215 C  CA  . OMY C 1 6 ? 1.533   -4.280  -4.777  1.00 6.18  ? 6    OMY C CA  1 
HETATM 216 O  OCZ . OMY C 1 6 ? 6.133   -1.538  -1.867  1.00 6.95  ? 6    OMY C OCZ 1 
HETATM 217 C  CE2 . OMY C 1 6 ? 5.028   -3.636  -2.164  1.00 6.47  ? 6    OMY C CE2 1 
HETATM 218 C  CE1 . OMY C 1 6 ? 5.122   -2.093  -3.982  1.00 6.38  ? 6    OMY C CE1 1 
HETATM 219 C  CZ  . OMY C 1 6 ? 5.405   -2.421  -2.678  1.00 6.27  ? 6    OMY C CZ  1 
HETATM 220 C  CG  . OMY C 1 6 ? 3.916   -4.172  -4.241  1.00 6.30  ? 6    OMY C CG  1 
HETATM 221 C  CD2 . OMY C 1 6 ? 4.271   -4.512  -2.944  1.00 6.52  ? 6    OMY C CD2 1 
HETATM 222 C  CD1 . OMY C 1 6 ? 4.382   -2.965  -4.756  1.00 6.61  ? 6    OMY C CD1 1 
HETATM 223 C  CB  . OMY C 1 6 ? 2.889   -4.925  -5.029  1.00 6.45  ? 6    OMY C CB  1 
HETATM 224 CL CL  . OMY C 1 6 ? 5.589   -0.573  -4.667  1.00 9.55  ? 6    OMY C CL  1 
HETATM 225 O  O   . OMY C 1 6 ? -0.395  -5.653  -5.138  1.00 7.89  ? 6    OMY C O   1 
HETATM 226 C  C   . OMY C 1 6 ? 0.366   -4.821  -5.595  1.00 6.52  ? 6    OMY C C   1 
HETATM 227 O  ODE . OMY C 1 6 ? 2.721   -6.294  -4.599  1.00 7.18  ? 6    OMY C ODE 1 
HETATM 228 N  N   . 3FG C 1 7 ? 0.209   -4.266  -6.796  1.00 6.45  ? 7    3FG C N   1 
HETATM 229 O  OD1 . 3FG C 1 7 ? -2.448  0.362   -7.544  1.00 5.78  ? 7    3FG C OD1 1 
HETATM 230 C  CD1 . 3FG C 1 7 ? -1.983  -0.738  -8.151  1.00 5.30  ? 7    3FG C CD1 1 
HETATM 231 C  CG1 . 3FG C 1 7 ? -1.742  -1.926  -7.472  1.00 5.65  ? 7    3FG C CG1 1 
HETATM 232 C  CZ  . 3FG C 1 7 ? -1.732  -0.639  -9.522  1.00 5.58  ? 7    3FG C CZ  1 
HETATM 233 C  CD2 . 3FG C 1 7 ? -1.314  -1.723  -10.227 1.00 5.71  ? 7    3FG C CD2 1 
HETATM 234 O  OD2 . 3FG C 1 7 ? -1.034  -1.689  -11.582 1.00 6.11  ? 7    3FG C OD2 1 
HETATM 235 C  CG2 . 3FG C 1 7 ? -1.123  -2.950  -9.587  1.00 6.06  ? 7    3FG C CG2 1 
HETATM 236 C  CB  . 3FG C 1 7 ? -1.337  -3.052  -8.223  1.00 5.92  ? 7    3FG C CB  1 
HETATM 237 C  CA  . 3FG C 1 7 ? -1.045  -4.375  -7.505  1.00 6.47  ? 7    3FG C CA  1 
HETATM 238 C  C   . 3FG C 1 7 ? -1.125  -5.586  -8.445  1.00 6.91  ? 7    3FG C C   1 
HETATM 239 O  O   . 3FG C 1 7 ? -0.102  -6.197  -8.720  1.00 8.75  ? 7    3FG C O   1 
HETATM 240 O  OXT . 3FG C 1 7 ? -2.264  -5.876  -8.871  1.00 8.25  ? 7    3FG C OXT 1 
HETATM 241 C  CG  . FGA D 2 2 ? -12.901 1.420   -2.690  1.00 24.93 ? 2    FGA D CG  1 
HETATM 242 C  CD  . FGA D 2 2 ? -11.931 1.672   -1.551  1.00 20.69 ? 2    FGA D CD  1 
HETATM 243 O  OE1 . FGA D 2 2 ? -11.923 2.711   -0.824  1.00 21.31 ? 2    FGA D OE1 1 
ATOM   244 N  N   . LYS D 2 3 ? -10.749 0.848   -1.405  1.00 17.25 ? 3    LYS D N   1 
ATOM   245 C  CA  . LYS D 2 3 ? -9.757  1.124   -0.432  1.00 13.54 ? 3    LYS D CA  1 
ATOM   246 C  C   . LYS D 2 3 ? -8.805  2.227   -0.874  1.00 9.78  ? 3    LYS D C   1 
ATOM   247 O  O   . LYS D 2 3 ? -8.451  2.349   -2.061  1.00 9.61  ? 3    LYS D O   1 
ATOM   248 C  CB  . LYS D 2 3 ? -8.967  -0.135  -0.076  1.00 18.34 ? 3    LYS D CB  1 
ATOM   249 C  CG  . LYS D 2 3 ? -9.868  -1.250  0.435   1.00 21.79 ? 3    LYS D CG  1 
HETATM 250 N  N   . DAL D 2 4 ? -8.419  3.040   0.079   1.00 11.52 ? 4    DAL D N   1 
HETATM 251 C  CA  . DAL D 2 4 ? -7.487  4.149   -0.116  1.00 10.69 ? 4    DAL D CA  1 
HETATM 252 C  CB  . DAL D 2 4 ? -6.073  3.735   0.242   1.00 11.32 ? 4    DAL D CB  1 
HETATM 253 C  C   . DAL D 2 4 ? -8.008  5.309   0.726   1.00 11.00 ? 4    DAL D C   1 
HETATM 254 O  O   . DAL D 2 4 ? -8.705  5.048   1.730   1.00 13.43 ? 4    DAL D O   1 
HETATM 255 N  N   . DAL D 2 5 ? -7.527  6.494   0.479   1.00 10.59 ? 5    DAL D N   1 
HETATM 256 C  CA  . DAL D 2 5 ? -7.905  7.634   1.282   1.00 11.33 ? 5    DAL D CA  1 
HETATM 257 C  CB  . DAL D 2 5 ? -9.212  8.259   0.775   1.00 12.98 ? 5    DAL D CB  1 
HETATM 258 C  C   . DAL D 2 5 ? -6.732  8.670   1.292   1.00 10.67 ? 5    DAL D C   1 
HETATM 259 O  O   . DAL D 2 5 ? -5.848  8.599   0.468   1.00 10.55 ? 5    DAL D O   1 
HETATM 260 O  OXT . DAL D 2 5 ? -6.850  9.538   2.215   1.00 12.23 ? 5    DAL D OXT 1 
HETATM 261 N  N   A DAL E 2 1 ? 11.647  -3.825  9.453   0.60 24.32 ? 1    DAL E N   1 
HETATM 262 N  N   B DAL E 2 1 ? 10.978  -4.520  7.546   0.40 22.34 ? 1    DAL E N   1 
HETATM 263 C  CA  A DAL E 2 1 ? 10.284  -3.284  9.158   0.60 16.29 ? 1    DAL E CA  1 
HETATM 264 C  CA  B DAL E 2 1 ? 9.648   -3.858  7.630   0.40 19.39 ? 1    DAL E CA  1 
HETATM 265 C  CB  A DAL E 2 1 ? 9.969   -3.165  7.646   0.60 26.67 ? 1    DAL E CB  1 
HETATM 266 C  CB  B DAL E 2 1 ? 8.929   -3.900  6.231   0.40 22.58 ? 1    DAL E CB  1 
HETATM 267 C  C   A DAL E 2 1 ? 9.303   -4.260  9.757   0.60 14.93 ? 1    DAL E C   1 
HETATM 268 C  C   B DAL E 2 1 ? 8.924   -4.630  8.669   0.40 15.74 ? 1    DAL E C   1 
HETATM 269 O  O   A DAL E 2 1 ? 9.585   -5.290  10.354  0.60 16.37 ? 1    DAL E O   1 
HETATM 270 O  O   B DAL E 2 1 ? 9.307   -5.747  8.934   0.40 16.16 ? 1    DAL E O   1 
HETATM 271 N  N   . FGA E 2 2 ? 7.995   -3.944  9.547   1.00 13.25 ? 2    FGA E N   1 
HETATM 272 C  CA  . FGA E 2 2 ? 6.953   -4.815  10.031  1.00 9.41  ? 2    FGA E CA  1 
HETATM 273 C  C   . FGA E 2 2 ? 6.877   -4.859  11.551  1.00 9.38  ? 2    FGA E C   1 
HETATM 274 O  O   . FGA E 2 2 ? 6.224   -5.813  12.003  1.00 9.15  ? 2    FGA E O   1 
HETATM 275 C  CB  . FGA E 2 2 ? 5.593   -4.340  9.449   1.00 8.87  ? 2    FGA E CB  1 
HETATM 276 C  CG  . FGA E 2 2 ? 5.063   -3.064  10.024  1.00 7.21  ? 2    FGA E CG  1 
HETATM 277 C  CD  . FGA E 2 2 ? 3.868   -2.621  9.326   1.00 6.31  ? 2    FGA E CD  1 
HETATM 278 O  OE1 . FGA E 2 2 ? 3.942   -1.939  8.281   1.00 6.82  ? 2    FGA E OE1 1 
HETATM 279 O  OXT . FGA E 2 2 ? 7.426   -4.001  12.281  1.00 14.38 ? 2    FGA E OXT 1 
ATOM   280 N  N   . LYS E 2 3 ? 2.688   -3.016  9.781   1.00 5.88  ? 3    LYS E N   1 
ATOM   281 C  CA  . LYS E 2 3 ? 1.427   -2.622  9.159   1.00 5.80  ? 3    LYS E CA  1 
ATOM   282 C  C   . LYS E 2 3 ? 1.375   -3.083  7.698   1.00 5.36  ? 3    LYS E C   1 
ATOM   283 O  O   . LYS E 2 3 ? 0.854   -2.392  6.816   1.00 5.94  ? 3    LYS E O   1 
ATOM   284 C  CB  . LYS E 2 3 ? 1.093   -1.162  9.334   1.00 6.24  ? 3    LYS E CB  1 
ATOM   285 C  CG  . LYS E 2 3 ? 0.817   -0.782  10.802  1.00 7.41  ? 3    LYS E CG  1 
ATOM   286 C  CD  . LYS E 2 3 ? 0.410   0.659   10.940  1.00 8.28  ? 3    LYS E CD  1 
ATOM   287 C  CE  . LYS E 2 3 ? -0.014  1.015   12.334  1.00 8.96  ? 3    LYS E CE  1 
ATOM   288 N  NZ  . LYS E 2 3 ? -0.619  2.386   12.386  1.00 10.40 ? 3    LYS E NZ  1 
HETATM 289 N  N   . DAL E 2 4 ? 1.822   -4.308  7.481   1.00 5.97  ? 4    DAL E N   1 
HETATM 290 C  CA  . DAL E 2 4 ? 1.727   -5.005  6.214   1.00 5.80  ? 4    DAL E CA  1 
HETATM 291 C  CB  . DAL E 2 4 ? 0.378   -5.698  6.068   1.00 7.26  ? 4    DAL E CB  1 
HETATM 292 C  C   . DAL E 2 4 ? 2.859   -6.007  6.129   1.00 5.95  ? 4    DAL E C   1 
HETATM 293 O  O   . DAL E 2 4 ? 3.508   -6.275  7.163   1.00 6.80  ? 4    DAL E O   1 
HETATM 294 N  N   . DAL E 2 5 ? 3.008   -6.626  4.966   1.00 6.58  ? 5    DAL E N   1 
HETATM 295 C  CA  . DAL E 2 5 ? 4.008   -7.656  4.776   1.00 6.97  ? 5    DAL E CA  1 
HETATM 296 C  CB  . DAL E 2 5 ? 5.369   -7.041  4.456   1.00 8.32  ? 5    DAL E CB  1 
HETATM 297 C  C   . DAL E 2 5 ? 3.604   -8.637  3.655   1.00 7.40  ? 5    DAL E C   1 
HETATM 298 O  O   . DAL E 2 5 ? 2.640   -8.360  2.909   1.00 8.00  ? 5    DAL E O   1 
HETATM 299 O  OXT . DAL E 2 5 ? 4.273   -9.691  3.596   1.00 8.39  ? 5    DAL E OXT 1 
HETATM 300 N  N   . FGA F 2 2 ? 6.536   -6.347  -10.912 0.50 31.09 ? 2    FGA F N   1 
HETATM 301 C  CA  . FGA F 2 2 ? 6.832   -4.849  -10.319 0.50 20.30 ? 2    FGA F CA  1 
HETATM 302 C  CB  . FGA F 2 2 ? 6.925   -4.923  -8.740  0.50 14.59 ? 2    FGA F CB  1 
HETATM 303 C  CG  . FGA F 2 2 ? 5.626   -4.765  -8.071  1.00 15.84 ? 2    FGA F CG  1 
HETATM 304 C  CD  . FGA F 2 2 ? 5.191   -3.376  -8.277  1.00 11.37 ? 2    FGA F CD  1 
HETATM 305 O  OE1 . FGA F 2 2 ? 5.813   -2.393  -7.904  1.00 15.02 ? 2    FGA F OE1 1 
ATOM   306 N  N   . LYS F 2 3 ? 3.939   -3.179  -8.906  1.00 9.80  ? 3    LYS F N   1 
ATOM   307 C  CA  . LYS F 2 3 ? 3.400   -1.876  -9.137  1.00 7.73  ? 3    LYS F CA  1 
ATOM   308 C  C   . LYS F 2 3 ? 2.680   -1.342  -7.921  1.00 6.82  ? 3    LYS F C   1 
ATOM   309 O  O   . LYS F 2 3 ? 2.155   -2.081  -7.082  1.00 7.20  ? 3    LYS F O   1 
ATOM   310 C  CB  . LYS F 2 3 ? 2.531   -1.844  -10.372 1.00 8.41  ? 3    LYS F CB  1 
ATOM   311 C  CG  . LYS F 2 3 ? 3.268   -2.203  -11.681 1.00 10.17 ? 3    LYS F CG  1 
ATOM   312 C  CD  . LYS F 2 3 ? 4.410   -1.376  -11.953 1.00 14.15 ? 3    LYS F CD  1 
ATOM   313 C  CE  . LYS F 2 3 ? 4.911   -1.594  -13.374 1.00 17.60 ? 3    LYS F CE  1 
ATOM   314 N  NZ  . LYS F 2 3 ? 5.417   -2.950  -13.609 1.00 27.75 ? 3    LYS F NZ  1 
HETATM 315 N  N   . DAL F 2 4 ? 2.658   -0.015  -7.815  1.00 7.26  ? 4    DAL F N   1 
HETATM 316 C  CA  . DAL F 2 4 ? 2.101   0.710   -6.705  1.00 6.58  ? 4    DAL F CA  1 
HETATM 317 C  CB  . DAL F 2 4 ? 0.683   1.190   -6.972  1.00 8.80  ? 4    DAL F CB  1 
HETATM 318 C  C   . DAL F 2 4 ? 2.998   1.894   -6.430  1.00 5.71  ? 4    DAL F C   1 
HETATM 319 O  O   . DAL F 2 4 ? 3.808   2.281   -7.278  1.00 6.24  ? 4    DAL F O   1 
HETATM 320 N  N   . DAL F 2 5 ? 2.808   2.522   -5.265  1.00 5.68  ? 5    DAL F N   1 
HETATM 321 C  CA  . DAL F 2 5 ? 3.661   3.637   -4.888  1.00 5.66  ? 5    DAL F CA  1 
HETATM 322 C  CB  . DAL F 2 5 ? 4.954   3.129   -4.274  1.00 6.85  ? 5    DAL F CB  1 
HETATM 323 C  C   . DAL F 2 5 ? 2.948   4.573   -3.925  1.00 5.65  ? 5    DAL F C   1 
HETATM 324 O  O   . DAL F 2 5 ? 3.386   5.767   -3.871  1.00 5.97  ? 5    DAL F O   1 
HETATM 325 O  OXT . DAL F 2 5 ? 2.019   4.132   -3.207  1.00 6.29  ? 5    DAL F OXT 1 
HETATM 326 C  C1  . DVC G 3 . ? -11.802 2.164   -6.795  1.00 11.80 ? 9    DVC A C1  1 
HETATM 327 C  C2  . DVC G 3 . ? -12.076 2.072   -8.252  1.00 12.61 ? 9    DVC A C2  1 
HETATM 328 C  C3  . DVC G 3 . ? -11.661 0.709   -8.876  1.00 11.69 ? 9    DVC A C3  1 
HETATM 329 N  N3  . DVC G 3 . ? -12.336 0.599   -10.192 1.00 14.24 ? 9    DVC A N3  1 
HETATM 330 C  C4  . DVC G 3 . ? -12.211 -0.421  -7.993  1.00 13.94 ? 9    DVC A C4  1 
HETATM 331 O  O4  . DVC G 3 . ? -13.582 -0.459  -8.073  1.00 16.58 ? 9    DVC A O4  1 
HETATM 332 C  C5  . DVC G 3 . ? -11.760 -0.203  -6.526  1.00 13.76 ? 9    DVC A C5  1 
HETATM 333 O  O5  . DVC G 3 . ? -12.231 1.012   -6.010  1.00 13.84 ? 9    DVC A O5  1 
HETATM 334 C  C6  . DVC G 3 . ? -12.391 -1.271  -5.561  1.00 22.98 ? 9    DVC A C6  1 
HETATM 335 C  C3M . DVC G 3 . ? -10.179 0.656   -9.075  1.00 12.28 ? 9    DVC A C3M 1 
HETATM 336 O  O41 . DVC G 3 . ? -11.823 -1.659  -8.435  1.00 17.34 ? 9    DVC A O41 1 
HETATM 337 C  C1  . PGR H 4 . ? -14.819 6.119   -3.421  0.40 41.20 ? 1001 PGR A C1  1 
HETATM 338 C  C2  . PGR H 4 . ? -14.855 7.701   -3.843  0.40 29.49 ? 1001 PGR A C2  1 
HETATM 339 C  C3  . PGR H 4 . ? -14.046 8.614   -2.766  0.40 23.61 ? 1001 PGR A C3  1 
HETATM 340 O  O1  . PGR H 4 . ? -15.794 5.569   -4.326  0.40 36.20 ? 1001 PGR A O1  1 
HETATM 341 O  O2  . PGR H 4 . ? -14.429 7.897   -5.115  0.40 25.50 ? 1001 PGR A O2  1 
HETATM 342 C  C1  . PGR I 4 . ? -8.654  17.690  1.462   0.30 22.63 ? 1002 PGR A C1  1 
HETATM 343 C  C2  . PGR I 4 . ? -9.854  16.620  1.144   0.30 28.10 ? 1002 PGR A C2  1 
HETATM 344 C  C3  . PGR I 4 . ? -11.060 17.114  1.386   0.30 27.14 ? 1002 PGR A C3  1 
HETATM 345 O  O1  . PGR I 4 . ? -8.376  17.962  0.112   0.30 34.79 ? 1002 PGR A O1  1 
HETATM 346 O  O2  . PGR I 4 . ? -9.455  16.009  0.068   0.30 27.31 ? 1002 PGR A O2  1 
HETATM 347 C  C1  . DVC J 3 . ? 2.380   2.814   4.824   1.00 6.70  ? 9    DVC B C1  1 
HETATM 348 C  C2  . DVC J 3 . ? 2.135   4.122   4.129   1.00 6.21  ? 9    DVC B C2  1 
HETATM 349 C  C3  . DVC J 3 . ? 0.835   4.812   4.559   1.00 6.48  ? 9    DVC B C3  1 
HETATM 350 N  N3  . DVC J 3 . ? 0.903   6.235   4.100   1.00 6.76  ? 9    DVC B N3  1 
HETATM 351 C  C4  . DVC J 3 . ? 0.787   4.845   6.083   1.00 7.46  ? 9    DVC B C4  1 
HETATM 352 O  O4  . DVC J 3 . ? 1.843   5.637   6.553   1.00 8.37  ? 9    DVC B O4  1 
HETATM 353 C  C5  . DVC J 3 . ? 0.911   3.403   6.631   1.00 7.50  ? 9    DVC B C5  1 
HETATM 354 O  O5  . DVC J 3 . ? 2.187   2.875   6.212   1.00 6.67  ? 9    DVC B O5  1 
HETATM 355 C  C6  . DVC J 3 . ? 0.885   3.327   8.146   1.00 9.01  ? 9    DVC B C6  1 
HETATM 356 C  C3M . DVC J 3 . ? -0.413  4.217   3.935   1.00 7.13  ? 9    DVC B C3M 1 
HETATM 357 O  O41 . DVC J 3 . ? -0.420  5.420   6.514   1.00 8.64  ? 9    DVC B O41 1 
HETATM 358 C  C1  . PGR K 4 . ? -4.371  -6.193  2.864   0.50 23.67 ? 1001 PGR B C1  1 
HETATM 359 C  C2  . PGR K 4 . ? -3.131  -7.188  2.844   0.50 23.87 ? 1001 PGR B C2  1 
HETATM 360 C  C3  . PGR K 4 . ? -1.685  -6.698  3.020   0.50 15.67 ? 1001 PGR B C3  1 
HETATM 361 O  O1  . PGR K 4 . ? -5.568  -6.589  2.240   0.50 30.72 ? 1001 PGR B O1  1 
HETATM 362 O  O2  . PGR K 4 . ? -3.388  -8.401  3.270   0.50 25.33 ? 1001 PGR B O2  1 
HETATM 363 C  C1  . DVC L 3 . ? 3.750   -7.182  -4.899  1.00 9.21  ? 9    DVC C C1  1 
HETATM 364 C  C2  . DVC L 3 . ? 3.469   -8.488  -4.172  1.00 9.81  ? 9    DVC C C2  1 
HETATM 365 C  C3  . DVC L 3 . ? 2.392   -9.312  -4.844  1.00 10.37 ? 9    DVC C C3  1 
HETATM 366 N  N3  . DVC L 3 . ? 2.455   -10.706 -4.278  1.00 12.37 ? 9    DVC C N3  1 
HETATM 367 C  C4  . DVC L 3 . ? 2.649   -9.415  -6.343  1.00 12.92 ? 9    DVC C C4  1 
HETATM 368 O  O4  . DVC L 3 . ? 3.879   -10.170 -6.484  1.00 15.52 ? 9    DVC C O4  1 
HETATM 369 C  C5  . DVC L 3 . ? 2.806   -7.983  -6.970  1.00 12.28 ? 9    DVC C C5  1 
HETATM 370 O  O5  . DVC L 3 . ? 3.891   -7.325  -6.300  1.00 10.84 ? 9    DVC C O5  1 
HETATM 371 C  C6  . DVC L 3 . ? 3.228   -8.073  -8.436  1.00 15.86 ? 9    DVC C C6  1 
HETATM 372 C  C3M . DVC L 3 . ? 0.984   -8.778  -4.561  1.00 11.66 ? 9    DVC C C3M 1 
HETATM 373 O  O41 . DVC L 3 . ? 1.657   -10.128 -7.014  1.00 16.09 ? 9    DVC C O41 1 
HETATM 374 C  C1  . PGR M 4 . ? -3.100  -6.107  -2.971  0.40 24.44 ? 1001 PGR C C1  1 
HETATM 375 C  C2  . PGR M 4 . ? -3.648  -5.641  -1.756  0.40 40.15 ? 1001 PGR C C2  1 
HETATM 376 C  C3  . PGR M 4 . ? -3.920  -6.878  -0.855  0.40 19.56 ? 1001 PGR C C3  1 
HETATM 377 O  O1  . PGR M 4 . ? -1.662  -6.496  -2.544  0.40 31.52 ? 1001 PGR C O1  1 
HETATM 378 O  O2  . PGR M 4 . ? -2.922  -4.845  -1.105  0.40 32.18 ? 1001 PGR C O2  1 
HETATM 379 O  O   . HOH N 5 . ? -4.479  7.043   6.626   1.00 33.48 ? 2001 HOH A O   1 
HETATM 380 O  O   . HOH N 5 . ? 0.261   12.338  6.219   1.00 53.20 ? 2002 HOH A O   1 
HETATM 381 O  O   . HOH N 5 . ? -6.398  12.112  5.298   1.00 43.68 ? 2003 HOH A O   1 
HETATM 382 O  O   . HOH N 5 . ? -2.206  14.572  2.835   0.50 51.39 ? 2004 HOH A O   1 
HETATM 383 O  O   . HOH N 5 . ? -2.892  14.382  4.998   1.00 49.30 ? 2005 HOH A O   1 
HETATM 384 O  O   . HOH N 5 . ? -7.226  15.867  3.449   0.50 30.73 ? 2006 HOH A O   1 
HETATM 385 O  O   . HOH N 5 . ? -15.664 10.990  -1.577  0.50 45.84 ? 2007 HOH A O   1 
HETATM 386 O  O   . HOH N 5 . ? 0.681   12.314  -1.123  1.00 14.77 ? 2008 HOH A O   1 
HETATM 387 O  O   . HOH N 5 . ? -0.530  12.066  2.278   1.00 16.31 ? 2009 HOH A O   1 
HETATM 388 O  O   . HOH N 5 . ? -12.953 -2.789  -2.430  0.50 45.71 ? 2010 HOH A O   1 
HETATM 389 O  O   . HOH N 5 . ? -4.413  -6.246  -5.792  1.00 60.07 ? 2011 HOH A O   1 
HETATM 390 O  O   . HOH N 5 . ? -13.688 -5.175  -8.924  1.00 68.09 ? 2012 HOH A O   1 
HETATM 391 O  O   . HOH N 5 . ? -14.159 -4.386  -4.854  1.00 55.77 ? 2013 HOH A O   1 
HETATM 392 O  O   . HOH N 5 . ? -10.902 -3.952  -11.179 1.00 67.50 ? 2014 HOH A O   1 
HETATM 393 O  O   . HOH N 5 . ? -12.429 11.975  -0.468  1.00 47.29 ? 2015 HOH A O   1 
HETATM 394 O  O   . HOH N 5 . ? -7.447  -1.170  -8.115  1.00 10.00 ? 2016 HOH A O   1 
HETATM 395 O  O   . HOH N 5 . ? -7.348  -4.130  -0.745  1.00 29.23 ? 2017 HOH A O   1 
HETATM 396 O  O   . HOH N 5 . ? -2.466  2.107   1.098   1.00 10.56 ? 2018 HOH A O   1 
HETATM 397 O  O   . HOH N 5 . ? -10.233 -1.528  -2.855  1.00 46.13 ? 2019 HOH A O   1 
HETATM 398 O  O   . HOH N 5 . ? -9.502  -4.365  -5.089  1.00 47.61 ? 2020 HOH A O   1 
HETATM 399 O  O   . HOH N 5 . ? -7.255  -5.169  -4.176  1.00 39.36 ? 2021 HOH A O   1 
HETATM 400 O  O   . HOH N 5 . ? -15.235 -2.490  -7.547  1.00 41.22 ? 2022 HOH A O   1 
HETATM 401 O  O   . HOH N 5 . ? -15.131 1.246   -10.452 1.00 32.17 ? 2023 HOH A O   1 
HETATM 402 O  O   . HOH N 5 . ? -11.599 -1.279  -12.072 1.00 22.48 ? 2024 HOH A O   1 
HETATM 403 O  O   . HOH N 5 . ? -9.482  -2.716  -7.380  1.00 21.34 ? 2025 HOH A O   1 
HETATM 404 O  O   . HOH O 5 . ? 5.402   -15.897 4.326   0.40 15.44 ? 2001 HOH B O   1 
HETATM 405 O  O   . HOH O 5 . ? 5.293   -14.640 3.324   0.60 20.21 ? 2002 HOH B O   1 
HETATM 406 O  O   . HOH O 5 . ? 7.227   -13.553 4.787   0.60 28.31 ? 2003 HOH B O   1 
HETATM 407 O  O   . HOH O 5 . ? 11.551  -11.422 0.720   1.00 67.96 ? 2004 HOH B O   1 
HETATM 408 O  O   . HOH O 5 . ? 8.338   -12.890 -0.158  1.00 51.82 ? 2005 HOH B O   1 
HETATM 409 O  O   . HOH O 5 . ? 6.095   -13.080 3.598   0.40 15.67 ? 2006 HOH B O   1 
HETATM 410 O  O   . HOH O 5 . ? 10.371  -6.926  -0.432  1.00 62.53 ? 2007 HOH B O   1 
HETATM 411 O  O   . HOH O 5 . ? 7.534   -5.253  -4.526  1.00 44.31 ? 2008 HOH B O   1 
HETATM 412 O  O   . HOH O 5 . ? 8.831   -2.833  -4.190  1.00 46.10 ? 2009 HOH B O   1 
HETATM 413 O  O   . HOH O 5 . ? -8.961  -2.964  5.451   1.00 42.16 ? 2010 HOH B O   1 
HETATM 414 O  O   . HOH O 5 . ? -6.424  0.907   3.377   1.00 38.60 ? 2011 HOH B O   1 
HETATM 415 O  O   . HOH O 5 . ? -4.676  -11.399 0.461   1.00 52.06 ? 2012 HOH B O   1 
HETATM 416 O  O   . HOH O 5 . ? -2.597  5.335   10.473  0.50 26.35 ? 2013 HOH B O   1 
HETATM 417 O  O   . HOH O 5 . ? 9.830   -5.851  1.586   1.00 33.60 ? 2014 HOH B O   1 
HETATM 418 O  O   . HOH O 5 . ? 8.611   -4.556  -1.624  1.00 41.72 ? 2015 HOH B O   1 
HETATM 419 O  O   . HOH O 5 . ? -6.817  -1.908  2.732   1.00 28.65 ? 2016 HOH B O   1 
HETATM 420 O  O   . HOH O 5 . ? -6.379  -4.310  6.259   1.00 18.71 ? 2017 HOH B O   1 
HETATM 421 O  O   . HOH O 5 . ? -3.886  1.856   3.450   1.00 26.97 ? 2018 HOH B O   1 
HETATM 422 O  O   . HOH O 5 . ? -2.414  2.482   10.217  1.00 14.62 ? 2019 HOH B O   1 
HETATM 423 O  O   . HOH O 5 . ? -6.453  1.291   5.735   1.00 55.43 ? 2020 HOH B O   1 
HETATM 424 O  O   . HOH O 5 . ? -2.720  -0.699  11.567  1.00 17.72 ? 2021 HOH B O   1 
HETATM 425 O  O   . HOH O 5 . ? -5.277  2.070   9.583   1.00 18.62 ? 2022 HOH B O   1 
HETATM 426 O  O   . HOH O 5 . ? -5.924  -1.008  6.708   1.00 30.42 ? 2023 HOH B O   1 
HETATM 427 O  O   . HOH O 5 . ? 1.662   6.849   8.952   1.00 36.27 ? 2024 HOH B O   1 
HETATM 428 O  O   . HOH O 5 . ? 4.646   4.683   6.732   1.00 11.75 ? 2025 HOH B O   1 
HETATM 429 O  O   . HOH O 5 . ? -2.678  4.016   6.760   1.00 26.98 ? 2026 HOH B O   1 
HETATM 430 O  O   . HOH O 5 . ? -0.686  8.504   4.892   1.00 13.52 ? 2027 HOH B O   1 
HETATM 431 O  O   . HOH O 5 . ? -0.936  6.570   8.877   1.00 45.24 ? 2028 HOH B O   1 
HETATM 432 O  O   . HOH O 5 . ? -4.154  -9.291  5.428   1.00 20.64 ? 2029 HOH B O   1 
HETATM 433 O  O   . HOH P 5 . ? 1.516   12.158  -3.730  1.00 10.52 ? 2001 HOH C O   1 
HETATM 434 O  O   . HOH P 5 . ? 3.751   13.927  -3.451  1.00 31.68 ? 2002 HOH C O   1 
HETATM 435 O  O   . HOH P 5 . ? 5.294   12.548  -1.074  1.00 35.84 ? 2003 HOH C O   1 
HETATM 436 O  O   . HOH P 5 . ? 2.996   11.110  -0.120  1.00 11.45 ? 2004 HOH C O   1 
HETATM 437 O  O   . HOH P 5 . ? -2.710  -9.711  -7.725  0.50 41.65 ? 2005 HOH C O   1 
HETATM 438 O  O   . HOH P 5 . ? -1.895  -10.645 -4.578  1.00 50.44 ? 2006 HOH C O   1 
HETATM 439 O  O   . HOH P 5 . ? 7.423   -9.487  -9.103  1.00 44.15 ? 2007 HOH C O   1 
HETATM 440 O  O   . HOH P 5 . ? 8.608   -9.971  -3.796  1.00 58.58 ? 2008 HOH C O   1 
HETATM 441 O  O   . HOH P 5 . ? 9.053   -1.044  -2.712  1.00 29.78 ? 2009 HOH C O   1 
HETATM 442 O  O   . HOH P 5 . ? -4.981  -2.208  -8.614  1.00 8.04  ? 2010 HOH C O   1 
HETATM 443 O  O   . HOH P 5 . ? -0.335  -8.878  -8.407  1.00 21.06 ? 2011 HOH C O   1 
HETATM 444 O  O   . HOH P 5 . ? 2.078   -5.164  -10.066 1.00 17.02 ? 2012 HOH C O   1 
HETATM 445 O  O   . HOH P 5 . ? -4.716  -4.853  -9.025  1.00 18.86 ? 2013 HOH C O   1 
HETATM 446 O  O   . HOH P 5 . ? 6.928   -8.330  -6.347  1.00 64.27 ? 2014 HOH C O   1 
HETATM 447 O  O   . HOH P 5 . ? 0.965   -11.291 -10.252 0.50 34.75 ? 2015 HOH C O   1 
HETATM 448 O  O   . HOH P 5 . ? 4.990   -11.183 -8.843  1.00 37.44 ? 2016 HOH C O   1 
HETATM 449 O  O   . HOH P 5 . ? 0.500   -12.497 -5.028  1.00 30.32 ? 2017 HOH C O   1 
HETATM 450 O  O   . HOH P 5 . ? 5.167   -11.946 -4.042  1.00 30.35 ? 2018 HOH C O   1 
HETATM 451 O  O   . HOH Q 5 . ? -13.049 6.781   1.029   1.00 53.03 ? 2001 HOH D O   1 
HETATM 452 O  O   . HOH Q 5 . ? -11.316 4.017   1.522   1.00 44.69 ? 2002 HOH D O   1 
HETATM 453 O  O   . HOH Q 5 . ? -10.902 11.439  3.536   1.00 46.30 ? 2003 HOH D O   1 
HETATM 454 O  O   . HOH Q 5 . ? -11.591 8.116   3.653   1.00 51.96 ? 2004 HOH D O   1 
HETATM 455 O  O   . HOH Q 5 . ? -13.611 -1.141  -0.785  1.00 55.44 ? 2005 HOH D O   1 
HETATM 456 O  O   . HOH Q 5 . ? -8.974  5.633   4.414   1.00 52.86 ? 2006 HOH D O   1 
HETATM 457 O  O   . HOH Q 5 . ? -8.568  2.037   2.871   1.00 26.41 ? 2007 HOH D O   1 
HETATM 458 O  O   . HOH Q 5 . ? -8.516  9.756   4.249   1.00 32.42 ? 2008 HOH D O   1 
HETATM 459 O  O   . HOH R 5 . ? 11.481  -7.356  6.796   1.00 66.25 ? 2001 HOH E O   1 
HETATM 460 O  O   . HOH R 5 . ? 8.073   -6.957  7.057   1.00 34.41 ? 2002 HOH E O   1 
HETATM 461 O  O   . HOH R 5 . ? 8.810   -8.376  10.476  1.00 44.05 ? 2003 HOH E O   1 
HETATM 462 O  O   . HOH R 5 . ? 8.451   -1.606  12.245  1.00 41.51 ? 2004 HOH E O   1 
HETATM 463 O  O   . HOH R 5 . ? 5.667   -7.992  10.652  1.00 12.78 ? 2005 HOH E O   1 
HETATM 464 O  O   . HOH R 5 . ? 6.489   -7.315  14.241  1.00 12.16 ? 2006 HOH E O   1 
HETATM 465 O  O   . HOH R 5 . ? 2.517   2.093   14.960  1.00 33.86 ? 2007 HOH E O   1 
HETATM 466 O  O   . HOH R 5 . ? 8.758   -9.902  4.510   1.00 35.13 ? 2008 HOH E O   1 
HETATM 467 O  O   . HOH R 5 . ? 1.717   3.994   12.038  1.00 38.87 ? 2009 HOH E O   1 
HETATM 468 O  O   . HOH R 5 . ? 5.639   -7.735  7.959   1.00 10.31 ? 2010 HOH E O   1 
HETATM 469 O  O   . HOH R 5 . ? 6.266   -10.741 4.961   1.00 13.32 ? 2011 HOH E O   1 
HETATM 470 O  O   . HOH S 5 . ? 7.427   -0.406  -9.898  0.50 36.13 ? 2001 HOH F O   1 
HETATM 471 O  O   . HOH S 5 . ? 5.764   0.417   -8.341  1.00 32.26 ? 2002 HOH F O   1 
HETATM 472 O  O   . HOH S 5 . ? 8.131   -2.117  -6.718  1.00 43.85 ? 2003 HOH F O   1 
HETATM 473 O  O   . HOH S 5 . ? 7.847   -2.391  -11.687 1.00 41.18 ? 2004 HOH F O   1 
# 
loop_
_atom_site_anisotrop.id 
_atom_site_anisotrop.type_symbol 
_atom_site_anisotrop.pdbx_label_atom_id 
_atom_site_anisotrop.pdbx_label_alt_id 
_atom_site_anisotrop.pdbx_label_comp_id 
_atom_site_anisotrop.pdbx_label_asym_id 
_atom_site_anisotrop.pdbx_label_seq_id 
_atom_site_anisotrop.pdbx_PDB_ins_code 
_atom_site_anisotrop.U[1][1] 
_atom_site_anisotrop.U[2][2] 
_atom_site_anisotrop.U[3][3] 
_atom_site_anisotrop.U[1][2] 
_atom_site_anisotrop.U[1][3] 
_atom_site_anisotrop.U[2][3] 
_atom_site_anisotrop.pdbx_auth_seq_id 
_atom_site_anisotrop.pdbx_auth_comp_id 
_atom_site_anisotrop.pdbx_auth_asym_id 
_atom_site_anisotrop.pdbx_auth_atom_id 
1   N  N   . MLU A 1 ? 0.1980 0.2414 0.1152 0.0259  0.0030  -0.0053 1    MLU A N   
2   C  CN  . MLU A 1 ? 0.3080 0.2881 0.1577 0.0757  -0.0437 -0.0745 1    MLU A CN  
3   C  CA  . MLU A 1 ? 0.1604 0.1970 0.1016 0.0180  0.0002  -0.0127 1    MLU A CA  
4   C  C   . MLU A 1 ? 0.1538 0.1758 0.1136 0.0194  -0.0016 -0.0301 1    MLU A C   
5   O  O   . MLU A 1 ? 0.1944 0.2156 0.1749 0.0108  -0.0450 -0.0005 1    MLU A O   
6   C  CB  . MLU A 1 ? 0.1412 0.1781 0.1305 0.0348  0.0020  -0.0025 1    MLU A CB  
7   C  CG  . MLU A 1 ? 0.1378 0.1840 0.1367 0.0188  0.0000  0.0199  1    MLU A CG  
8   C  CD1 . MLU A 1 ? 0.1661 0.2525 0.2289 0.0213  0.0274  0.0469  1    MLU A CD1 
9   C  CD2 . MLU A 1 ? 0.1671 0.1797 0.1594 0.0275  -0.0081 0.0033  1    MLU A CD2 
10  N  N   . OMZ A 2 ? 0.1592 0.1562 0.1026 0.0409  0.0071  -0.0392 2    OMZ A N   
11  C  CA  . OMZ A 2 ? 0.1526 0.1365 0.1174 0.0360  -0.0103 -0.0560 2    OMZ A CA  
12  C  C   . OMZ A 2 ? 0.1326 0.1149 0.1148 0.0329  -0.0011 -0.0387 2    OMZ A C   
13  O  O   . OMZ A 2 ? 0.1745 0.1060 0.1269 0.0289  -0.0086 -0.0386 2    OMZ A O   
14  C  CB  . OMZ A 2 ? 0.1773 0.1537 0.1196 0.0658  -0.0013 -0.0567 2    OMZ A CB  
15  O  OC  . OMZ A 2 ? 0.2425 0.2228 0.1281 0.1137  -0.0071 -0.0779 2    OMZ A OC  
16  C  CG  . OMZ A 2 ? 0.1719 0.1508 0.1293 0.0809  -0.0050 -0.0445 2    OMZ A CG  
17  C  CD1 . OMZ A 2 ? 0.1726 0.1465 0.1301 0.0653  -0.0107 -0.0507 2    OMZ A CD1 
18  C  CD2 . OMZ A 2 ? 0.1799 0.1645 0.1310 0.0754  0.0072  -0.0325 2    OMZ A CD2 
19  C  CE1 . OMZ A 2 ? 0.1653 0.1507 0.1166 0.0694  -0.0201 -0.0400 2    OMZ A CE1 
20  CL CL  . OMZ A 2 ? 0.2109 0.2005 0.1638 0.0661  -0.0078 -0.0454 2    OMZ A CL  
21  C  CE2 . OMZ A 2 ? 0.1538 0.1802 0.1450 0.0664  0.0129  -0.0347 2    OMZ A CE2 
22  C  CZ  . OMZ A 2 ? 0.1540 0.1562 0.1446 0.0742  -0.0047 -0.0563 2    OMZ A CZ  
23  O  OH  . OMZ A 2 ? 0.1464 0.1801 0.1605 0.0730  -0.0026 -0.0633 2    OMZ A OH  
24  N  N   . ASN A 3 ? 0.1233 0.1057 0.0895 0.0298  0.0082  -0.0275 3    ASN A N   
25  C  CA  . ASN A 3 ? 0.1135 0.1047 0.0893 0.0208  0.0020  -0.0290 3    ASN A CA  
26  C  C   . ASN A 3 ? 0.1122 0.0919 0.0954 0.0247  -0.0067 -0.0201 3    ASN A C   
27  O  O   . ASN A 3 ? 0.1264 0.1036 0.0962 0.0159  -0.0046 -0.0107 3    ASN A O   
28  C  CB  . ASN A 3 ? 0.1021 0.1041 0.1014 0.0184  -0.0068 -0.0345 3    ASN A CB  
29  C  CG  . ASN A 3 ? 0.1038 0.1140 0.1002 0.0136  0.0087  -0.0244 3    ASN A CG  
30  O  OD1 . ASN A 3 ? 0.1254 0.1151 0.1422 -0.0015 0.0066  -0.0534 3    ASN A OD1 
31  N  ND2 . ASN A 3 ? 0.0984 0.1194 0.0944 0.0018  -0.0023 -0.0202 3    ASN A ND2 
32  N  N   . GHP A 4 ? 0.1163 0.0981 0.0819 0.0248  -0.0004 -0.0199 4    GHP A N   
33  C  CA  . GHP A 4 ? 0.0978 0.1070 0.0803 0.0223  0.0055  -0.0150 4    GHP A CA  
34  C  C   . GHP A 4 ? 0.0830 0.1088 0.0834 0.0216  0.0010  -0.0097 4    GHP A C   
35  O  O   . GHP A 4 ? 0.1063 0.1107 0.0832 0.0165  0.0040  -0.0045 4    GHP A O   
36  C  C1  . GHP A 4 ? 0.0980 0.1239 0.0901 0.0312  0.0070  -0.0120 4    GHP A C1  
37  C  C2  . GHP A 4 ? 0.1148 0.1344 0.1085 0.0447  0.0056  -0.0235 4    GHP A C2  
38  C  C3  . GHP A 4 ? 0.1395 0.1521 0.1123 0.0588  0.0064  -0.0307 4    GHP A C3  
39  C  C4  . GHP A 4 ? 0.1166 0.1613 0.1337 0.0521  0.0052  -0.0233 4    GHP A C4  
40  O  O4  . GHP A 4 ? 0.1274 0.2245 0.1619 0.0865  0.0073  -0.0421 4    GHP A O4  
41  C  C5  . GHP A 4 ? 0.1020 0.1648 0.1243 0.0385  0.0084  -0.0250 4    GHP A C5  
42  C  C6  . GHP A 4 ? 0.1027 0.1398 0.1119 0.0355  0.0043  -0.0138 4    GHP A C6  
43  N  N   . GHP A 5 ? 0.0853 0.0961 0.0777 0.0095  0.0019  -0.0018 5    GHP A N   
44  C  CA  . GHP A 5 ? 0.0716 0.1025 0.0796 0.0112  -0.0011 -0.0043 5    GHP A CA  
45  C  C   . GHP A 5 ? 0.0697 0.1075 0.0879 0.0116  -0.0022 -0.0052 5    GHP A C   
46  O  O   . GHP A 5 ? 0.0810 0.1077 0.0905 0.0098  -0.0047 0.0004  5    GHP A O   
47  C  C1  . GHP A 5 ? 0.0734 0.0925 0.0794 -0.0021 0.0003  -0.0099 5    GHP A C1  
48  C  C2  . GHP A 5 ? 0.0787 0.0835 0.0704 -0.0018 -0.0041 -0.0046 5    GHP A C2  
49  C  C3  . GHP A 5 ? 0.0774 0.0797 0.0722 -0.0109 0.0099  -0.0085 5    GHP A C3  
50  C  C4  . GHP A 5 ? 0.0699 0.0772 0.0779 -0.0022 -0.0025 -0.0079 5    GHP A C4  
51  O  O4  . GHP A 5 ? 0.0735 0.0780 0.0783 -0.0059 0.0059  -0.0043 5    GHP A O4  
52  C  C5  . GHP A 5 ? 0.0704 0.0924 0.0780 -0.0125 -0.0048 -0.0049 5    GHP A C5  
53  C  C6  . GHP A 5 ? 0.0658 0.0988 0.0773 -0.0024 -0.0001 -0.0044 5    GHP A C6  
54  N  N   . OMY A 6 ? 0.0738 0.1209 0.0896 -0.0015 -0.0045 -0.0067 6    OMY A N   
55  C  CA  . OMY A 6 ? 0.0740 0.1210 0.0881 -0.0086 -0.0021 0.0046  6    OMY A CA  
56  O  OCZ . OMY A 6 ? 0.0989 0.1662 0.1610 0.0422  0.0066  -0.0213 6    OMY A OCZ 
57  C  CE2 . OMY A 6 ? 0.0820 0.1600 0.1322 0.0218  -0.0047 -0.0068 6    OMY A CE2 
58  C  CE1 . OMY A 6 ? 0.0887 0.1743 0.1269 0.0198  0.0084  -0.0117 6    OMY A CE1 
59  C  CZ  . OMY A 6 ? 0.0791 0.1679 0.1322 0.0262  -0.0003 -0.0164 6    OMY A CZ  
60  C  CG  . OMY A 6 ? 0.0719 0.1492 0.1154 0.0070  -0.0015 -0.0028 6    OMY A CG  
61  C  CD2 . OMY A 6 ? 0.0757 0.1642 0.1158 0.0118  0.0037  0.0010  6    OMY A CD2 
62  C  CD1 . OMY A 6 ? 0.0856 0.1710 0.1084 0.0096  0.0047  0.0002  6    OMY A CD1 
63  C  CB  . OMY A 6 ? 0.0806 0.1333 0.1049 -0.0091 -0.0031 -0.0016 6    OMY A CB  
64  CL CL  . OMY A 6 ? 0.1748 0.2343 0.1635 0.0323  0.0269  -0.0198 6    OMY A CL  
65  O  O   . OMY A 6 ? 0.0942 0.1186 0.0892 -0.0013 -0.0044 -0.0035 6    OMY A O   
66  C  C   . OMY A 6 ? 0.0709 0.1185 0.0871 -0.0172 -0.0063 0.0015  6    OMY A C   
67  O  ODE . OMY A 6 ? 0.0808 0.1498 0.1133 -0.0126 -0.0033 -0.0053 6    OMY A ODE 
68  N  N   . 3FG A 7 ? 0.0763 0.1189 0.0899 -0.0094 -0.0004 0.0007  7    3FG A N   
69  O  OD1 . 3FG A 7 ? 0.0920 0.1111 0.0829 -0.0192 -0.0154 0.0092  7    3FG A OD1 
70  C  CD1 . 3FG A 7 ? 0.0787 0.1019 0.0838 -0.0096 -0.0004 0.0023  7    3FG A CD1 
71  C  CG1 . 3FG A 7 ? 0.0766 0.0922 0.0751 -0.0102 0.0058  0.0022  7    3FG A CG1 
72  C  CZ  . 3FG A 7 ? 0.0947 0.1230 0.0814 -0.0227 -0.0049 0.0166  7    3FG A CZ  
73  C  CD2 . 3FG A 7 ? 0.1083 0.1223 0.0904 -0.0311 -0.0079 0.0199  7    3FG A CD2 
74  O  OD2 . 3FG A 7 ? 0.1558 0.1509 0.1123 -0.0633 -0.0269 0.0437  7    3FG A OD2 
75  C  CG2 . 3FG A 7 ? 0.0975 0.1138 0.0938 -0.0353 -0.0017 0.0094  7    3FG A CG2 
76  C  CB  . 3FG A 7 ? 0.0788 0.1046 0.0848 -0.0158 0.0015  0.0051  7    3FG A CB  
77  C  CA  . 3FG A 7 ? 0.0744 0.1044 0.0821 -0.0178 0.0007  0.0093  7    3FG A CA  
78  C  C   . 3FG A 7 ? 0.1001 0.1112 0.1033 -0.0194 -0.0010 0.0029  7    3FG A C   
79  O  O   . 3FG A 7 ? 0.0843 0.1389 0.1563 -0.0361 0.0022  -0.0044 7    3FG A O   
80  O  OXT . 3FG A 7 ? 0.0980 0.1098 0.1070 -0.0265 -0.0037 -0.0056 7    3FG A OXT 
81  N  N   . MLU B 1 ? 0.1795 0.0840 0.0980 -0.0290 -0.0005 0.0110  1    MLU B N   
82  C  CN  . MLU B 1 ? 0.1798 0.1064 0.1012 -0.0361 -0.0157 0.0123  1    MLU B CN  
83  C  CA  . MLU B 1 ? 0.1598 0.0796 0.0915 -0.0268 -0.0025 0.0225  1    MLU B CA  
84  C  C   . MLU B 1 ? 0.1741 0.0690 0.0929 -0.0169 -0.0011 0.0079  1    MLU B C   
85  O  O   . MLU B 1 ? 0.2669 0.0898 0.1066 -0.0570 -0.0195 0.0086  1    MLU B O   
86  C  CB  . MLU B 1 ? 0.1685 0.0920 0.1097 -0.0217 0.0109  0.0149  1    MLU B CB  
87  C  CG  . MLU B 1 ? 0.1952 0.1052 0.1281 -0.0055 0.0462  0.0264  1    MLU B CG  
88  C  CD1 . MLU B 1 ? 0.2692 0.1042 0.1528 -0.0264 0.0885  -0.0072 1    MLU B CD1 
89  C  CD2 . MLU B 1 ? 0.1722 0.2165 0.2389 0.0059  0.0286  0.1396  1    MLU B CD2 
90  N  N   . OMZ B 2 ? 0.1769 0.0654 0.0837 -0.0063 0.0145  0.0046  2    OMZ B N   
91  C  CA  . OMZ B 2 ? 0.1939 0.0778 0.0846 -0.0082 0.0223  -0.0087 2    OMZ B CA  
92  C  C   . OMZ B 2 ? 0.1806 0.0832 0.0838 -0.0194 0.0122  -0.0005 2    OMZ B C   
93  O  O   . OMZ B 2 ? 0.2034 0.1171 0.0835 0.0043  0.0000  -0.0116 2    OMZ B O   
94  C  CB  . OMZ B 2 ? 0.2066 0.0826 0.1172 0.0142  0.0424  -0.0032 2    OMZ B CB  
95  O  OC  . OMZ B 2 ? 0.2217 0.0785 0.1480 0.0346  0.0483  0.0198  2    OMZ B OC  
96  C  CG  . OMZ B 2 ? 0.1537 0.0862 0.1103 0.0251  0.0371  0.0046  2    OMZ B CG  
97  C  CD1 . OMZ B 2 ? 0.1590 0.0793 0.1059 0.0145  0.0262  0.0035  2    OMZ B CD1 
98  C  CD2 . OMZ B 2 ? 0.1569 0.0978 0.1043 0.0213  0.0273  0.0063  2    OMZ B CD2 
99  C  CE1 . OMZ B 2 ? 0.1212 0.0997 0.1151 0.0124  0.0215  0.0023  2    OMZ B CE1 
100 CL CL  . OMZ B 2 ? 0.1730 0.1099 0.1533 0.0020  0.0209  0.0188  2    OMZ B CL  
101 C  CE2 . OMZ B 2 ? 0.1219 0.1086 0.1168 0.0246  0.0107  0.0044  2    OMZ B CE2 
102 C  CZ  . OMZ B 2 ? 0.1174 0.0913 0.1306 0.0190  0.0237  -0.0050 2    OMZ B CZ  
103 O  OH  . OMZ B 2 ? 0.1025 0.0881 0.1488 0.0100  0.0199  -0.0088 2    OMZ B OH  
104 N  N   . ASN B 3 ? 0.1792 0.0662 0.0858 -0.0162 0.0032  -0.0016 3    ASN B N   
105 C  CA  . ASN B 3 ? 0.1662 0.0699 0.0848 -0.0215 0.0024  -0.0059 3    ASN B CA  
106 C  C   . ASN B 3 ? 0.1414 0.0680 0.0765 -0.0027 -0.0091 0.0014  3    ASN B C   
107 O  O   . ASN B 3 ? 0.2036 0.0776 0.0711 -0.0127 -0.0147 -0.0026 3    ASN B O   
108 C  CB  . ASN B 3 ? 0.1612 0.0926 0.1933 -0.0327 0.0171  0.0007  3    ASN B CB  
109 C  CG  . ASN B 3 ? 0.2075 0.1735 0.3510 -0.0730 -0.0034 -0.0662 3    ASN B CG  
110 O  OD1 . ASN B 3 ? 0.3008 0.1970 0.4503 -0.0233 -0.0756 -0.1239 3    ASN B OD1 
111 N  ND2 . ASN B 3 ? 0.2386 0.1754 0.4113 -0.0904 -0.0293 0.0122  3    ASN B ND2 
112 N  N   . GHP B 4 ? 0.1147 0.0620 0.0708 -0.0035 0.0047  0.0016  4    GHP B N   
113 C  CA  . GHP B 4 ? 0.0951 0.0629 0.0709 -0.0080 0.0031  0.0029  4    GHP B CA  
114 C  C   . GHP B 4 ? 0.0845 0.0640 0.0691 -0.0116 -0.0018 0.0004  4    GHP B C   
115 O  O   . GHP B 4 ? 0.1042 0.0705 0.0674 -0.0009 0.0049  0.0104  4    GHP B O   
116 C  C1  . GHP B 4 ? 0.0955 0.0695 0.0691 0.0039  0.0068  0.0084  4    GHP B C1  
117 C  C2  . GHP B 4 ? 0.1107 0.0776 0.0790 -0.0007 0.0059  0.0003  4    GHP B C2  
118 C  C3  . GHP B 4 ? 0.0953 0.0841 0.1030 0.0127  0.0165  0.0023  4    GHP B C3  
119 C  C4  . GHP B 4 ? 0.0813 0.0921 0.1054 -0.0007 0.0085  -0.0033 4    GHP B C4  
120 O  O4  . GHP B 4 ? 0.0927 0.1208 0.1624 0.0021  0.0133  -0.0254 4    GHP B O4  
121 C  C5  . GHP B 4 ? 0.0913 0.0800 0.0919 -0.0057 0.0091  -0.0039 4    GHP B C5  
122 C  C6  . GHP B 4 ? 0.0909 0.0711 0.0755 -0.0068 0.0050  0.0005  4    GHP B C6  
123 N  N   . GHP B 5 ? 0.0923 0.0675 0.0636 -0.0119 -0.0031 0.0044  5    GHP B N   
124 C  CA  . GHP B 5 ? 0.0882 0.0639 0.0651 -0.0064 0.0007  0.0010  5    GHP B CA  
125 C  C   . GHP B 5 ? 0.0824 0.0677 0.0686 -0.0094 0.0000  0.0059  5    GHP B C   
126 O  O   . GHP B 5 ? 0.1067 0.0676 0.0669 -0.0097 0.0015  0.0015  5    GHP B O   
127 C  C1  . GHP B 5 ? 0.0866 0.0678 0.0662 -0.0120 -0.0054 0.0069  5    GHP B C1  
128 C  C2  . GHP B 5 ? 0.1067 0.1075 0.0787 -0.0118 -0.0062 0.0095  5    GHP B C2  
129 C  C3  . GHP B 5 ? 0.0928 0.1465 0.0890 -0.0203 -0.0131 0.0204  5    GHP B C3  
130 C  C4  . GHP B 5 ? 0.0831 0.1304 0.1005 -0.0082 0.0013  0.0201  5    GHP B C4  
131 O  O4  . GHP B 5 ? 0.0788 0.1938 0.1214 0.0031  0.0006  0.0316  5    GHP B O4  
132 C  C5  . GHP B 5 ? 0.0757 0.0824 0.0829 -0.0065 0.0056  0.0086  5    GHP B C5  
133 C  C6  . GHP B 5 ? 0.0805 0.0655 0.0702 -0.0053 0.0029  0.0006  5    GHP B C6  
134 N  N   . OMY B 6 ? 0.0813 0.0666 0.0649 -0.0050 -0.0022 0.0073  6    OMY B N   
135 C  CA  . OMY B 6 ? 0.0864 0.0637 0.0703 -0.0060 0.0025  -0.0005 6    OMY B CA  
136 O  OCZ . OMY B 6 ? 0.0856 0.0847 0.1077 -0.0108 0.0092  -0.0155 6    OMY B OCZ 
137 C  CE2 . OMY B 6 ? 0.0838 0.0838 0.0759 -0.0190 0.0012  -0.0005 6    OMY B CE2 
138 C  CE1 . OMY B 6 ? 0.0788 0.0682 0.0964 -0.0100 -0.0014 0.0001  6    OMY B CE1 
139 C  CZ  . OMY B 6 ? 0.0763 0.0717 0.0899 -0.0088 -0.0011 -0.0091 6    OMY B CZ  
140 C  CG  . OMY B 6 ? 0.0830 0.0687 0.0716 -0.0164 -0.0040 0.0012  6    OMY B CG  
141 C  CD2 . OMY B 6 ? 0.0833 0.0713 0.0798 -0.0108 -0.0036 0.0018  6    OMY B CD2 
142 C  CD1 . OMY B 6 ? 0.0771 0.0672 0.0866 -0.0028 -0.0061 0.0012  6    OMY B CD1 
143 C  CB  . OMY B 6 ? 0.0848 0.0705 0.0719 -0.0073 -0.0014 0.0038  6    OMY B CB  
144 CL CL  . OMY B 6 ? 0.1127 0.0849 0.1252 -0.0017 -0.0016 0.0081  6    OMY B CL  
145 O  O   . OMY B 6 ? 0.0942 0.0816 0.0903 0.0055  0.0015  0.0084  6    OMY B O   
146 C  C   . OMY B 6 ? 0.0839 0.0666 0.0768 -0.0043 -0.0028 0.0071  6    OMY B C   
147 O  ODE . OMY B 6 ? 0.0940 0.0635 0.0740 -0.0077 -0.0038 -0.0002 6    OMY B ODE 
148 N  N   . 3FG B 7 ? 0.0832 0.0779 0.0764 -0.0016 0.0029  0.0030  7    3FG B N   
149 O  OD1 . 3FG B 7 ? 0.0917 0.0964 0.0986 -0.0201 -0.0001 0.0099  7    3FG B OD1 
150 C  CD1 . 3FG B 7 ? 0.0767 0.0927 0.0911 -0.0032 0.0113  0.0116  7    3FG B CD1 
151 C  CG1 . 3FG B 7 ? 0.0717 0.0878 0.0897 0.0002  0.0139  0.0089  7    3FG B CG1 
152 C  CZ  . 3FG B 7 ? 0.0840 0.0985 0.0970 -0.0051 0.0180  0.0249  7    3FG B CZ  
153 C  CD2 . 3FG B 7 ? 0.0818 0.1052 0.0884 0.0024  0.0201  0.0156  7    3FG B CD2 
154 O  OD2 . 3FG B 7 ? 0.1343 0.1300 0.0848 -0.0003 0.0266  0.0241  7    3FG B OD2 
155 C  CG2 . 3FG B 7 ? 0.0838 0.0991 0.0885 0.0012  0.0176  0.0040  7    3FG B CG2 
156 C  CB  . 3FG B 7 ? 0.0724 0.0894 0.0880 0.0074  0.0136  0.0108  7    3FG B CB  
157 C  CA  . 3FG B 7 ? 0.0792 0.0909 0.0969 0.0012  0.0085  0.0053  7    3FG B CA  
158 C  C   . 3FG B 7 ? 0.1130 0.0925 0.1120 0.0056  0.0289  0.0057  7    3FG B C   
159 O  O   . 3FG B 7 ? 0.1297 0.1022 0.1369 -0.0020 0.0302  -0.0242 7    3FG B O   
160 O  OXT . 3FG B 7 ? 0.1083 0.1392 0.1685 0.0283  0.0287  -0.0167 7    3FG B OXT 
161 N  N   . MLU C 1 ? 0.1299 0.0706 0.0727 -0.0041 -0.0026 -0.0044 1    MLU C N   
162 C  CN  . MLU C 1 ? 0.1016 0.0841 0.0988 -0.0185 -0.0061 0.0029  1    MLU C CN  
163 C  CA  . MLU C 1 ? 0.0928 0.0664 0.0733 -0.0027 -0.0057 -0.0035 1    MLU C CA  
164 C  C   . MLU C 1 ? 0.0838 0.0688 0.0739 0.0023  -0.0092 -0.0040 1    MLU C C   
165 O  O   . MLU C 1 ? 0.1169 0.0777 0.0821 0.0171  -0.0035 -0.0056 1    MLU C O   
166 C  CB  . MLU C 1 ? 0.1143 0.0848 0.0749 0.0064  -0.0197 0.0002  1    MLU C CB  
167 C  CG  . MLU C 1 ? 0.0985 0.1006 0.0771 0.0090  -0.0108 -0.0092 1    MLU C CG  
168 C  CD1 . MLU C 1 ? 0.0977 0.0915 0.0969 -0.0011 -0.0043 -0.0054 1    MLU C CD1 
169 C  CD2 . MLU C 1 ? 0.1136 0.1270 0.0963 0.0225  -0.0157 -0.0138 1    MLU C CD2 
170 N  N   . OMZ C 2 ? 0.0797 0.0626 0.0649 -0.0034 -0.0041 -0.0049 2    OMZ C N   
171 C  CA  . OMZ C 2 ? 0.0846 0.0659 0.0611 -0.0049 -0.0036 -0.0007 2    OMZ C CA  
172 C  C   . OMZ C 2 ? 0.0788 0.0663 0.0666 -0.0046 -0.0068 0.0022  2    OMZ C C   
173 O  O   . OMZ C 2 ? 0.1078 0.0841 0.0707 -0.0181 0.0001  -0.0054 2    OMZ C O   
174 C  CB  . OMZ C 2 ? 0.0835 0.0583 0.0710 -0.0105 -0.0099 -0.0022 2    OMZ C CB  
175 O  OC  . OMZ C 2 ? 0.0901 0.0660 0.0872 -0.0129 -0.0091 -0.0035 2    OMZ C OC  
176 C  CG  . OMZ C 2 ? 0.0788 0.0675 0.0752 -0.0176 -0.0162 -0.0075 2    OMZ C CG  
177 C  CD1 . OMZ C 2 ? 0.0816 0.0717 0.0704 -0.0132 -0.0116 0.0011  2    OMZ C CD1 
178 C  CD2 . OMZ C 2 ? 0.0824 0.0621 0.0729 -0.0096 -0.0126 -0.0038 2    OMZ C CD2 
179 C  CE1 . OMZ C 2 ? 0.0775 0.0693 0.0924 -0.0186 -0.0171 0.0031  2    OMZ C CE1 
180 CL CL  . OMZ C 2 ? 0.1359 0.1121 0.1561 -0.0277 -0.0184 0.0319  2    OMZ C CL  
181 C  CE2 . OMZ C 2 ? 0.0733 0.0771 0.0850 -0.0107 -0.0119 -0.0067 2    OMZ C CE2 
182 C  CZ  . OMZ C 2 ? 0.0737 0.0584 0.1025 -0.0095 -0.0221 -0.0014 2    OMZ C CZ  
183 O  OH  . OMZ C 2 ? 0.0728 0.0642 0.1308 -0.0104 -0.0194 -0.0032 2    OMZ C OH  
184 N  N   . ASN C 3 ? 0.0701 0.0648 0.0693 -0.0089 0.0007  0.0003  3    ASN C N   
185 C  CA  . ASN C 3 ? 0.0784 0.0676 0.0743 -0.0060 -0.0025 -0.0037 3    ASN C CA  
186 C  C   . ASN C 3 ? 0.0701 0.0678 0.0752 -0.0118 -0.0025 -0.0015 3    ASN C C   
187 O  O   . ASN C 3 ? 0.1006 0.0731 0.0728 -0.0054 0.0052  0.0017  3    ASN C O   
188 C  CB  . ASN C 3 ? 0.0680 0.0745 0.0816 -0.0033 -0.0040 -0.0061 3    ASN C CB  
189 C  CG  . ASN C 3 ? 0.0789 0.0859 0.0844 0.0014  -0.0005 -0.0064 3    ASN C CG  
190 O  OD1 . ASN C 3 ? 0.1045 0.0907 0.1551 0.0153  -0.0286 -0.0369 3    ASN C OD1 
191 N  ND2 . ASN C 3 ? 0.0841 0.1046 0.0958 0.0084  -0.0146 -0.0209 3    ASN C ND2 
192 N  N   . GHP C 4 ? 0.0732 0.0614 0.0650 -0.0064 -0.0021 0.0028  4    GHP C N   
193 C  CA  . GHP C 4 ? 0.0729 0.0584 0.0627 -0.0098 -0.0028 0.0034  4    GHP C CA  
194 C  C   . GHP C 4 ? 0.0682 0.0592 0.0716 -0.0019 -0.0049 0.0002  4    GHP C C   
195 O  O   . GHP C 4 ? 0.0871 0.0658 0.0658 -0.0115 0.0003  0.0015  4    GHP C O   
196 C  C1  . GHP C 4 ? 0.0717 0.0571 0.0685 -0.0048 -0.0056 0.0061  4    GHP C C1  
197 C  C2  . GHP C 4 ? 0.0767 0.0626 0.0840 -0.0082 -0.0071 0.0019  4    GHP C C2  
198 C  C3  . GHP C 4 ? 0.0823 0.0634 0.0897 -0.0124 -0.0129 0.0010  4    GHP C C3  
199 C  C4  . GHP C 4 ? 0.0710 0.0639 0.1033 -0.0012 -0.0083 0.0078  4    GHP C C4  
200 O  O4  . GHP C 4 ? 0.0764 0.0698 0.1648 -0.0077 -0.0161 -0.0047 4    GHP C O4  
201 C  C5  . GHP C 4 ? 0.0788 0.0597 0.0926 -0.0026 -0.0038 0.0021  4    GHP C C5  
202 C  C6  . GHP C 4 ? 0.0785 0.0619 0.0869 -0.0129 -0.0036 0.0015  4    GHP C C6  
203 N  N   . GHP C 5 ? 0.0854 0.0648 0.0586 -0.0138 -0.0035 0.0014  5    GHP C N   
204 C  CA  . GHP C 5 ? 0.0852 0.0606 0.0575 -0.0058 -0.0064 -0.0004 5    GHP C CA  
205 C  C   . GHP C 5 ? 0.0820 0.0655 0.0684 -0.0127 -0.0076 0.0026  5    GHP C C   
206 O  O   . GHP C 5 ? 0.1153 0.0673 0.0635 -0.0109 -0.0024 0.0056  5    GHP C O   
207 C  C1  . GHP C 5 ? 0.0896 0.0590 0.0647 -0.0126 -0.0056 -0.0015 5    GHP C C1  
208 C  C2  . GHP C 5 ? 0.0966 0.0688 0.0620 -0.0098 -0.0057 0.0030  5    GHP C C2  
209 C  C3  . GHP C 5 ? 0.0857 0.0875 0.0735 -0.0087 -0.0015 -0.0049 5    GHP C C3  
210 C  C4  . GHP C 5 ? 0.0821 0.0808 0.0721 -0.0122 -0.0044 0.0021  5    GHP C C4  
211 O  O4  . GHP C 5 ? 0.0906 0.1104 0.0794 -0.0208 -0.0094 0.0037  5    GHP C O4  
212 C  C5  . GHP C 5 ? 0.0827 0.0626 0.0670 -0.0100 -0.0067 -0.0016 5    GHP C C5  
213 C  C6  . GHP C 5 ? 0.0831 0.0545 0.0673 -0.0110 0.0008  -0.0017 5    GHP C C6  
214 N  N   . OMY C 6 ? 0.1010 0.0575 0.0680 -0.0061 0.0019  0.0025  6    OMY C N   
215 C  CA  . OMY C 6 ? 0.1136 0.0576 0.0635 -0.0052 -0.0046 0.0032  6    OMY C CA  
216 O  OCZ . OMY C 6 ? 0.0763 0.0643 0.1234 -0.0018 -0.0056 -0.0012 6    OMY C OCZ 
217 C  CE2 . OMY C 6 ? 0.0919 0.0674 0.0865 0.0028  0.0021  0.0003  6    OMY C CE2 
218 C  CE1 . OMY C 6 ? 0.0761 0.0605 0.1058 -0.0027 0.0109  0.0053  6    OMY C CE1 
219 C  CZ  . OMY C 6 ? 0.0784 0.0618 0.0979 0.0021  0.0053  -0.0010 6    OMY C CZ  
220 C  CG  . OMY C 6 ? 0.1000 0.0587 0.0808 0.0028  0.0117  -0.0017 6    OMY C CG  
221 C  CD2 . OMY C 6 ? 0.1075 0.0591 0.0810 -0.0017 0.0014  0.0044  6    OMY C CD2 
222 C  CD1 . OMY C 6 ? 0.0964 0.0737 0.0811 0.0037  0.0126  0.0062  6    OMY C CD1 
223 C  CB  . OMY C 6 ? 0.1172 0.0601 0.0681 0.0005  0.0068  0.0010  6    OMY C CB  
224 CL CL  . OMY C 6 ? 0.1412 0.0840 0.1378 -0.0215 0.0083  0.0198  6    OMY C CL  
225 O  O   . OMY C 6 ? 0.1392 0.0739 0.0866 -0.0309 -0.0136 0.0120  6    OMY C O   
226 C  C   . OMY C 6 ? 0.1122 0.0605 0.0752 -0.0070 -0.0054 -0.0017 6    OMY C C   
227 O  ODE . OMY C 6 ? 0.1314 0.0576 0.0838 -0.0012 -0.0048 -0.0022 6    OMY C ODE 
228 N  N   . 3FG C 7 ? 0.1090 0.0651 0.0708 -0.0107 -0.0033 -0.0008 7    3FG C N   
229 O  OD1 . 3FG C 7 ? 0.0768 0.0732 0.0695 -0.0035 -0.0078 0.0008  7    3FG C OD1 
230 C  CD1 . 3FG C 7 ? 0.0670 0.0632 0.0711 -0.0139 -0.0080 -0.0049 7    3FG C CD1 
231 C  CG1 . 3FG C 7 ? 0.0802 0.0690 0.0655 -0.0166 -0.0064 -0.0028 7    3FG C CG1 
232 C  CZ  . 3FG C 7 ? 0.0736 0.0669 0.0717 -0.0117 -0.0134 0.0004  7    3FG C CZ  
233 C  CD2 . 3FG C 7 ? 0.0776 0.0716 0.0678 -0.0159 -0.0036 0.0002  7    3FG C CD2 
234 O  OD2 . 3FG C 7 ? 0.0961 0.0707 0.0653 -0.0070 -0.0010 0.0011  7    3FG C OD2 
235 C  CG2 . 3FG C 7 ? 0.0964 0.0657 0.0683 -0.0088 -0.0039 -0.0062 7    3FG C CG2 
236 C  CB  . 3FG C 7 ? 0.0908 0.0650 0.0693 -0.0142 -0.0055 -0.0008 7    3FG C CB  
237 C  CA  . 3FG C 7 ? 0.1104 0.0634 0.0720 -0.0136 -0.0026 -0.0040 7    3FG C CA  
238 C  C   . 3FG C 7 ? 0.1307 0.0633 0.0687 -0.0111 0.0005  -0.0018 7    3FG C C   
239 O  O   . 3FG C 7 ? 0.1582 0.0763 0.0980 -0.0028 0.0057  -0.0163 7    3FG C O   
240 O  OXT . 3FG C 7 ? 0.1512 0.0759 0.0863 -0.0319 -0.0108 -0.0077 7    3FG C OXT 
241 C  CG  . FGA D 2 ? 0.1228 0.3914 0.4330 -0.0502 -0.0402 -0.0792 2    FGA D CG  
242 C  CD  . FGA D 2 ? 0.1633 0.3953 0.2274 -0.0582 0.0273  0.0243  2    FGA D CD  
243 O  OE1 . FGA D 2 ? 0.1706 0.3624 0.2765 0.0051  -0.0329 0.0167  2    FGA D OE1 
244 N  N   . LYS D 3 ? 0.1754 0.3073 0.1725 -0.0915 0.0365  -0.0031 3    LYS D N   
245 C  CA  . LYS D 3 ? 0.1617 0.1978 0.1548 -0.0424 0.0420  -0.0006 3    LYS D CA  
246 C  C   . LYS D 3 ? 0.0957 0.1679 0.1078 -0.0048 0.0283  0.0027  3    LYS D C   
247 O  O   . LYS D 3 ? 0.1055 0.1536 0.1060 -0.0114 0.0171  -0.0016 3    LYS D O   
248 C  CB  . LYS D 3 ? 0.2452 0.2145 0.2373 -0.0190 0.0795  0.0197  3    LYS D CB  
249 C  CG  . LYS D 3 ? 0.2107 0.2489 0.3682 -0.0444 0.0668  0.0466  3    LYS D CG  
250 N  N   . DAL D 4 ? 0.1496 0.1857 0.1024 -0.0338 0.0371  -0.0056 4    DAL D N   
251 C  CA  . DAL D 4 ? 0.1318 0.1776 0.0969 -0.0100 0.0268  -0.0161 4    DAL D CA  
252 C  CB  . DAL D 4 ? 0.1313 0.1819 0.1168 0.0081  0.0257  -0.0112 4    DAL D CB  
253 C  C   . DAL D 4 ? 0.1372 0.1702 0.1107 0.0106  0.0301  -0.0100 4    DAL D C   
254 O  O   . DAL D 4 ? 0.1752 0.2132 0.1218 -0.0011 0.0638  -0.0099 4    DAL D O   
255 N  N   . DAL D 5 ? 0.1294 0.1672 0.1056 0.0106  0.0248  -0.0079 5    DAL D N   
256 C  CA  . DAL D 5 ? 0.1360 0.1854 0.1089 0.0190  0.0206  -0.0250 5    DAL D CA  
257 C  CB  . DAL D 5 ? 0.1297 0.1944 0.1690 0.0344  0.0142  -0.0376 5    DAL D CB  
258 C  C   . DAL D 5 ? 0.1342 0.1634 0.1077 0.0438  0.0144  -0.0214 5    DAL D C   
259 O  O   . DAL D 5 ? 0.1434 0.1584 0.0992 0.0063  0.0191  -0.0229 5    DAL D O   
260 O  OXT . DAL D 5 ? 0.1587 0.1909 0.1152 0.0330  0.0066  -0.0451 5    DAL D OXT 
261 N  N   A DAL E 1 ? 0.1111 0.2296 0.5832 -0.0461 0.0331  -0.0228 1    DAL E N   
262 N  N   B DAL E 1 ? 0.2425 0.2295 0.3769 0.0468  0.1625  0.0912  1    DAL E N   
263 C  CA  A DAL E 1 ? 0.0920 0.1744 0.3525 0.0056  0.0807  0.0673  1    DAL E CA  
264 C  CA  B DAL E 1 ? 0.2217 0.1445 0.3703 -0.0224 0.1432  0.0636  1    DAL E CA  
265 C  CB  A DAL E 1 ? 0.2606 0.3618 0.3909 -0.0897 0.1241  0.0431  1    DAL E CB  
266 C  CB  B DAL E 1 ? 0.3356 0.1718 0.3505 0.0323  0.0674  0.1182  1    DAL E CB  
267 C  C   A DAL E 1 ? 0.0980 0.1256 0.3438 0.0198  0.0487  0.0599  1    DAL E C   
268 C  C   B DAL E 1 ? 0.1711 0.1068 0.3199 -0.0050 0.1051  0.0538  1    DAL E C   
269 O  O   A DAL E 1 ? 0.1252 0.1428 0.3540 0.0158  0.0054  0.0676  1    DAL E O   
270 O  O   B DAL E 1 ? 0.1309 0.1537 0.3294 0.0397  0.0844  0.0663  1    DAL E O   
271 N  N   . FGA E 2 ? 0.1046 0.1321 0.2666 0.0083  0.0437  0.0503  2    FGA E N   
272 C  CA  . FGA E 2 ? 0.0995 0.1086 0.1494 0.0100  0.0248  0.0338  2    FGA E CA  
273 C  C   . FGA E 2 ? 0.1036 0.0984 0.1544 -0.0067 -0.0208 0.0125  2    FGA E C   
274 O  O   . FGA E 2 ? 0.1085 0.1070 0.1321 -0.0020 0.0105  0.0125  2    FGA E O   
275 C  CB  . FGA E 2 ? 0.0986 0.1124 0.1263 0.0005  -0.0007 0.0074  2    FGA E CB  
276 C  CG  . FGA E 2 ? 0.0709 0.0965 0.1066 -0.0103 0.0054  0.0161  2    FGA E CG  
277 C  CD  . FGA E 2 ? 0.0826 0.0802 0.0770 -0.0158 0.0085  0.0014  2    FGA E CD  
278 O  OE1 . FGA E 2 ? 0.0806 0.0893 0.0894 -0.0149 0.0081  0.0160  2    FGA E OE1 
279 O  OXT . FGA E 2 ? 0.1884 0.1354 0.2225 -0.0321 -0.0753 -0.0048 2    FGA E OXT 
280 N  N   . LYS E 3 ? 0.0718 0.0780 0.0735 -0.0113 0.0015  0.0042  3    LYS E N   
281 C  CA  . LYS E 3 ? 0.0705 0.0772 0.0726 -0.0127 0.0040  0.0070  3    LYS E CA  
282 C  C   . LYS E 3 ? 0.0689 0.0624 0.0723 -0.0074 0.0061  0.0035  3    LYS E C   
283 O  O   . LYS E 3 ? 0.0810 0.0713 0.0733 -0.0024 0.0019  0.0022  3    LYS E O   
284 C  CB  . LYS E 3 ? 0.0878 0.0778 0.0713 -0.0067 0.0097  -0.0009 3    LYS E CB  
285 C  CG  . LYS E 3 ? 0.1134 0.0836 0.0843 -0.0103 0.0177  -0.0057 3    LYS E CG  
286 C  CD  . LYS E 3 ? 0.1330 0.0906 0.0910 -0.0128 0.0344  -0.0059 3    LYS E CD  
287 C  CE  . LYS E 3 ? 0.1506 0.0976 0.0922 -0.0084 0.0251  -0.0114 3    LYS E CE  
288 N  NZ  . LYS E 3 ? 0.1961 0.0871 0.1118 0.0012  0.0576  -0.0028 3    LYS E NZ  
289 N  N   . DAL E 4 ? 0.0865 0.0742 0.0662 -0.0044 0.0010  0.0054  4    DAL E N   
290 C  CA  . DAL E 4 ? 0.0872 0.0659 0.0672 0.0012  0.0001  0.0018  4    DAL E CA  
291 C  CB  . DAL E 4 ? 0.1032 0.0811 0.0915 -0.0240 0.0184  0.0064  4    DAL E CB  
292 C  C   . DAL E 4 ? 0.0866 0.0680 0.0714 -0.0108 0.0039  0.0036  4    DAL E C   
293 O  O   . DAL E 4 ? 0.1007 0.0780 0.0799 0.0030  -0.0026 -0.0013 4    DAL E O   
294 N  N   . DAL E 5 ? 0.1076 0.0699 0.0723 0.0046  0.0032  0.0030  5    DAL E N   
295 C  CA  . DAL E 5 ? 0.1056 0.0759 0.0835 0.0036  0.0041  0.0025  5    DAL E CA  
296 C  CB  . DAL E 5 ? 0.1180 0.0901 0.1079 -0.0035 0.0107  -0.0005 5    DAL E CB  
297 C  C   . DAL E 5 ? 0.1351 0.0632 0.0829 -0.0047 0.0181  -0.0004 5    DAL E C   
298 O  O   . DAL E 5 ? 0.1543 0.0719 0.0778 -0.0122 -0.0019 0.0087  5    DAL E O   
299 O  OXT . DAL E 5 ? 0.1378 0.0746 0.1063 0.0021  0.0137  -0.0060 5    DAL E OXT 
300 N  N   . FGA F 2 ? 0.3938 0.3938 0.3938 0.0000  0.0000  0.0000  2    FGA F N   
301 C  CA  . FGA F 2 ? 0.2571 0.2571 0.2571 0.0000  0.0000  0.0000  2    FGA F CA  
302 C  CB  . FGA F 2 ? 0.1848 0.1848 0.1848 0.0000  0.0000  0.0000  2    FGA F CB  
303 C  CG  . FGA F 2 ? 0.2108 0.2146 0.1764 0.1020  0.0459  0.0487  2    FGA F CG  
304 C  CD  . FGA F 2 ? 0.1692 0.1523 0.1106 0.0571  0.0269  0.0421  2    FGA F CD  
305 O  OE1 . FGA F 2 ? 0.1563 0.2411 0.1733 0.0344  -0.0110 -0.0019 2    FGA F OE1 
306 N  N   . LYS F 3 ? 0.1445 0.1105 0.1173 0.0187  0.0201  0.0199  3    LYS F N   
307 C  CA  . LYS F 3 ? 0.1133 0.0835 0.0969 -0.0150 0.0036  0.0071  3    LYS F CA  
308 C  C   . LYS F 3 ? 0.0960 0.0749 0.0884 -0.0165 -0.0017 0.0044  3    LYS F C   
309 O  O   . LYS F 3 ? 0.1073 0.0712 0.0949 -0.0045 0.0155  0.0174  3    LYS F O   
310 C  CB  . LYS F 3 ? 0.1149 0.0913 0.1133 -0.0140 -0.0093 -0.0067 3    LYS F CB  
311 C  CG  . LYS F 3 ? 0.1520 0.1206 0.1138 0.0018  -0.0181 -0.0125 3    LYS F CG  
312 C  CD  . LYS F 3 ? 0.1430 0.2435 0.1514 0.0038  0.0441  0.0476  3    LYS F CD  
313 C  CE  . LYS F 3 ? 0.2313 0.2718 0.1657 0.0607  0.0514  0.0107  3    LYS F CE  
314 N  NZ  . LYS F 3 ? 0.5839 0.2422 0.2284 0.1103  0.0098  -0.0612 3    LYS F NZ  
315 N  N   . DAL F 4 ? 0.1260 0.0775 0.0722 -0.0329 -0.0008 -0.0019 4    DAL F N   
316 C  CA  . DAL F 4 ? 0.0986 0.0794 0.0721 -0.0286 0.0030  -0.0022 4    DAL F CA  
317 C  CB  . DAL F 4 ? 0.1036 0.1076 0.1230 -0.0342 -0.0352 0.0033  4    DAL F CB  
318 C  C   . DAL F 4 ? 0.0734 0.0711 0.0724 -0.0129 -0.0075 0.0051  4    DAL F C   
319 O  O   . DAL F 4 ? 0.0856 0.0770 0.0743 -0.0174 0.0018  -0.0053 4    DAL F O   
320 N  N   . DAL F 5 ? 0.0767 0.0655 0.0738 -0.0119 0.0006  -0.0025 5    DAL F N   
321 C  CA  . DAL F 5 ? 0.0766 0.0626 0.0759 -0.0106 0.0004  0.0032  5    DAL F CA  
322 C  CB  . DAL F 5 ? 0.0761 0.0858 0.0986 -0.0076 -0.0090 -0.0192 5    DAL F CB  
323 C  C   . DAL F 5 ? 0.0787 0.0647 0.0713 -0.0031 0.0000  0.0039  5    DAL F C   
324 O  O   . DAL F 5 ? 0.0906 0.0656 0.0707 -0.0054 -0.0001 -0.0005 5    DAL F O   
325 O  OXT . DAL F 5 ? 0.0912 0.0746 0.0732 -0.0048 0.0070  0.0031  5    DAL F OXT 
326 C  C1  . DVC G . ? 0.0920 0.2122 0.1442 -0.0186 -0.0097 -0.0053 9    DVC A C1  
327 C  C2  . DVC G . ? 0.1148 0.2196 0.1448 -0.0224 -0.0285 -0.0095 9    DVC A C2  
328 C  C3  . DVC G . ? 0.1006 0.2061 0.1376 -0.0258 -0.0252 -0.0101 9    DVC A C3  
329 N  N3  . DVC G . ? 0.1336 0.2589 0.1486 -0.0371 -0.0225 -0.0246 9    DVC A N3  
330 C  C4  . DVC G . ? 0.1521 0.2067 0.1709 -0.0494 -0.0087 -0.0041 9    DVC A C4  
331 O  O4  . DVC G . ? 0.1401 0.2817 0.2081 -0.0697 -0.0257 0.0087  9    DVC A O4  
332 C  C5  . DVC G . ? 0.1606 0.2051 0.1570 -0.0510 0.0039  0.0121  9    DVC A C5  
333 O  O5  . DVC G . ? 0.1444 0.2189 0.1626 -0.0503 0.0037  0.0039  9    DVC A O5  
334 C  C6  . DVC G . ? 0.3574 0.3005 0.2153 -0.1512 -0.0436 0.0709  9    DVC A C6  
335 C  C3M . DVC G . ? 0.1351 0.1841 0.1475 -0.0131 -0.0035 -0.0016 9    DVC A C3M 
336 O  O41 . DVC G . ? 0.2484 0.2085 0.2021 -0.0727 0.0126  -0.0181 9    DVC A O41 
337 C  C1  . PGR H . ? 0.5904 0.5468 0.4282 -0.0679 0.1876  -0.2394 1001 PGR A C1  
338 C  C2  . PGR H . ? 0.3001 0.4223 0.3982 0.0165  0.0983  -0.1477 1001 PGR A C2  
339 C  C3  . PGR H . ? 0.1365 0.3900 0.3708 0.1126  0.0736  -0.1079 1001 PGR A C3  
340 O  O1  . PGR H . ? 0.5497 0.4105 0.4154 -0.0250 0.1089  -0.1764 1001 PGR A O1  
341 O  O2  . PGR H . ? 0.1201 0.4721 0.3766 0.0333  0.0312  -0.1289 1001 PGR A O2  
342 C  C1  . PGR I . ? 0.1763 0.1704 0.5132 0.0571  0.0328  -0.1410 1002 PGR A C1  
343 C  C2  . PGR I . ? 0.2542 0.2755 0.5380 -0.0548 0.0545  -0.2281 1002 PGR A C2  
344 C  C3  . PGR I . ? 0.2541 0.2392 0.5379 -0.0700 0.1207  -0.2486 1002 PGR A C3  
345 O  O1  . PGR I . ? 0.4345 0.2859 0.6016 0.0936  0.1815  -0.0294 1002 PGR A O1  
346 O  O2  . PGR I . ? 0.2525 0.2581 0.5272 0.0991  -0.0167 -0.2043 1002 PGR A O2  
347 C  C1  . DVC J . ? 0.0949 0.0759 0.0838 -0.0080 -0.0053 0.0006  9    DVC B C1  
348 C  C2  . DVC J . ? 0.0968 0.0700 0.0693 -0.0104 -0.0012 -0.0053 9    DVC B C2  
349 C  C3  . DVC J . ? 0.1010 0.0637 0.0816 -0.0012 0.0093  0.0004  9    DVC B C3  
350 N  N3  . DVC J . ? 0.1066 0.0724 0.0780 0.0065  0.0059  -0.0033 9    DVC B N3  
351 C  C4  . DVC J . ? 0.1114 0.0906 0.0814 -0.0032 0.0023  -0.0086 9    DVC B C4  
352 O  O4  . DVC J . ? 0.1448 0.0813 0.0918 -0.0140 -0.0037 -0.0080 9    DVC B O4  
353 C  C5  . DVC J . ? 0.1232 0.0844 0.0773 -0.0022 0.0036  -0.0030 9    DVC B C5  
354 O  O5  . DVC J . ? 0.1043 0.0774 0.0718 -0.0003 -0.0075 -0.0028 9    DVC B O5  
355 C  C6  . DVC J . ? 0.1503 0.1143 0.0779 -0.0065 0.0148  0.0085  9    DVC B C6  
356 C  C3M . DVC J . ? 0.0983 0.0864 0.0861 -0.0043 -0.0074 0.0010  9    DVC B C3M 
357 O  O41 . DVC J . ? 0.1285 0.0924 0.1073 0.0161  0.0255  0.0005  9    DVC B O41 
358 C  C1  . PGR K . ? 0.3350 0.1714 0.3929 -0.0226 -0.0915 0.0002  1001 PGR B C1  
359 C  C2  . PGR K . ? 0.3728 0.1294 0.4049 -0.0798 -0.0441 -0.0739 1001 PGR B C2  
360 C  C3  . PGR K . ? 0.3237 0.0997 0.1719 -0.0750 -0.1157 -0.0167 1001 PGR B C3  
361 O  O1  . PGR K . ? 0.4506 0.3915 0.3253 -0.1052 -0.0847 0.0289  1001 PGR B O1  
362 O  O2  . PGR K . ? 0.2914 0.1116 0.5595 -0.0331 0.0204  -0.0167 1001 PGR B O2  
363 C  C1  . DVC L . ? 0.1615 0.0883 0.1003 0.0074  0.0198  -0.0045 9    DVC C C1  
364 C  C2  . DVC L . ? 0.1824 0.0786 0.1117 0.0192  0.0000  -0.0069 9    DVC C C2  
365 C  C3  . DVC L . ? 0.2110 0.0778 0.1053 0.0041  -0.0072 0.0025  9    DVC C C3  
366 N  N3  . DVC L . ? 0.2783 0.0874 0.1043 -0.0101 -0.0009 0.0013  9    DVC C N3  
367 C  C4  . DVC L . ? 0.2926 0.0961 0.1022 0.0060  -0.0092 -0.0031 9    DVC C C4  
368 O  O4  . DVC L . ? 0.3428 0.1138 0.1329 0.0601  0.0376  -0.0146 9    DVC C O4  
369 C  C5  . DVC L . ? 0.2740 0.0989 0.0936 -0.0222 -0.0093 0.0030  9    DVC C C5  
370 O  O5  . DVC L . ? 0.2124 0.1028 0.0966 0.0159  0.0184  -0.0038 9    DVC C O5  
371 C  C6  . DVC L . ? 0.3771 0.1228 0.1027 0.0013  -0.0051 0.0016  9    DVC C C6  
372 C  C3M . DVC L . ? 0.1893 0.1066 0.1470 -0.0170 -0.0023 -0.0040 9    DVC C C3M 
373 O  O41 . DVC L . ? 0.3764 0.1065 0.1285 -0.0389 -0.0339 -0.0145 9    DVC C O41 
374 C  C1  . PGR M . ? 0.4648 0.3313 0.1326 -0.2033 -0.0356 0.0270  1001 PGR C C1  
375 C  C2  . PGR M . ? 0.9732 0.3728 0.1794 -0.4340 -0.0207 0.0661  1001 PGR C C2  
376 C  C3  . PGR M . ? 0.3403 0.2351 0.1678 -0.1972 -0.0614 0.0699  1001 PGR C C3  
377 O  O1  . PGR M . ? 0.5133 0.5408 0.1437 -0.3884 -0.1160 0.0987  1001 PGR C O1  
378 O  O2  . PGR M . ? 0.7828 0.2990 0.1410 -0.3771 -0.0286 0.0300  1001 PGR C O2  
379 O  O   . HOH N . ? 0.5241 0.5480 0.1999 -0.2293 0.0707  0.0232  2001 HOH A O   
380 O  O   . HOH N . ? 1.0793 0.4955 0.4466 -0.0657 0.0385  -0.1233 2002 HOH A O   
381 O  O   . HOH N . ? 0.5491 0.7716 0.3391 -0.2246 0.1919  -0.0072 2003 HOH A O   
382 O  O   . HOH N . ? 0.4185 0.7664 0.7678 -0.2129 0.0467  -0.0540 2004 HOH A O   
383 O  O   . HOH N . ? 0.7059 0.4403 0.7270 0.1053  0.0510  -0.0516 2005 HOH A O   
384 O  O   . HOH N . ? 0.5147 0.3671 0.2859 0.2811  -0.1174 -0.1981 2006 HOH A O   
385 O  O   . HOH N . ? 0.2158 0.8155 0.7104 0.0397  0.0494  -0.1195 2007 HOH A O   
386 O  O   . HOH N . ? 0.2586 0.1359 0.1667 -0.0224 0.0207  -0.0420 2008 HOH A O   
387 O  O   . HOH N . ? 0.2163 0.2293 0.1741 -0.0019 -0.0142 -0.0443 2009 HOH A O   
388 O  O   . HOH N . ? 0.9611 0.4453 0.3304 -0.2244 0.0575  0.0273  2010 HOH A O   
389 O  O   . HOH N . ? 0.7037 0.6670 0.9117 -0.2877 0.2660  0.0680  2011 HOH A O   
390 O  O   . HOH N . ? 0.8073 0.8700 0.9097 0.5507  0.0686  0.1925  2012 HOH A O   
391 O  O   . HOH N . ? 0.8117 0.4392 0.8679 0.1980  -0.1478 -0.0146 2013 HOH A O   
392 O  O   . HOH N . ? 1.0149 0.8111 0.7386 -0.4705 0.2349  -0.1620 2014 HOH A O   
393 O  O   . HOH N . ? 0.2737 0.8066 0.7166 0.0574  0.1755  -0.3957 2015 HOH A O   
394 O  O   . HOH N . ? 0.1162 0.1505 0.1134 -0.0032 -0.0122 -0.0107 2016 HOH A O   
395 O  O   . HOH N . ? 0.5265 0.3251 0.2588 -0.2784 -0.1187 0.1186  2017 HOH A O   
396 O  O   . HOH N . ? 0.1033 0.2055 0.0924 -0.0321 -0.0068 -0.0072 2018 HOH A O   
397 O  O   . HOH N . ? 0.3673 0.8358 0.5496 -0.3540 0.2585  -0.3960 2019 HOH A O   
398 O  O   . HOH N . ? 0.3289 0.7153 0.7648 -0.0206 0.0225  -0.1710 2020 HOH A O   
399 O  O   . HOH N . ? 0.4460 0.2913 0.7582 0.0137  -0.1443 -0.0772 2021 HOH A O   
400 O  O   . HOH N . ? 0.5193 0.5500 0.4967 -0.3577 -0.0355 0.1024  2022 HOH A O   
401 O  O   . HOH N . ? 0.1701 0.6950 0.3573 -0.0564 -0.0895 0.0531  2023 HOH A O   
402 O  O   . HOH N . ? 0.2093 0.3813 0.2634 -0.0372 0.0375  -0.0637 2024 HOH A O   
403 O  O   . HOH N . ? 0.2090 0.2578 0.3439 -0.0703 0.0525  -0.0200 2025 HOH A O   
404 O  O   . HOH O . ? 0.3001 0.0957 0.1909 0.0477  -0.0055 0.0010  2001 HOH B O   
405 O  O   . HOH O . ? 0.2128 0.2653 0.2898 0.0277  0.0097  -0.0856 2002 HOH B O   
406 O  O   . HOH O . ? 0.3567 0.2907 0.4281 0.0380  0.0242  -0.1012 2003 HOH B O   
407 O  O   . HOH O . ? 0.7695 0.9394 0.8733 -0.0194 -0.0800 -0.0378 2004 HOH B O   
408 O  O   . HOH O . ? 0.6732 0.5744 0.7214 0.3521  0.1876  0.1152  2005 HOH B O   
409 O  O   . HOH O . ? 0.2672 0.0760 0.2524 0.0567  0.0285  0.0132  2006 HOH B O   
410 O  O   . HOH O . ? 0.3707 1.0309 0.9743 -0.0644 -0.0172 -0.2621 2007 HOH B O   
411 O  O   . HOH O . ? 0.4548 0.6061 0.6226 0.1990  0.0791  0.0668  2008 HOH B O   
412 O  O   . HOH O . ? 0.5299 0.5977 0.6239 0.1537  0.0277  0.0062  2009 HOH B O   
413 O  O   . HOH O . ? 0.2420 0.8001 0.5597 0.0525  -0.0416 -0.1571 2010 HOH B O   
414 O  O   . HOH O . ? 0.2900 0.7729 0.4039 0.0380  0.0477  0.1639  2011 HOH B O   
415 O  O   . HOH O . ? 0.5064 0.9701 0.5015 -0.4138 -0.0832 0.0514  2012 HOH B O   
416 O  O   . HOH O . ? 0.5867 0.1535 0.2611 -0.0101 0.2251  -0.0460 2013 HOH B O   
417 O  O   . HOH O . ? 0.1768 0.3396 0.7603 0.0452  -0.0293 -0.1767 2014 HOH B O   
418 O  O   . HOH O . ? 0.4182 0.6913 0.4758 -0.0371 -0.0196 0.0210  2015 HOH B O   
419 O  O   . HOH O . ? 0.2232 0.6396 0.2257 0.1934  -0.0610 -0.0423 2016 HOH B O   
420 O  O   . HOH O . ? 0.2191 0.3203 0.1714 -0.0614 0.0169  0.0446  2017 HOH B O   
421 O  O   . HOH O . ? 0.1823 0.5667 0.2757 0.1845  0.1076  0.2622  2018 HOH B O   
422 O  O   . HOH O . ? 0.1855 0.2164 0.1536 0.0229  0.0178  -0.0223 2019 HOH B O   
423 O  O   . HOH O . ? 0.8590 0.6479 0.5993 0.2027  -0.0641 -0.0621 2020 HOH B O   
424 O  O   . HOH O . ? 0.2834 0.2871 0.1028 -0.1466 0.0654  -0.0638 2021 HOH B O   
425 O  O   . HOH O . ? 0.2791 0.2606 0.1675 0.0740  0.0461  0.0194  2022 HOH B O   
426 O  O   . HOH O . ? 0.1529 0.3770 0.6259 -0.0053 -0.0158 -0.1459 2023 HOH B O   
427 O  O   . HOH O . ? 0.5110 0.5451 0.3220 -0.2028 0.1432  -0.2778 2024 HOH B O   
428 O  O   . HOH O . ? 0.1301 0.1599 0.1563 -0.0518 -0.0200 0.0367  2025 HOH B O   
429 O  O   . HOH O . ? 0.2957 0.1618 0.5676 -0.0266 0.2380  0.0074  2026 HOH B O   
430 O  O   . HOH O . ? 0.1627 0.1748 0.1762 0.0469  -0.0101 -0.0574 2027 HOH B O   
431 O  O   . HOH O . ? 0.5878 0.7063 0.4248 -0.0198 0.0819  -0.3321 2028 HOH B O   
432 O  O   . HOH O . ? 0.3359 0.1875 0.2606 -0.0444 -0.0656 0.0334  2029 HOH B O   
433 O  O   . HOH P . ? 0.1809 0.0938 0.1250 0.0141  -0.0079 -0.0083 2001 HOH C O   
434 O  O   . HOH P . ? 0.5316 0.3195 0.3525 -0.2099 -0.0151 -0.0202 2002 HOH C O   
435 O  O   . HOH P . ? 0.7753 0.2410 0.3455 -0.0929 0.1228  -0.0355 2003 HOH C O   
436 O  O   . HOH P . ? 0.1711 0.0959 0.1681 0.0227  0.0046  -0.0117 2004 HOH C O   
437 O  O   . HOH P . ? 0.2276 0.6758 0.6793 0.1429  0.0576  0.1204  2005 HOH C O   
438 O  O   . HOH P . ? 0.3530 0.9380 0.6256 -0.0099 -0.0722 0.2937  2006 HOH C O   
439 O  O   . HOH P . ? 0.5237 0.4782 0.6756 0.0085  0.0458  -0.0458 2007 HOH C O   
440 O  O   . HOH P . ? 0.9591 0.5556 0.7111 0.1370  0.0257  -0.0016 2008 HOH C O   
441 O  O   . HOH P . ? 0.1808 0.3043 0.6463 -0.0492 0.1359  -0.2272 2009 HOH C O   
442 O  O   . HOH P . ? 0.1052 0.1111 0.0890 -0.0258 -0.0109 0.0164  2010 HOH C O   
443 O  O   . HOH P . ? 0.3916 0.1015 0.3070 -0.0328 -0.0414 0.0019  2011 HOH C O   
444 O  O   . HOH P . ? 0.2309 0.1210 0.2947 -0.0214 0.0841  -0.0118 2012 HOH C O   
445 O  O   . HOH P . ? 0.1956 0.1448 0.3761 -0.0145 -0.0322 -0.0654 2013 HOH C O   
446 O  O   . HOH P . ? 0.8013 0.8583 0.7826 -0.0216 0.2031  0.0715  2014 HOH C O   
447 O  O   . HOH P . ? 0.5833 0.4512 0.2857 -0.1311 -0.0352 0.0875  2015 HOH C O   
448 O  O   . HOH P . ? 0.7271 0.3740 0.3214 0.1841  0.1956  0.0048  2016 HOH C O   
449 O  O   . HOH P . ? 0.5303 0.2266 0.3952 -0.1804 -0.1944 0.0972  2017 HOH C O   
450 O  O   . HOH P . ? 0.5088 0.3810 0.2632 0.2705  0.0273  0.0745  2018 HOH C O   
451 O  O   . HOH Q . ? 0.5167 0.9281 0.5702 -0.0593 0.0401  0.0906  2001 HOH D O   
452 O  O   . HOH Q . ? 0.2077 0.8901 0.6003 -0.0642 0.0704  0.2237  2002 HOH D O   
453 O  O   . HOH Q . ? 0.4856 0.7116 0.5618 -0.0004 0.3265  0.0149  2003 HOH D O   
454 O  O   . HOH Q . ? 0.7366 0.7741 0.4636 -0.2430 0.2682  -0.1297 2004 HOH D O   
455 O  O   . HOH Q . ? 0.4122 0.9180 0.7765 -0.1406 0.0824  -0.2981 2005 HOH D O   
456 O  O   . HOH Q . ? 0.5689 0.9331 0.5067 -0.2440 0.1668  -0.0497 2006 HOH D O   
457 O  O   . HOH Q . ? 0.4480 0.3512 0.2042 -0.0267 0.0301  0.0365  2007 HOH D O   
458 O  O   . HOH Q . ? 0.3577 0.6104 0.2639 -0.0116 0.1883  -0.1557 2008 HOH D O   
459 O  O   . HOH R . ? 0.6312 1.1111 0.7748 -0.4073 -0.0407 -0.3162 2001 HOH E O   
460 O  O   . HOH R . ? 0.2174 0.8138 0.2761 -0.1092 0.0227  0.0054  2002 HOH E O   
461 O  O   . HOH R . ? 0.1730 0.8293 0.6713 0.0206  0.0253  -0.3453 2003 HOH E O   
462 O  O   . HOH R . ? 0.9941 0.3248 0.2582 -0.3783 -0.0800 0.0818  2004 HOH E O   
463 O  O   . HOH R . ? 0.2399 0.1169 0.1289 -0.0413 -0.0011 0.0021  2005 HOH E O   
464 O  O   . HOH R . ? 0.1454 0.1740 0.1426 0.0175  0.0299  0.0405  2006 HOH E O   
465 O  O   . HOH R . ? 0.3163 0.5133 0.4570 -0.0634 0.1235  0.1043  2007 HOH E O   
466 O  O   . HOH R . ? 0.2449 0.6348 0.4551 -0.1229 -0.0397 0.2438  2008 HOH E O   
467 O  O   . HOH R . ? 0.7103 0.3805 0.3860 -0.3488 0.0386  -0.0381 2009 HOH E O   
468 O  O   . HOH R . ? 0.1489 0.1211 0.1219 0.0188  -0.0079 0.0036  2010 HOH E O   
469 O  O   . HOH R . ? 0.1761 0.1547 0.1753 0.0311  0.0050  -0.0043 2011 HOH E O   
470 O  O   . HOH S . ? 0.3081 0.4948 0.5699 0.0579  -0.0511 -0.2205 2001 HOH F O   
471 O  O   . HOH S . ? 0.3068 0.4367 0.4821 -0.1134 0.0916  -0.0542 2002 HOH F O   
472 O  O   . HOH S . ? 0.3882 0.7002 0.5778 0.0636  -0.0189 -0.1410 2003 HOH F O   
473 O  O   . HOH S . ? 0.3721 0.6621 0.5305 -0.0038 -0.1143 0.1067  2004 HOH F O   
# 
